data_2VJX
#
_entry.id   2VJX
#
_cell.length_a   91.366
_cell.length_b   114.396
_cell.length_c   99.677
_cell.angle_alpha   90.00
_cell.angle_beta   113.17
_cell.angle_gamma   90.00
#
_symmetry.space_group_name_H-M   'P 1 21 1'
#
loop_
_entity.id
_entity.type
_entity.pdbx_description
1 polymer BETA-MANNOSIDASE
2 non-polymer (3S,4R,5R)-3,4-DIHYDROXY-5-(HYDROXYMETHYL)PIPERIDIN-2-ONE
3 non-polymer 1,2-ETHANEDIOL
4 non-polymer 'BROMIDE ION'
5 non-polymer 'CHLORIDE ION'
6 water water
#
_entity_poly.entity_id   1
_entity_poly.type   'polypeptide(L)'
_entity_poly.pdbx_seq_one_letter_code
;QGNDTSEVMLLDTGWEFSQSGTEKWMPATVPGTVHQDLISHELLPNPFYGMNEKKIQWVENEDWEYRTSFIVSEEQLNRD
GIQLIFEGLDTYADVYLNGSLLLKADNMFVGYTLPVKSVLRKGENHLYIYFHSPIRQTLPQYASNGFNYPADNDHHEKHL
SVFSRKAPYSYGWDWGIRMVTSGVWRPVTLRFYDIATISDYYVRQLSLTDENARLSNELIVNQIVPQKIPAEVRVNVSLN
GTTVTEVKQQVTLQPGINHITLPAEVTNPVRWMPNGWGTPTLYDFSAQIACGDRIVAEQSHRIGLRTIRVVNEKDKDGES
FYFEVNGIPMFAKGANYIPQDALLPNVTTERYQTLFRDMKEANMNMVRIWGGGTYENNLFYDLADENGILVWQDFMFACT
PYPSDPTFLKRVEAEAVYNIRRLRNHASLAMWCGNNEILEALKYWGFEKKFTPEVYQGLMHGYDKLFRELLPSTVKEFDS
DRFYVHSSPYLANWGRPESWGTGDSHNWGVWYGKKPFESLDTDLPRFMSEFGFQSFPEMKTIAAFAAPEDYQIESEVMNA
HQKSSIGNSLIRTYMERDYIIPESFEDFVYVGLVLQGQGMRHGLEAHRRNRPYCMGTLYWQLNDSWPVVSWSSIDYYGNW
KALHYQAKRAFAPVLINPIQQNDSLSVYLISDRLDTMEQMTLEMKVVDFDGKTLGKKIQVHSLEVPANTSKCVYRAKLDG
WLTPEDCRRSFLKLILKDKSGHQVAESVHFFRKTKDLQLPPTSVSYQMKQTDGKCELTLFSSMLAKDIFIETPLQGARYS
DNFFDLLPGERKKVIITSPRIKKGEELPVNIKHIRETYKEHHHHHH
;
_entity_poly.pdbx_strand_id   A,B
#
loop_
_chem_comp.id
_chem_comp.type
_chem_comp.name
_chem_comp.formula
BR non-polymer 'BROMIDE ION' 'Br -1'
CL non-polymer 'CHLORIDE ION' 'Cl -1'
EDO non-polymer 1,2-ETHANEDIOL 'C2 H6 O2'
IFL non-polymer (3S,4R,5R)-3,4-DIHYDROXY-5-(HYDROXYMETHYL)PIPERIDIN-2-ONE 'C6 H11 N O4'
#
# COMPACT_ATOMS: atom_id res chain seq x y z
N ASN A 3 6.38 3.81 22.38
CA ASN A 3 5.32 4.70 22.94
C ASN A 3 5.52 4.98 24.43
N ASP A 4 5.95 3.97 25.20
CA ASP A 4 6.20 4.17 26.63
C ASP A 4 7.34 3.27 27.13
N THR A 5 7.62 3.28 28.43
CA THR A 5 8.70 2.43 28.97
C THR A 5 8.39 0.95 29.15
N SER A 6 7.15 0.52 28.85
CA SER A 6 6.81 -0.89 29.06
C SER A 6 7.53 -1.76 28.03
N GLU A 7 7.69 -3.03 28.36
CA GLU A 7 8.19 -4.06 27.44
C GLU A 7 7.10 -5.10 27.23
N VAL A 8 6.81 -5.43 25.97
CA VAL A 8 5.82 -6.47 25.67
C VAL A 8 6.52 -7.70 25.09
N MET A 9 6.18 -8.85 25.65
CA MET A 9 6.69 -10.13 25.18
CA MET A 9 6.69 -10.14 25.20
C MET A 9 5.51 -10.87 24.54
N LEU A 10 5.63 -11.14 23.23
CA LEU A 10 4.59 -11.90 22.51
C LEU A 10 4.77 -13.38 22.77
N LEU A 11 3.75 -14.04 23.31
CA LEU A 11 3.85 -15.47 23.55
C LEU A 11 3.26 -16.20 22.34
N ASP A 12 4.02 -16.20 21.24
CA ASP A 12 3.54 -16.76 19.96
C ASP A 12 4.45 -17.83 19.34
N THR A 13 5.38 -18.35 20.13
CA THR A 13 6.19 -19.48 19.67
C THR A 13 6.45 -20.44 20.81
N GLY A 14 6.86 -21.66 20.45
CA GLY A 14 7.22 -22.66 21.41
C GLY A 14 6.01 -23.35 22.02
N TRP A 15 4.84 -23.21 21.40
CA TRP A 15 3.65 -23.88 21.93
C TRP A 15 3.56 -25.31 21.45
N GLU A 16 2.98 -26.15 22.30
CA GLU A 16 2.68 -27.53 21.98
C GLU A 16 1.25 -27.83 22.39
N PHE A 17 0.66 -28.83 21.76
CA PHE A 17 -0.67 -29.25 22.11
C PHE A 17 -0.80 -30.77 22.25
N SER A 18 -1.88 -31.20 22.90
CA SER A 18 -2.14 -32.62 23.17
C SER A 18 -3.63 -32.89 23.27
N GLN A 19 -4.11 -33.95 22.62
CA GLN A 19 -5.43 -34.49 22.95
C GLN A 19 -5.38 -34.98 24.40
N SER A 20 -6.23 -34.44 25.28
CA SER A 20 -6.13 -34.78 26.73
C SER A 20 -6.23 -36.27 26.92
N GLY A 21 -5.37 -36.77 27.80
CA GLY A 21 -5.34 -38.19 28.13
C GLY A 21 -4.38 -39.04 27.31
N THR A 22 -3.78 -38.46 26.25
CA THR A 22 -2.89 -39.24 25.39
C THR A 22 -1.41 -39.14 25.82
N GLU A 23 -1.09 -38.07 26.54
CA GLU A 23 0.29 -37.73 26.92
CA GLU A 23 0.29 -37.75 26.93
C GLU A 23 1.19 -37.49 25.71
N LYS A 24 0.59 -37.37 24.53
CA LYS A 24 1.38 -37.15 23.33
C LYS A 24 1.29 -35.68 22.96
N TRP A 25 2.45 -35.02 22.87
CA TRP A 25 2.48 -33.58 22.59
C TRP A 25 3.11 -33.33 21.22
N MET A 26 2.60 -32.31 20.51
CA MET A 26 3.15 -31.93 19.21
CA MET A 26 3.13 -31.92 19.19
C MET A 26 3.21 -30.42 19.07
N PRO A 27 4.10 -29.91 18.19
CA PRO A 27 4.13 -28.47 17.97
C PRO A 27 2.74 -27.88 17.57
N ALA A 28 2.45 -26.70 18.11
CA ALA A 28 1.22 -25.98 17.75
C ALA A 28 1.54 -24.58 17.29
N THR A 29 0.57 -23.93 16.67
CA THR A 29 0.73 -22.58 16.20
C THR A 29 -0.30 -21.71 16.91
N VAL A 30 0.19 -20.67 17.59
CA VAL A 30 -0.65 -19.82 18.42
C VAL A 30 -0.37 -18.35 18.07
N PRO A 31 -1.42 -17.51 17.84
CA PRO A 31 -2.85 -17.90 17.85
C PRO A 31 -3.19 -18.96 16.80
N GLY A 32 -4.21 -19.76 17.09
CA GLY A 32 -4.62 -20.84 16.20
C GLY A 32 -5.80 -21.60 16.78
N THR A 33 -6.02 -22.80 16.26
CA THR A 33 -7.18 -23.62 16.59
C THR A 33 -6.68 -25.04 16.69
N VAL A 34 -7.38 -25.83 17.49
CA VAL A 34 -7.14 -27.30 17.58
C VAL A 34 -7.17 -27.94 16.17
N HIS A 35 -8.18 -27.59 15.38
CA HIS A 35 -8.35 -28.24 14.06
C HIS A 35 -7.17 -27.92 13.16
N GLN A 36 -6.74 -26.65 13.13
CA GLN A 36 -5.58 -26.30 12.30
C GLN A 36 -4.29 -27.04 12.76
N ASP A 37 -4.09 -27.10 14.07
CA ASP A 37 -2.93 -27.83 14.64
C ASP A 37 -2.92 -29.29 14.21
N LEU A 38 -4.09 -29.93 14.24
CA LEU A 38 -4.22 -31.31 13.76
C LEU A 38 -3.97 -31.39 12.25
N ILE A 39 -4.62 -30.52 11.48
CA ILE A 39 -4.35 -30.45 10.01
C ILE A 39 -2.86 -30.31 9.66
N SER A 40 -2.16 -29.43 10.37
CA SER A 40 -0.73 -29.20 10.14
C SER A 40 0.07 -30.48 10.42
N HIS A 41 -0.47 -31.43 11.16
CA HIS A 41 0.21 -32.71 11.40
C HIS A 41 -0.35 -33.92 10.67
N GLU A 42 -1.24 -33.64 9.70
CA GLU A 42 -1.92 -34.68 8.96
C GLU A 42 -2.70 -35.61 9.87
N LEU A 43 -3.16 -35.06 11.00
CA LEU A 43 -3.99 -35.79 11.93
C LEU A 43 -5.49 -35.54 11.69
N LEU A 44 -5.80 -34.68 10.72
CA LEU A 44 -7.17 -34.54 10.18
C LEU A 44 -7.06 -34.38 8.70
N PRO A 45 -8.08 -34.86 7.95
CA PRO A 45 -8.15 -34.54 6.55
C PRO A 45 -8.60 -33.08 6.31
N ASN A 46 -8.43 -32.58 5.09
CA ASN A 46 -8.84 -31.21 4.77
C ASN A 46 -10.33 -31.14 5.02
N PRO A 47 -10.75 -30.38 6.05
CA PRO A 47 -12.18 -30.38 6.42
C PRO A 47 -13.08 -29.84 5.29
N PHE A 48 -12.53 -29.02 4.41
CA PHE A 48 -13.34 -28.40 3.33
C PHE A 48 -13.41 -29.27 2.10
N TYR A 49 -12.63 -30.35 2.08
CA TYR A 49 -12.66 -31.23 0.87
C TYR A 49 -13.74 -32.31 0.89
N GLY A 50 -14.45 -32.47 -0.22
CA GLY A 50 -15.28 -33.67 -0.40
C GLY A 50 -16.30 -33.95 0.70
N MET A 51 -16.25 -35.15 1.26
CA MET A 51 -17.19 -35.61 2.31
C MET A 51 -16.59 -35.48 3.71
N ASN A 52 -15.55 -34.66 3.87
CA ASN A 52 -14.74 -34.72 5.08
C ASN A 52 -15.42 -34.14 6.33
N GLU A 53 -16.51 -33.40 6.15
CA GLU A 53 -17.17 -32.80 7.33
C GLU A 53 -17.49 -33.83 8.40
N LYS A 54 -18.10 -34.95 7.99
CA LYS A 54 -18.49 -35.99 8.98
C LYS A 54 -17.24 -36.56 9.67
N LYS A 55 -16.13 -36.58 8.93
CA LYS A 55 -14.87 -37.22 9.36
C LYS A 55 -14.04 -36.44 10.38
N ILE A 56 -14.40 -35.19 10.62
CA ILE A 56 -13.68 -34.35 11.56
C ILE A 56 -14.49 -33.96 12.79
N GLN A 57 -15.75 -34.41 12.86
CA GLN A 57 -16.62 -34.12 14.01
C GLN A 57 -16.11 -34.69 15.37
N TRP A 58 -15.29 -35.75 15.34
CA TRP A 58 -14.78 -36.33 16.59
C TRP A 58 -14.01 -35.34 17.50
N VAL A 59 -13.34 -34.36 16.88
CA VAL A 59 -12.53 -33.35 17.60
C VAL A 59 -13.32 -32.68 18.72
N GLU A 60 -14.56 -32.30 18.42
CA GLU A 60 -15.44 -31.56 19.33
C GLU A 60 -15.79 -32.31 20.62
N ASN A 61 -15.56 -33.63 20.63
CA ASN A 61 -15.86 -34.43 21.81
C ASN A 61 -14.66 -34.64 22.75
N GLU A 62 -13.48 -34.25 22.29
CA GLU A 62 -12.25 -34.38 23.11
C GLU A 62 -11.91 -33.08 23.86
N ASP A 63 -11.15 -33.21 24.95
CA ASP A 63 -10.52 -32.03 25.54
C ASP A 63 -9.12 -31.90 24.97
N TRP A 64 -8.63 -30.67 24.99
CA TRP A 64 -7.36 -30.34 24.31
C TRP A 64 -6.53 -29.46 25.22
N GLU A 65 -5.24 -29.80 25.35
CA GLU A 65 -4.32 -29.07 26.22
C GLU A 65 -3.24 -28.36 25.41
N TYR A 66 -2.87 -27.16 25.83
CA TYR A 66 -1.81 -26.35 25.22
C TYR A 66 -0.78 -26.00 26.28
N ARG A 67 0.49 -25.97 25.90
CA ARG A 67 1.54 -25.58 26.83
C ARG A 67 2.64 -24.81 26.13
N THR A 68 3.23 -23.89 26.87
CA THR A 68 4.46 -23.23 26.46
C THR A 68 5.32 -22.88 27.68
N SER A 69 6.60 -22.64 27.42
N SER A 69 6.60 -22.61 27.41
CA SER A 69 7.49 -22.14 28.45
CA SER A 69 7.56 -22.21 28.45
C SER A 69 8.13 -20.88 27.94
C SER A 69 8.37 -21.03 27.97
N PHE A 70 8.63 -20.07 28.87
CA PHE A 70 9.33 -18.84 28.55
C PHE A 70 10.21 -18.43 29.71
N ILE A 71 11.18 -17.59 29.39
CA ILE A 71 12.16 -17.15 30.34
C ILE A 71 11.84 -15.77 30.83
N VAL A 72 11.98 -15.54 32.13
CA VAL A 72 11.91 -14.21 32.67
C VAL A 72 13.21 -13.91 33.42
N SER A 73 13.76 -12.72 33.20
CA SER A 73 15.02 -12.32 33.81
C SER A 73 14.81 -11.65 35.16
N GLU A 74 15.89 -11.54 35.93
CA GLU A 74 15.86 -10.82 37.19
C GLU A 74 15.39 -9.37 37.02
N GLU A 75 15.80 -8.75 35.91
CA GLU A 75 15.48 -7.37 35.64
C GLU A 75 13.99 -7.19 35.33
N GLN A 76 13.43 -8.09 34.53
CA GLN A 76 12.00 -8.05 34.20
C GLN A 76 11.17 -8.29 35.46
N LEU A 77 11.56 -9.28 36.27
CA LEU A 77 10.87 -9.59 37.53
C LEU A 77 10.88 -8.43 38.51
N ASN A 78 11.80 -7.49 38.30
CA ASN A 78 11.88 -6.29 39.13
C ASN A 78 11.06 -5.11 38.65
N ARG A 79 10.34 -5.27 37.53
CA ARG A 79 9.43 -4.22 37.10
C ARG A 79 8.25 -4.16 38.09
N ASP A 80 7.56 -3.02 38.16
CA ASP A 80 6.50 -2.81 39.18
C ASP A 80 5.35 -3.79 38.99
N GLY A 81 5.06 -4.08 37.72
CA GLY A 81 3.90 -4.88 37.36
C GLY A 81 4.18 -5.68 36.13
N ILE A 82 3.51 -6.82 36.04
CA ILE A 82 3.60 -7.73 34.91
C ILE A 82 2.22 -8.38 34.68
N GLN A 83 1.68 -8.23 33.46
CA GLN A 83 0.33 -8.66 33.11
C GLN A 83 0.41 -9.68 32.00
N LEU A 84 -0.33 -10.77 32.14
CA LEU A 84 -0.57 -11.71 31.05
C LEU A 84 -1.96 -11.40 30.44
N ILE A 85 -1.98 -11.23 29.12
CA ILE A 85 -3.16 -10.73 28.44
C ILE A 85 -3.54 -11.77 27.38
N PHE A 86 -4.78 -12.26 27.48
CA PHE A 86 -5.35 -13.15 26.48
C PHE A 86 -6.42 -12.36 25.75
N GLU A 87 -6.17 -12.07 24.46
CA GLU A 87 -7.18 -11.38 23.66
C GLU A 87 -8.35 -12.27 23.27
N GLY A 88 -8.19 -13.58 23.45
CA GLY A 88 -9.25 -14.53 23.08
C GLY A 88 -8.94 -15.96 23.42
N LEU A 89 -9.87 -16.57 24.18
CA LEU A 89 -9.77 -17.98 24.49
C LEU A 89 -11.10 -18.62 24.10
N ASP A 90 -11.04 -19.60 23.22
CA ASP A 90 -12.24 -20.31 22.72
C ASP A 90 -12.28 -21.74 23.33
N THR A 91 -13.05 -22.01 24.39
CA THR A 91 -13.92 -21.11 25.18
C THR A 91 -13.82 -21.40 26.68
N TYR A 92 -14.00 -22.67 27.07
CA TYR A 92 -13.93 -23.04 28.49
C TYR A 92 -12.48 -23.45 28.73
N ALA A 93 -11.68 -22.49 29.17
CA ALA A 93 -10.23 -22.67 29.25
C ALA A 93 -9.76 -22.40 30.67
N ASP A 94 -9.07 -23.38 31.25
CA ASP A 94 -8.45 -23.20 32.55
C ASP A 94 -6.98 -22.88 32.32
N VAL A 95 -6.55 -21.73 32.83
CA VAL A 95 -5.19 -21.27 32.59
C VAL A 95 -4.33 -21.44 33.85
N TYR A 96 -3.24 -22.19 33.70
CA TYR A 96 -2.32 -22.46 34.80
C TYR A 96 -0.96 -21.88 34.50
N LEU A 97 -0.38 -21.20 35.48
CA LEU A 97 1.00 -20.70 35.35
C LEU A 97 1.75 -21.05 36.63
N ASN A 98 2.82 -21.83 36.49
CA ASN A 98 3.72 -22.08 37.61
C ASN A 98 2.97 -22.66 38.83
N GLY A 99 2.07 -23.61 38.55
CA GLY A 99 1.21 -24.25 39.58
C GLY A 99 0.01 -23.45 40.10
N SER A 100 -0.25 -22.26 39.56
CA SER A 100 -1.42 -21.45 39.97
C SER A 100 -2.49 -21.49 38.88
N LEU A 101 -3.76 -21.66 39.28
CA LEU A 101 -4.87 -21.48 38.35
C LEU A 101 -5.12 -20.00 38.28
N LEU A 102 -4.85 -19.40 37.12
CA LEU A 102 -5.01 -17.96 36.95
C LEU A 102 -6.45 -17.57 36.59
N LEU A 103 -7.14 -18.44 35.88
CA LEU A 103 -8.37 -18.02 35.23
C LEU A 103 -9.12 -19.27 34.78
N LYS A 104 -10.43 -19.23 34.94
CA LYS A 104 -11.34 -20.19 34.34
C LYS A 104 -12.18 -19.39 33.34
N ALA A 105 -11.73 -19.39 32.08
CA ALA A 105 -12.32 -18.54 31.03
C ALA A 105 -13.63 -19.19 30.57
N ASP A 106 -14.63 -18.41 30.15
CA ASP A 106 -15.90 -19.02 29.73
C ASP A 106 -16.63 -18.16 28.70
N ASN A 107 -15.88 -17.33 27.97
CA ASN A 107 -16.52 -16.51 26.97
C ASN A 107 -15.51 -16.16 25.87
N MET A 108 -15.74 -16.71 24.68
CA MET A 108 -14.85 -16.50 23.53
C MET A 108 -14.65 -15.02 23.19
N PHE A 109 -15.67 -14.20 23.47
CA PHE A 109 -15.72 -12.81 23.06
C PHE A 109 -15.09 -11.80 24.05
N VAL A 110 -14.40 -12.32 25.06
CA VAL A 110 -13.88 -11.47 26.15
C VAL A 110 -12.38 -11.56 26.17
N GLY A 111 -11.71 -10.41 26.33
CA GLY A 111 -10.28 -10.43 26.58
C GLY A 111 -10.01 -10.35 28.06
N TYR A 112 -9.00 -11.09 28.50
CA TYR A 112 -8.67 -11.16 29.93
C TYR A 112 -7.28 -10.56 30.19
N THR A 113 -7.16 -9.76 31.25
CA THR A 113 -5.90 -9.16 31.64
C THR A 113 -5.61 -9.64 33.07
N LEU A 114 -4.47 -10.30 33.28
CA LEU A 114 -4.21 -11.05 34.50
C LEU A 114 -2.92 -10.52 35.12
N PRO A 115 -3.00 -10.01 36.36
CA PRO A 115 -1.74 -9.63 37.03
C PRO A 115 -0.96 -10.86 37.42
N VAL A 116 0.30 -10.97 37.01
CA VAL A 116 1.02 -12.24 37.27
C VAL A 116 2.42 -12.07 37.91
N LYS A 117 2.82 -10.85 38.22
CA LYS A 117 4.20 -10.72 38.74
C LYS A 117 4.48 -11.66 39.94
N SER A 118 3.52 -11.80 40.85
CA SER A 118 3.74 -12.59 42.08
C SER A 118 3.83 -14.09 41.85
N VAL A 119 3.38 -14.53 40.67
CA VAL A 119 3.42 -15.94 40.28
C VAL A 119 4.61 -16.32 39.34
N LEU A 120 5.20 -15.32 38.70
CA LEU A 120 6.33 -15.58 37.80
C LEU A 120 7.60 -15.94 38.59
N ARG A 121 8.52 -16.65 37.95
CA ARG A 121 9.78 -17.04 38.55
C ARG A 121 10.95 -16.57 37.67
N LYS A 122 12.10 -16.32 38.29
CA LYS A 122 13.29 -16.00 37.52
C LYS A 122 13.70 -17.26 36.76
N GLY A 123 14.01 -17.12 35.48
CA GLY A 123 14.31 -18.28 34.67
C GLY A 123 13.07 -18.84 33.97
N GLU A 124 12.95 -20.16 33.97
CA GLU A 124 11.88 -20.87 33.24
C GLU A 124 10.52 -20.73 33.91
N ASN A 125 9.48 -20.57 33.08
CA ASN A 125 8.09 -20.38 33.56
C ASN A 125 7.25 -21.25 32.68
N HIS A 126 6.21 -21.89 33.23
CA HIS A 126 5.47 -22.88 32.47
C HIS A 126 4.00 -22.49 32.45
N LEU A 127 3.46 -22.32 31.25
CA LEU A 127 2.05 -21.96 31.03
C LEU A 127 1.33 -23.15 30.41
N TYR A 128 0.26 -23.61 31.06
CA TYR A 128 -0.58 -24.70 30.56
C TYR A 128 -2.02 -24.21 30.45
N ILE A 129 -2.67 -24.55 29.35
CA ILE A 129 -4.08 -24.18 29.20
C ILE A 129 -4.85 -25.44 28.88
N TYR A 130 -5.91 -25.70 29.65
CA TYR A 130 -6.75 -26.86 29.41
C TYR A 130 -8.09 -26.38 28.76
N PHE A 131 -8.39 -26.87 27.55
CA PHE A 131 -9.64 -26.47 26.86
C PHE A 131 -10.64 -27.61 27.00
N HIS A 132 -11.67 -27.40 27.82
CA HIS A 132 -12.79 -28.35 27.93
C HIS A 132 -13.59 -28.34 26.61
N SER A 133 -13.93 -29.52 26.13
CA SER A 133 -14.88 -29.64 25.02
C SER A 133 -16.12 -28.80 25.37
N PRO A 134 -16.51 -27.87 24.47
CA PRO A 134 -17.74 -27.10 24.74
C PRO A 134 -18.99 -27.97 24.58
N ILE A 135 -18.86 -29.15 23.97
CA ILE A 135 -19.97 -30.11 23.92
C ILE A 135 -20.09 -30.81 25.28
N ARG A 136 -19.02 -31.48 25.71
CA ARG A 136 -19.03 -32.16 27.02
C ARG A 136 -19.33 -31.19 28.16
N GLN A 137 -18.85 -29.95 28.03
CA GLN A 137 -19.05 -28.96 29.10
C GLN A 137 -20.52 -28.64 29.32
N THR A 138 -21.32 -28.78 28.27
CA THR A 138 -22.68 -28.29 28.36
C THR A 138 -23.72 -29.42 28.28
N LEU A 139 -23.25 -30.67 28.17
CA LEU A 139 -24.17 -31.81 28.23
C LEU A 139 -25.01 -31.87 29.53
N PRO A 140 -24.37 -31.73 30.71
CA PRO A 140 -25.15 -31.70 31.96
C PRO A 140 -26.12 -30.53 31.98
N GLN A 141 -25.68 -29.43 31.41
CA GLN A 141 -26.48 -28.22 31.41
C GLN A 141 -27.75 -28.43 30.58
N TYR A 142 -27.57 -29.02 29.42
CA TYR A 142 -28.70 -29.39 28.55
C TYR A 142 -29.67 -30.41 29.21
N ALA A 143 -29.10 -31.41 29.86
CA ALA A 143 -29.86 -32.45 30.50
C ALA A 143 -30.75 -31.86 31.58
N SER A 144 -30.21 -30.89 32.32
CA SER A 144 -30.96 -30.21 33.38
C SER A 144 -32.05 -29.26 32.84
N ASN A 145 -31.96 -28.91 31.56
CA ASN A 145 -32.79 -27.85 31.03
C ASN A 145 -34.23 -28.31 30.74
N GLY A 146 -34.39 -29.57 30.38
CA GLY A 146 -35.72 -30.13 30.18
C GLY A 146 -36.42 -29.76 28.88
N PHE A 147 -35.75 -29.02 28.01
CA PHE A 147 -36.23 -28.78 26.63
C PHE A 147 -35.01 -28.42 25.76
N ASN A 148 -35.21 -28.45 24.45
CA ASN A 148 -34.14 -28.22 23.52
C ASN A 148 -34.46 -26.86 22.85
N TYR A 149 -33.55 -25.91 22.97
CA TYR A 149 -33.77 -24.60 22.31
C TYR A 149 -33.86 -24.83 20.80
N PRO A 150 -34.70 -24.06 20.11
CA PRO A 150 -35.01 -24.24 18.66
C PRO A 150 -33.94 -23.58 17.76
N ALA A 151 -32.69 -23.94 17.96
CA ALA A 151 -31.58 -23.41 17.15
C ALA A 151 -31.31 -24.41 16.00
N ASP A 152 -32.14 -24.33 14.95
CA ASP A 152 -32.04 -25.25 13.80
C ASP A 152 -30.68 -25.18 13.09
N ASN A 153 -29.99 -24.04 13.21
CA ASN A 153 -28.69 -23.92 12.57
C ASN A 153 -27.56 -24.63 13.32
N ASP A 154 -27.83 -25.09 14.54
CA ASP A 154 -26.87 -25.84 15.37
C ASP A 154 -27.01 -27.31 14.91
N HIS A 155 -26.07 -27.80 14.11
CA HIS A 155 -26.17 -29.10 13.43
C HIS A 155 -25.80 -30.31 14.32
N HIS A 156 -26.69 -30.58 15.27
CA HIS A 156 -26.55 -31.67 16.24
C HIS A 156 -27.95 -31.90 16.77
N GLU A 157 -28.22 -33.12 17.28
CA GLU A 157 -29.50 -33.37 17.93
C GLU A 157 -29.76 -32.42 19.10
N LYS A 158 -28.71 -32.15 19.87
CA LYS A 158 -28.82 -31.35 21.08
C LYS A 158 -28.29 -29.98 20.72
N HIS A 159 -29.08 -28.94 20.95
CA HIS A 159 -28.71 -27.58 20.54
C HIS A 159 -27.94 -26.88 21.68
N LEU A 160 -26.69 -27.31 21.83
CA LEU A 160 -25.80 -26.85 22.90
C LEU A 160 -25.24 -25.46 22.68
N SER A 161 -25.26 -24.99 21.44
CA SER A 161 -24.68 -23.65 21.11
C SER A 161 -25.22 -22.57 22.05
N VAL A 162 -26.52 -22.58 22.34
CA VAL A 162 -27.16 -21.48 23.07
C VAL A 162 -26.62 -21.31 24.48
N PHE A 163 -26.03 -22.35 25.05
CA PHE A 163 -25.50 -22.29 26.44
C PHE A 163 -24.13 -21.63 26.52
N SER A 164 -23.45 -21.54 25.37
CA SER A 164 -22.03 -21.09 25.34
C SER A 164 -21.88 -19.76 24.60
N ARG A 165 -21.09 -18.84 25.19
CA ARG A 165 -20.74 -17.59 24.54
C ARG A 165 -19.56 -17.90 23.62
N LYS A 166 -19.93 -18.45 22.47
CA LYS A 166 -18.97 -18.96 21.49
C LYS A 166 -19.63 -18.70 20.14
N ALA A 167 -18.84 -18.42 19.10
CA ALA A 167 -19.39 -17.98 17.82
C ALA A 167 -20.49 -18.95 17.33
N PRO A 168 -21.74 -18.46 17.14
CA PRO A 168 -22.86 -19.36 16.81
C PRO A 168 -22.59 -20.25 15.58
N TYR A 169 -21.98 -19.64 14.55
CA TYR A 169 -21.83 -20.33 13.25
C TYR A 169 -20.90 -21.55 13.37
N SER A 170 -20.04 -21.56 14.40
CA SER A 170 -19.11 -22.68 14.59
C SER A 170 -19.80 -24.04 14.73
N TYR A 171 -21.04 -24.02 15.23
CA TYR A 171 -21.87 -25.22 15.35
C TYR A 171 -22.60 -25.64 14.04
N GLY A 172 -22.37 -24.92 12.94
CA GLY A 172 -23.01 -25.17 11.65
C GLY A 172 -23.84 -23.93 11.32
N TRP A 173 -24.16 -23.76 10.03
CA TRP A 173 -25.20 -22.79 9.65
C TRP A 173 -25.72 -23.22 8.26
N ASP A 174 -26.67 -22.47 7.69
CA ASP A 174 -27.28 -22.89 6.40
C ASP A 174 -26.41 -22.51 5.18
N TRP A 175 -25.21 -21.95 5.43
CA TRP A 175 -24.10 -21.82 4.45
C TRP A 175 -22.77 -22.28 5.07
N GLY A 176 -22.84 -22.99 6.20
CA GLY A 176 -21.62 -23.22 7.02
C GLY A 176 -21.33 -24.66 7.38
N ILE A 177 -20.05 -24.98 7.50
CA ILE A 177 -19.59 -26.26 8.00
C ILE A 177 -19.62 -26.24 9.54
N ARG A 178 -19.95 -27.38 10.14
CA ARG A 178 -19.79 -27.54 11.58
C ARG A 178 -18.34 -27.84 11.96
N MET A 179 -17.72 -26.89 12.66
CA MET A 179 -16.35 -27.09 13.15
C MET A 179 -16.26 -26.44 14.51
N VAL A 180 -16.70 -27.19 15.53
CA VAL A 180 -16.81 -26.66 16.87
C VAL A 180 -15.40 -26.72 17.46
N THR A 181 -14.63 -25.65 17.21
CA THR A 181 -13.19 -25.65 17.48
C THR A 181 -12.87 -25.06 18.85
N SER A 182 -11.60 -25.12 19.24
CA SER A 182 -11.16 -24.53 20.52
C SER A 182 -9.78 -23.96 20.30
N GLY A 183 -9.33 -23.11 21.21
CA GLY A 183 -7.93 -22.70 21.19
C GLY A 183 -7.70 -21.27 21.60
N VAL A 184 -6.42 -20.89 21.56
CA VAL A 184 -6.00 -19.53 21.85
C VAL A 184 -6.18 -18.75 20.50
N TRP A 185 -7.33 -18.08 20.35
CA TRP A 185 -7.77 -17.64 19.00
C TRP A 185 -7.34 -16.22 18.62
N ARG A 186 -6.87 -15.48 19.63
CA ARG A 186 -6.28 -14.18 19.44
C ARG A 186 -4.99 -14.11 20.29
N PRO A 187 -4.16 -13.09 20.10
CA PRO A 187 -2.79 -13.08 20.68
C PRO A 187 -2.72 -13.12 22.21
N VAL A 188 -1.58 -13.63 22.69
CA VAL A 188 -1.25 -13.66 24.13
C VAL A 188 0.02 -12.86 24.29
N THR A 189 -0.01 -11.95 25.25
CA THR A 189 1.11 -11.02 25.46
C THR A 189 1.39 -10.92 26.95
N LEU A 190 2.67 -10.71 27.26
CA LEU A 190 3.07 -10.38 28.62
C LEU A 190 3.58 -8.96 28.57
N ARG A 191 3.10 -8.11 29.47
CA ARG A 191 3.61 -6.75 29.52
CA ARG A 191 3.54 -6.74 29.53
C ARG A 191 4.24 -6.46 30.87
N PHE A 192 5.50 -6.02 30.79
CA PHE A 192 6.33 -5.66 31.96
C PHE A 192 6.37 -4.15 32.01
N TYR A 193 5.97 -3.56 33.12
CA TYR A 193 5.77 -2.11 33.13
C TYR A 193 6.03 -1.50 34.49
N ASP A 194 6.08 -0.18 34.51
CA ASP A 194 6.26 0.55 35.77
C ASP A 194 5.07 1.41 36.09
N ILE A 195 4.72 1.45 37.39
CA ILE A 195 3.72 2.37 37.94
C ILE A 195 2.27 1.99 37.59
N ALA A 196 1.94 1.98 36.30
CA ALA A 196 0.53 1.85 35.85
C ALA A 196 0.43 1.44 34.42
N THR A 197 -0.79 0.99 34.07
CA THR A 197 -1.21 0.84 32.67
C THR A 197 -2.47 1.67 32.44
N ILE A 198 -2.65 2.09 31.19
CA ILE A 198 -3.91 2.68 30.75
C ILE A 198 -4.84 1.49 30.40
N SER A 199 -5.84 1.24 31.24
CA SER A 199 -6.79 0.13 31.08
CA SER A 199 -6.69 0.09 30.97
C SER A 199 -7.77 0.42 29.94
N ASP A 200 -8.09 1.70 29.76
CA ASP A 200 -9.03 2.15 28.73
C ASP A 200 -8.80 3.62 28.42
N TYR A 201 -8.87 3.94 27.14
CA TYR A 201 -8.83 5.33 26.68
C TYR A 201 -10.01 5.53 25.74
N TYR A 202 -10.92 6.40 26.16
CA TYR A 202 -12.12 6.69 25.39
C TYR A 202 -12.10 8.17 24.98
N VAL A 203 -12.19 8.42 23.67
CA VAL A 203 -12.32 9.78 23.14
C VAL A 203 -13.78 10.07 22.88
N ARG A 204 -14.40 10.79 23.83
CA ARG A 204 -15.81 11.00 23.76
C ARG A 204 -16.11 12.33 23.05
N GLN A 205 -16.84 12.28 21.94
CA GLN A 205 -17.20 13.52 21.23
C GLN A 205 -18.39 14.18 21.91
N LEU A 206 -18.17 15.38 22.47
CA LEU A 206 -19.25 16.15 23.14
C LEU A 206 -20.11 16.93 22.16
N SER A 207 -19.48 17.55 21.16
CA SER A 207 -20.21 18.30 20.13
C SER A 207 -19.34 18.44 18.90
N LEU A 208 -19.98 18.66 17.77
CA LEU A 208 -19.24 18.88 16.52
C LEU A 208 -19.99 19.84 15.64
N THR A 209 -19.33 20.94 15.29
CA THR A 209 -19.81 21.90 14.28
C THR A 209 -18.70 22.13 13.26
N ASP A 210 -19.02 22.75 12.13
CA ASP A 210 -17.98 23.19 11.18
C ASP A 210 -16.86 24.00 11.84
N GLU A 211 -17.20 24.74 12.90
CA GLU A 211 -16.25 25.61 13.60
C GLU A 211 -15.45 24.95 14.71
N ASN A 212 -16.02 23.93 15.36
CA ASN A 212 -15.35 23.36 16.52
C ASN A 212 -15.78 21.94 16.84
N ALA A 213 -14.81 21.11 17.20
CA ALA A 213 -15.10 19.80 17.75
C ALA A 213 -14.70 19.85 19.22
N ARG A 214 -15.66 19.57 20.10
CA ARG A 214 -15.30 19.41 21.52
C ARG A 214 -15.24 17.94 21.96
N LEU A 215 -14.09 17.50 22.49
CA LEU A 215 -13.86 16.12 22.93
C LEU A 215 -13.60 16.02 24.42
N SER A 216 -13.99 14.89 24.99
CA SER A 216 -13.62 14.53 26.34
C SER A 216 -12.75 13.27 26.37
N ASN A 217 -11.48 13.43 26.72
CA ASN A 217 -10.57 12.30 26.81
C ASN A 217 -10.69 11.60 28.14
N GLU A 218 -11.27 10.41 28.11
CA GLU A 218 -11.56 9.68 29.34
C GLU A 218 -10.61 8.51 29.48
N LEU A 219 -9.85 8.53 30.58
N LEU A 219 -9.82 8.55 30.56
CA LEU A 219 -8.86 7.52 30.83
CA LEU A 219 -8.83 7.52 30.83
C LEU A 219 -9.15 6.75 32.11
C LEU A 219 -9.17 6.76 32.10
N ILE A 220 -8.98 5.44 32.04
CA ILE A 220 -8.99 4.57 33.20
C ILE A 220 -7.55 4.04 33.32
N VAL A 221 -6.91 4.37 34.45
CA VAL A 221 -5.50 4.05 34.75
C VAL A 221 -5.44 3.16 35.95
N ASN A 222 -4.80 2.00 35.80
CA ASN A 222 -4.67 1.04 36.88
C ASN A 222 -3.24 1.13 37.40
N GLN A 223 -3.10 1.67 38.62
CA GLN A 223 -1.79 1.81 39.27
CA GLN A 223 -1.80 1.83 39.25
C GLN A 223 -1.49 0.63 40.19
N ILE A 224 -0.33 -0.01 39.96
CA ILE A 224 0.05 -1.30 40.58
C ILE A 224 0.94 -1.20 41.84
N VAL A 225 1.41 0.00 42.12
CA VAL A 225 2.35 0.23 43.25
C VAL A 225 1.55 0.78 44.46
N PRO A 226 2.07 0.59 45.68
CA PRO A 226 1.30 1.01 46.87
C PRO A 226 1.45 2.49 47.29
N GLN A 227 2.47 3.17 46.77
CA GLN A 227 2.65 4.57 47.10
C GLN A 227 1.75 5.41 46.20
N LYS A 228 1.51 6.65 46.60
CA LYS A 228 0.85 7.66 45.76
C LYS A 228 1.88 8.28 44.82
N ILE A 229 1.51 8.37 43.54
CA ILE A 229 2.47 8.75 42.49
C ILE A 229 2.03 10.00 41.73
N PRO A 230 2.79 11.13 41.90
CA PRO A 230 2.48 12.30 41.10
C PRO A 230 2.71 11.97 39.63
N ALA A 231 1.84 12.47 38.77
CA ALA A 231 1.95 12.19 37.35
C ALA A 231 1.36 13.34 36.59
N GLU A 232 1.73 13.45 35.31
CA GLU A 232 1.10 14.39 34.43
C GLU A 232 0.49 13.57 33.26
N VAL A 233 -0.80 13.76 33.03
CA VAL A 233 -1.50 13.14 31.89
C VAL A 233 -1.48 14.10 30.72
N ARG A 234 -1.02 13.61 29.57
CA ARG A 234 -0.91 14.47 28.41
C ARG A 234 -1.70 13.82 27.27
N VAL A 235 -2.46 14.64 26.58
CA VAL A 235 -3.13 14.25 25.32
C VAL A 235 -2.63 15.12 24.15
N ASN A 236 -2.08 14.43 23.15
CA ASN A 236 -1.70 15.07 21.89
C ASN A 236 -2.65 14.65 20.76
N VAL A 237 -3.17 15.64 20.05
CA VAL A 237 -4.01 15.42 18.89
C VAL A 237 -3.18 15.88 17.71
N SER A 238 -2.98 14.97 16.76
CA SER A 238 -2.23 15.29 15.55
CA SER A 238 -2.19 15.25 15.57
C SER A 238 -2.94 14.83 14.30
N LEU A 239 -2.56 15.45 13.19
CA LEU A 239 -3.07 15.08 11.90
C LEU A 239 -1.90 15.00 10.95
N ASN A 240 -1.74 13.81 10.33
CA ASN A 240 -0.68 13.59 9.34
C ASN A 240 0.69 13.94 9.96
N GLY A 241 0.86 13.69 11.25
CA GLY A 241 2.16 13.91 11.93
C GLY A 241 2.39 15.32 12.47
N THR A 242 1.41 16.21 12.32
CA THR A 242 1.51 17.55 12.83
C THR A 242 0.54 17.76 13.95
N THR A 243 1.05 18.21 15.09
CA THR A 243 0.21 18.54 16.24
C THR A 243 -0.84 19.58 15.92
N VAL A 244 -2.06 19.30 16.38
CA VAL A 244 -3.21 20.17 16.19
C VAL A 244 -3.54 20.85 17.53
N THR A 245 -3.50 20.07 18.58
CA THR A 245 -3.69 20.58 19.93
C THR A 245 -3.13 19.63 20.96
N GLU A 246 -2.77 20.18 22.10
CA GLU A 246 -2.12 19.41 23.15
C GLU A 246 -2.66 19.92 24.48
N VAL A 247 -3.00 18.99 25.38
CA VAL A 247 -3.58 19.35 26.66
C VAL A 247 -2.93 18.52 27.75
N LYS A 248 -2.96 19.00 28.99
CA LYS A 248 -2.34 18.23 30.06
C LYS A 248 -3.04 18.45 31.38
N GLN A 249 -2.77 17.56 32.32
CA GLN A 249 -3.42 17.62 33.62
C GLN A 249 -2.54 16.99 34.70
N GLN A 250 -2.37 17.67 35.83
CA GLN A 250 -1.59 17.12 36.93
C GLN A 250 -2.46 16.28 37.84
N VAL A 251 -1.96 15.11 38.21
CA VAL A 251 -2.72 14.23 39.10
C VAL A 251 -1.77 13.60 40.06
N THR A 252 -2.32 13.01 41.12
CA THR A 252 -1.57 12.09 41.93
C THR A 252 -2.29 10.76 41.87
N LEU A 253 -1.66 9.79 41.22
CA LEU A 253 -2.30 8.49 41.00
C LEU A 253 -2.32 7.71 42.31
N GLN A 254 -3.52 7.23 42.65
CA GLN A 254 -3.73 6.37 43.82
C GLN A 254 -3.59 4.90 43.41
N PRO A 255 -3.15 4.04 44.36
CA PRO A 255 -3.20 2.60 44.10
C PRO A 255 -4.58 2.18 43.58
N GLY A 256 -4.58 1.21 42.66
CA GLY A 256 -5.80 0.76 41.97
C GLY A 256 -6.28 1.65 40.82
N ILE A 257 -7.60 1.65 40.59
CA ILE A 257 -8.20 2.39 39.47
C ILE A 257 -8.26 3.90 39.69
N ASN A 258 -7.85 4.63 38.67
CA ASN A 258 -7.97 6.07 38.57
C ASN A 258 -8.76 6.47 37.35
N HIS A 259 -9.69 7.39 37.54
CA HIS A 259 -10.45 7.97 36.43
C HIS A 259 -9.98 9.40 36.17
N ILE A 260 -9.56 9.65 34.93
CA ILE A 260 -8.97 10.93 34.53
C ILE A 260 -9.73 11.45 33.32
N THR A 261 -10.13 12.72 33.34
CA THR A 261 -10.86 13.31 32.23
C THR A 261 -10.17 14.59 31.74
N LEU A 262 -9.79 14.61 30.46
CA LEU A 262 -9.19 15.83 29.90
C LEU A 262 -9.94 16.32 28.70
N PRO A 263 -10.51 17.52 28.79
CA PRO A 263 -11.12 18.04 27.58
C PRO A 263 -10.08 18.50 26.54
N ALA A 264 -10.45 18.39 25.27
CA ALA A 264 -9.66 18.93 24.17
C ALA A 264 -10.59 19.43 23.09
N GLU A 265 -10.16 20.44 22.34
CA GLU A 265 -10.95 20.96 21.24
C GLU A 265 -10.12 21.04 19.95
N VAL A 266 -10.79 20.79 18.84
CA VAL A 266 -10.19 20.95 17.52
C VAL A 266 -10.99 21.99 16.77
N THR A 267 -10.38 23.15 16.51
CA THR A 267 -11.10 24.19 15.71
C THR A 267 -11.07 23.85 14.22
N ASN A 268 -12.11 24.29 13.54
CA ASN A 268 -12.30 24.03 12.11
C ASN A 268 -11.93 22.58 11.76
N PRO A 269 -12.62 21.60 12.39
CA PRO A 269 -12.22 20.19 12.29
C PRO A 269 -12.41 19.67 10.89
N VAL A 270 -11.53 18.78 10.46
CA VAL A 270 -11.69 18.19 9.11
C VAL A 270 -12.50 16.90 9.34
N ARG A 271 -13.72 16.87 8.81
CA ARG A 271 -14.63 15.73 9.10
C ARG A 271 -14.31 14.41 8.42
N TRP A 272 -14.60 13.31 9.11
CA TRP A 272 -14.54 11.98 8.51
C TRP A 272 -15.81 11.85 7.64
N MET A 273 -15.61 11.55 6.36
N MET A 273 -15.63 11.52 6.37
CA MET A 273 -16.74 11.28 5.45
CA MET A 273 -16.79 11.26 5.53
C MET A 273 -16.83 9.78 5.08
C MET A 273 -16.84 9.83 5.01
N PRO A 274 -18.07 9.27 4.86
CA PRO A 274 -18.21 7.90 4.36
C PRO A 274 -17.86 7.80 2.88
N ASN A 275 -17.56 6.56 2.46
CA ASN A 275 -17.16 6.27 1.09
C ASN A 275 -18.18 6.84 0.11
N GLY A 276 -17.72 7.63 -0.85
CA GLY A 276 -18.61 8.28 -1.81
C GLY A 276 -18.83 9.77 -1.56
N TRP A 277 -18.62 10.20 -0.33
CA TRP A 277 -18.92 11.59 0.02
C TRP A 277 -17.67 12.36 0.44
N GLY A 278 -16.49 11.77 0.27
CA GLY A 278 -15.26 12.51 0.58
C GLY A 278 -14.22 11.64 1.24
N THR A 279 -13.35 12.27 2.02
CA THR A 279 -12.23 11.55 2.64
CA THR A 279 -12.21 11.58 2.64
C THR A 279 -12.53 11.06 4.05
N PRO A 280 -12.10 9.83 4.37
CA PRO A 280 -12.30 9.30 5.73
C PRO A 280 -11.17 9.75 6.66
N THR A 281 -11.10 11.07 6.86
CA THR A 281 -10.02 11.69 7.62
C THR A 281 -9.97 11.15 9.05
N LEU A 282 -8.78 10.76 9.49
CA LEU A 282 -8.57 10.26 10.84
C LEU A 282 -7.43 11.04 11.54
N TYR A 283 -7.76 11.62 12.69
CA TYR A 283 -6.78 12.23 13.59
C TYR A 283 -6.09 11.15 14.43
N ASP A 284 -4.91 11.47 14.95
CA ASP A 284 -4.24 10.59 15.89
C ASP A 284 -4.35 11.21 17.28
N PHE A 285 -5.03 10.51 18.19
CA PHE A 285 -5.14 10.95 19.60
C PHE A 285 -4.21 10.06 20.44
N SER A 286 -3.22 10.67 21.09
CA SER A 286 -2.30 9.93 21.94
C SER A 286 -2.35 10.43 23.39
N ALA A 287 -2.61 9.50 24.33
CA ALA A 287 -2.63 9.79 25.78
C ALA A 287 -1.41 9.20 26.42
N GLN A 288 -0.70 10.01 27.22
CA GLN A 288 0.45 9.49 27.92
C GLN A 288 0.32 9.81 29.40
N ILE A 289 0.87 8.92 30.19
CA ILE A 289 1.05 9.12 31.63
C ILE A 289 2.55 9.33 31.86
N ALA A 290 2.93 10.49 32.37
CA ALA A 290 4.33 10.81 32.60
C ALA A 290 4.59 10.94 34.09
N CYS A 291 5.57 10.18 34.59
CA CYS A 291 6.02 10.21 35.98
C CYS A 291 7.51 10.57 36.01
N GLY A 292 7.83 11.81 36.36
CA GLY A 292 9.24 12.27 36.40
C GLY A 292 10.07 11.93 35.18
N ARG A 294 9.78 9.93 32.78
CA ARG A 294 9.54 8.76 31.97
C ARG A 294 8.03 8.68 31.60
N ILE A 295 7.76 8.21 30.39
CA ILE A 295 6.39 7.95 29.95
C ILE A 295 6.12 6.51 30.32
N VAL A 296 5.42 6.31 31.43
CA VAL A 296 5.21 4.98 31.96
C VAL A 296 4.12 4.22 31.17
N ALA A 297 3.20 4.95 30.56
CA ALA A 297 2.08 4.35 29.81
C ALA A 297 1.62 5.25 28.70
N GLU A 298 1.31 4.67 27.53
CA GLU A 298 0.81 5.45 26.41
C GLU A 298 -0.22 4.60 25.68
N GLN A 299 -1.26 5.24 25.15
CA GLN A 299 -2.25 4.59 24.29
C GLN A 299 -2.78 5.59 23.28
N SER A 300 -2.93 5.15 22.03
CA SER A 300 -3.45 6.02 20.99
CA SER A 300 -3.40 5.99 20.94
C SER A 300 -4.63 5.38 20.28
N HIS A 301 -5.46 6.23 19.69
CA HIS A 301 -6.52 5.78 18.78
C HIS A 301 -6.51 6.70 17.57
N ARG A 302 -6.89 6.16 16.41
CA ARG A 302 -7.27 6.99 15.29
C ARG A 302 -8.71 7.37 15.52
N ILE A 303 -9.02 8.65 15.31
CA ILE A 303 -10.34 9.21 15.59
C ILE A 303 -10.92 9.95 14.38
N GLY A 304 -12.15 9.61 14.03
CA GLY A 304 -12.83 10.33 12.94
C GLY A 304 -13.84 11.28 13.56
N LEU A 305 -13.84 12.53 13.08
CA LEU A 305 -14.73 13.56 13.63
C LEU A 305 -15.93 13.63 12.72
N ARG A 306 -17.07 13.08 13.19
CA ARG A 306 -18.29 13.09 12.41
C ARG A 306 -19.46 12.89 13.35
N THR A 307 -20.65 13.18 12.84
CA THR A 307 -21.86 12.78 13.56
C THR A 307 -22.55 11.67 12.79
N ILE A 308 -23.04 10.68 13.53
CA ILE A 308 -23.91 9.66 12.96
C ILE A 308 -25.16 9.62 13.84
N ARG A 309 -26.30 9.86 13.22
CA ARG A 309 -27.57 9.71 13.90
C ARG A 309 -28.45 8.72 13.15
N VAL A 310 -29.01 7.76 13.86
CA VAL A 310 -30.00 6.85 13.26
C VAL A 310 -31.35 7.45 13.56
N VAL A 311 -32.11 7.74 12.51
CA VAL A 311 -33.42 8.35 12.67
C VAL A 311 -34.44 7.25 12.54
N ASN A 312 -35.12 6.97 13.65
CA ASN A 312 -36.11 5.89 13.73
C ASN A 312 -37.33 6.53 14.41
N GLU A 313 -38.20 7.10 13.58
CA GLU A 313 -39.29 7.96 14.06
C GLU A 313 -40.57 7.63 13.35
N LYS A 314 -41.67 7.72 14.10
CA LYS A 314 -43.00 7.56 13.53
C LYS A 314 -43.20 8.65 12.49
N ASP A 315 -43.78 8.27 11.35
CA ASP A 315 -44.07 9.18 10.25
C ASP A 315 -45.27 8.69 9.46
N LYS A 316 -45.65 9.44 8.41
CA LYS A 316 -46.86 9.15 7.65
C LYS A 316 -46.84 7.77 7.00
N ASP A 317 -45.64 7.26 6.72
CA ASP A 317 -45.50 5.93 6.10
C ASP A 317 -45.31 4.76 7.07
N GLY A 318 -45.18 5.07 8.37
CA GLY A 318 -44.99 4.05 9.40
C GLY A 318 -43.95 4.50 10.39
N GLU A 319 -42.74 3.93 10.27
CA GLU A 319 -41.61 4.27 11.15
C GLU A 319 -40.36 4.25 10.29
N SER A 320 -39.74 5.43 10.14
CA SER A 320 -38.50 5.56 9.35
C SER A 320 -37.36 4.74 9.97
N PHE A 321 -36.34 4.48 9.17
CA PHE A 321 -35.12 3.85 9.66
C PHE A 321 -34.00 4.27 8.69
N TYR A 322 -33.24 5.30 9.03
CA TYR A 322 -32.15 5.75 8.13
C TYR A 322 -30.99 6.39 8.88
N PHE A 323 -29.88 6.55 8.18
CA PHE A 323 -28.68 7.08 8.81
C PHE A 323 -28.46 8.48 8.30
N GLU A 324 -28.23 9.38 9.25
CA GLU A 324 -27.87 10.76 8.96
CA GLU A 324 -27.88 10.76 8.95
C GLU A 324 -26.40 10.93 9.30
N VAL A 325 -25.59 11.27 8.30
CA VAL A 325 -24.15 11.36 8.52
C VAL A 325 -23.70 12.79 8.29
N ASN A 326 -23.07 13.37 9.30
CA ASN A 326 -22.67 14.79 9.21
C ASN A 326 -23.85 15.68 8.86
N GLY A 327 -25.03 15.34 9.41
CA GLY A 327 -26.26 16.11 9.15
C GLY A 327 -27.01 15.87 7.85
N ILE A 328 -26.53 14.94 7.03
CA ILE A 328 -27.12 14.68 5.74
C ILE A 328 -27.62 13.23 5.72
N PRO A 329 -28.90 13.00 5.33
CA PRO A 329 -29.38 11.64 5.16
C PRO A 329 -28.56 10.92 4.11
N MET A 330 -28.08 9.72 4.47
CA MET A 330 -27.20 8.96 3.61
C MET A 330 -27.91 7.65 3.25
N PHE A 331 -28.16 7.40 1.95
CA PHE A 331 -28.73 6.14 1.53
C PHE A 331 -27.65 5.04 1.74
N ALA A 332 -27.94 4.04 2.57
CA ALA A 332 -26.96 2.95 2.85
C ALA A 332 -26.88 1.95 1.72
N LYS A 333 -25.68 1.57 1.33
CA LYS A 333 -25.44 0.64 0.22
C LYS A 333 -24.37 -0.35 0.68
N GLY A 334 -24.78 -1.57 0.88
CA GLY A 334 -23.77 -2.52 1.35
C GLY A 334 -24.29 -3.94 1.44
N ALA A 335 -23.71 -4.66 2.40
CA ALA A 335 -23.97 -6.08 2.56
C ALA A 335 -23.77 -6.57 4.02
N ASN A 336 -24.33 -7.75 4.28
CA ASN A 336 -24.14 -8.49 5.52
C ASN A 336 -22.88 -9.34 5.47
N TYR A 337 -22.08 -9.18 6.50
CA TYR A 337 -20.78 -9.84 6.58
C TYR A 337 -20.87 -10.97 7.59
N ILE A 338 -20.31 -12.10 7.19
CA ILE A 338 -20.17 -13.29 8.04
C ILE A 338 -18.68 -13.58 8.24
N PRO A 339 -18.35 -14.54 9.13
CA PRO A 339 -16.94 -14.83 9.33
C PRO A 339 -16.25 -15.27 8.02
N GLN A 340 -14.99 -14.88 7.82
CA GLN A 340 -14.28 -15.22 6.56
C GLN A 340 -13.73 -16.67 6.52
N ASP A 341 -13.84 -17.38 7.64
CA ASP A 341 -13.29 -18.75 7.72
C ASP A 341 -13.95 -19.52 8.86
N ALA A 342 -14.08 -20.83 8.63
CA ALA A 342 -14.40 -21.81 9.65
C ALA A 342 -13.37 -21.76 10.81
N LEU A 343 -12.14 -21.38 10.50
CA LEU A 343 -11.07 -21.27 11.50
C LEU A 343 -10.59 -19.83 11.54
N LEU A 344 -11.08 -19.08 12.53
CA LEU A 344 -10.89 -17.62 12.55
C LEU A 344 -9.42 -17.13 12.50
N PRO A 345 -8.50 -17.81 13.26
CA PRO A 345 -7.12 -17.34 13.18
C PRO A 345 -6.46 -17.55 11.82
N ASN A 346 -7.08 -18.32 10.94
CA ASN A 346 -6.53 -18.51 9.56
C ASN A 346 -6.74 -17.27 8.68
N VAL A 347 -7.60 -16.37 9.12
CA VAL A 347 -7.82 -15.13 8.35
C VAL A 347 -6.69 -14.13 8.58
N THR A 348 -5.97 -13.87 7.49
CA THR A 348 -4.73 -13.12 7.49
C THR A 348 -5.03 -11.62 7.30
N THR A 349 -4.07 -10.77 7.68
CA THR A 349 -4.14 -9.33 7.42
C THR A 349 -4.50 -9.05 5.95
N GLU A 350 -3.90 -9.80 5.04
CA GLU A 350 -4.10 -9.56 3.63
C GLU A 350 -5.54 -9.87 3.20
N ARG A 351 -6.12 -10.90 3.81
CA ARG A 351 -7.52 -11.23 3.52
C ARG A 351 -8.49 -10.15 3.99
N TYR A 352 -8.29 -9.64 5.21
CA TYR A 352 -9.05 -8.47 5.67
C TYR A 352 -8.88 -7.27 4.75
N GLN A 353 -7.64 -6.97 4.35
CA GLN A 353 -7.40 -5.82 3.46
C GLN A 353 -8.13 -5.99 2.13
N THR A 354 -8.10 -7.21 1.60
CA THR A 354 -8.71 -7.46 0.31
C THR A 354 -10.24 -7.37 0.38
N LEU A 355 -10.82 -7.84 1.48
CA LEU A 355 -12.26 -7.78 1.61
C LEU A 355 -12.73 -6.32 1.66
N PHE A 356 -11.98 -5.45 2.33
CA PHE A 356 -12.36 -4.03 2.30
C PHE A 356 -12.16 -3.36 0.97
N ARG A 357 -11.11 -3.74 0.27
CA ARG A 357 -10.94 -3.31 -1.11
C ARG A 357 -12.15 -3.72 -1.97
N ASP A 358 -12.67 -4.92 -1.75
CA ASP A 358 -13.87 -5.42 -2.48
C ASP A 358 -15.12 -4.61 -2.15
N MET A 359 -15.27 -4.18 -0.89
CA MET A 359 -16.41 -3.39 -0.50
C MET A 359 -16.26 -1.97 -1.10
N LYS A 360 -15.08 -1.38 -0.93
CA LYS A 360 -14.86 -0.02 -1.46
C LYS A 360 -15.04 0.02 -2.97
N GLU A 361 -14.49 -0.98 -3.67
CA GLU A 361 -14.59 -1.01 -5.12
C GLU A 361 -15.99 -1.23 -5.63
N ALA A 362 -16.87 -1.82 -4.80
CA ALA A 362 -18.29 -1.97 -5.18
C ALA A 362 -19.18 -0.79 -4.74
N ASN A 363 -18.55 0.32 -4.36
CA ASN A 363 -19.20 1.57 -4.00
C ASN A 363 -20.03 1.47 -2.75
N MET A 364 -19.66 0.55 -1.86
CA MET A 364 -20.38 0.35 -0.61
C MET A 364 -20.04 1.40 0.43
N ASN A 365 -20.99 1.68 1.31
CA ASN A 365 -20.74 2.65 2.39
C ASN A 365 -21.15 2.07 3.74
N MET A 366 -21.56 0.79 3.76
CA MET A 366 -21.97 0.20 5.02
C MET A 366 -21.79 -1.32 4.99
N VAL A 367 -21.45 -1.88 6.14
CA VAL A 367 -21.41 -3.34 6.33
C VAL A 367 -22.09 -3.70 7.65
N ARG A 368 -22.93 -4.74 7.62
CA ARG A 368 -23.52 -5.26 8.85
C ARG A 368 -22.74 -6.49 9.34
N ILE A 369 -22.21 -6.42 10.57
CA ILE A 369 -21.49 -7.57 11.13
C ILE A 369 -22.57 -8.39 11.85
N TRP A 370 -23.02 -9.41 11.12
CA TRP A 370 -24.17 -10.20 11.50
C TRP A 370 -23.93 -11.03 12.78
N GLY A 371 -24.98 -11.12 13.60
CA GLY A 371 -24.88 -11.73 14.96
C GLY A 371 -24.59 -13.20 15.17
N GLY A 372 -24.41 -13.96 14.09
CA GLY A 372 -23.98 -15.35 14.25
C GLY A 372 -22.48 -15.61 14.07
N GLY A 373 -21.68 -14.55 13.94
CA GLY A 373 -20.23 -14.64 13.77
C GLY A 373 -19.46 -14.28 15.05
N THR A 374 -18.52 -13.35 14.92
CA THR A 374 -17.81 -12.76 16.08
C THR A 374 -17.89 -11.25 16.09
N TYR A 375 -17.60 -10.65 17.25
CA TYR A 375 -17.21 -9.23 17.25
C TYR A 375 -15.83 -9.23 16.57
N GLU A 376 -15.70 -8.48 15.49
CA GLU A 376 -14.52 -8.69 14.66
C GLU A 376 -13.22 -8.13 15.28
N ASN A 377 -12.11 -8.50 14.68
N ASN A 377 -12.13 -8.45 14.59
CA ASN A 377 -10.83 -8.10 15.24
CA ASN A 377 -10.76 -8.03 14.92
C ASN A 377 -10.62 -6.60 15.00
C ASN A 377 -10.70 -6.50 15.03
N ASN A 378 -9.74 -6.00 15.78
CA ASN A 378 -9.45 -4.58 15.72
C ASN A 378 -9.12 -4.14 14.28
N LEU A 379 -8.39 -4.98 13.57
CA LEU A 379 -8.05 -4.70 12.14
C LEU A 379 -9.27 -4.43 11.27
N PHE A 380 -10.30 -5.28 11.37
CA PHE A 380 -11.55 -5.08 10.60
C PHE A 380 -12.06 -3.63 10.74
N TYR A 381 -12.18 -3.18 11.98
CA TYR A 381 -12.72 -1.85 12.26
C TYR A 381 -11.74 -0.77 11.86
N ASP A 382 -10.46 -0.99 12.06
CA ASP A 382 -9.42 -0.03 11.53
C ASP A 382 -9.56 0.17 9.99
N LEU A 383 -9.83 -0.93 9.28
CA LEU A 383 -10.03 -0.86 7.81
C LEU A 383 -11.32 -0.17 7.45
N ALA A 384 -12.38 -0.43 8.22
CA ALA A 384 -13.65 0.27 7.99
C ALA A 384 -13.40 1.77 8.17
N ASP A 385 -12.67 2.15 9.23
CA ASP A 385 -12.36 3.57 9.53
C ASP A 385 -11.68 4.22 8.31
N GLU A 386 -10.64 3.57 7.79
CA GLU A 386 -9.83 4.22 6.71
C GLU A 386 -10.41 4.09 5.29
N ASN A 387 -11.43 3.26 5.16
CA ASN A 387 -12.15 3.13 3.90
C ASN A 387 -13.52 3.83 3.90
N GLY A 388 -13.89 4.47 5.00
CA GLY A 388 -15.16 5.17 5.03
C GLY A 388 -16.40 4.26 4.96
N ILE A 389 -16.31 3.09 5.60
CA ILE A 389 -17.42 2.17 5.57
C ILE A 389 -18.09 2.18 6.96
N LEU A 390 -19.35 2.58 7.03
CA LEU A 390 -20.10 2.49 8.30
C LEU A 390 -20.30 1.03 8.75
N VAL A 391 -20.24 0.82 10.06
CA VAL A 391 -20.41 -0.53 10.63
C VAL A 391 -21.67 -0.62 11.52
N TRP A 392 -22.59 -1.53 11.16
CA TRP A 392 -23.78 -1.90 11.96
C TRP A 392 -23.36 -3.17 12.73
N GLN A 393 -23.20 -3.07 14.06
CA GLN A 393 -22.66 -4.19 14.83
C GLN A 393 -23.79 -4.92 15.56
N ASP A 394 -24.10 -6.15 15.15
CA ASP A 394 -24.97 -7.01 15.98
C ASP A 394 -24.20 -7.44 17.25
N PHE A 395 -24.91 -7.64 18.37
CA PHE A 395 -24.36 -8.53 19.38
C PHE A 395 -24.51 -9.96 18.86
N MET A 396 -23.72 -10.87 19.42
CA MET A 396 -23.59 -12.22 18.89
C MET A 396 -24.68 -13.19 19.35
N PHE A 397 -25.91 -12.88 18.94
CA PHE A 397 -27.11 -13.73 19.15
C PHE A 397 -27.86 -13.81 17.83
N ALA A 398 -28.22 -15.01 17.40
CA ALA A 398 -28.89 -15.14 16.08
C ALA A 398 -29.87 -16.32 16.00
N CYS A 399 -31.10 -16.01 15.60
CA CYS A 399 -32.11 -16.99 15.10
C CYS A 399 -32.69 -18.01 16.11
N THR A 400 -32.42 -17.84 17.38
CA THR A 400 -33.03 -18.69 18.43
C THR A 400 -33.18 -17.82 19.65
N PRO A 401 -34.21 -18.08 20.49
CA PRO A 401 -34.09 -17.52 21.83
C PRO A 401 -32.92 -18.17 22.56
N TYR A 402 -32.43 -17.46 23.56
CA TYR A 402 -31.28 -17.87 24.36
C TYR A 402 -31.75 -17.94 25.82
N PRO A 403 -30.96 -18.62 26.69
CA PRO A 403 -31.21 -18.52 28.13
C PRO A 403 -31.16 -17.10 28.63
N SER A 404 -31.64 -16.91 29.85
CA SER A 404 -31.64 -15.60 30.47
C SER A 404 -31.39 -15.70 31.98
N ASP A 405 -30.77 -16.79 32.42
CA ASP A 405 -30.51 -16.97 33.86
C ASP A 405 -29.37 -16.04 34.29
N PRO A 406 -29.29 -15.72 35.61
CA PRO A 406 -28.24 -14.80 36.09
C PRO A 406 -26.81 -15.09 35.62
N THR A 407 -26.37 -16.33 35.65
CA THR A 407 -25.00 -16.63 35.24
C THR A 407 -24.80 -16.33 33.76
N PHE A 408 -25.77 -16.73 32.93
CA PHE A 408 -25.69 -16.49 31.52
C PHE A 408 -25.65 -15.00 31.28
N LEU A 409 -26.50 -14.23 31.96
CA LEU A 409 -26.55 -12.78 31.73
C LEU A 409 -25.26 -12.09 32.23
N LYS A 410 -24.64 -12.65 33.27
CA LYS A 410 -23.32 -12.12 33.74
C LYS A 410 -22.23 -12.31 32.67
N ARG A 411 -22.19 -13.47 32.02
CA ARG A 411 -21.30 -13.69 30.85
C ARG A 411 -21.55 -12.70 29.73
N VAL A 412 -22.83 -12.50 29.40
CA VAL A 412 -23.17 -11.57 28.34
C VAL A 412 -22.77 -10.15 28.75
N GLU A 413 -23.05 -9.75 30.00
CA GLU A 413 -22.69 -8.40 30.40
C GLU A 413 -21.17 -8.19 30.22
N ALA A 414 -20.37 -9.19 30.61
CA ALA A 414 -18.91 -9.17 30.47
C ALA A 414 -18.48 -8.93 29.00
N GLU A 415 -19.02 -9.69 28.06
CA GLU A 415 -18.73 -9.47 26.64
C GLU A 415 -19.26 -8.11 26.10
N ALA A 416 -20.44 -7.67 26.56
CA ALA A 416 -21.02 -6.39 26.08
C ALA A 416 -20.09 -5.28 26.51
N VAL A 417 -19.73 -5.22 27.80
CA VAL A 417 -18.82 -4.18 28.32
C VAL A 417 -17.46 -4.22 27.58
N TYR A 418 -16.91 -5.42 27.44
CA TYR A 418 -15.59 -5.60 26.83
C TYR A 418 -15.59 -5.08 25.38
N ASN A 419 -16.54 -5.55 24.58
CA ASN A 419 -16.51 -5.22 23.18
C ASN A 419 -16.98 -3.80 22.92
N ILE A 420 -17.89 -3.28 23.76
CA ILE A 420 -18.24 -1.83 23.62
C ILE A 420 -17.01 -0.95 23.88
N ARG A 421 -16.29 -1.19 24.95
CA ARG A 421 -15.11 -0.37 25.24
C ARG A 421 -14.06 -0.57 24.13
N ARG A 422 -13.95 -1.82 23.68
CA ARG A 422 -13.03 -2.15 22.57
C ARG A 422 -13.31 -1.37 21.28
N LEU A 423 -14.59 -1.17 20.93
CA LEU A 423 -14.96 -0.67 19.60
C LEU A 423 -15.41 0.77 19.56
N ARG A 424 -15.72 1.35 20.72
CA ARG A 424 -16.41 2.65 20.73
C ARG A 424 -15.58 3.82 20.25
N ASN A 425 -14.26 3.65 20.04
CA ASN A 425 -13.47 4.75 19.47
C ASN A 425 -13.41 4.76 17.92
N HIS A 426 -14.04 3.78 17.30
CA HIS A 426 -13.97 3.72 15.81
C HIS A 426 -14.97 4.63 15.13
N ALA A 427 -14.46 5.45 14.21
CA ALA A 427 -15.27 6.35 13.39
C ALA A 427 -16.34 5.54 12.66
N SER A 428 -15.95 4.33 12.24
CA SER A 428 -16.86 3.49 11.45
C SER A 428 -18.10 3.00 12.21
N LEU A 429 -17.97 2.83 13.53
CA LEU A 429 -19.03 2.17 14.32
C LEU A 429 -20.25 3.09 14.30
N ALA A 430 -21.36 2.58 13.75
CA ALA A 430 -22.58 3.41 13.51
C ALA A 430 -23.76 3.08 14.43
N MET A 431 -23.86 1.81 14.84
CA MET A 431 -24.99 1.35 15.69
C MET A 431 -24.78 -0.05 16.24
N TRP A 432 -25.55 -0.38 17.26
CA TRP A 432 -25.60 -1.71 17.84
C TRP A 432 -26.99 -2.33 17.62
N CYS A 433 -27.04 -3.64 17.45
CA CYS A 433 -28.31 -4.35 17.26
C CYS A 433 -28.29 -5.59 18.16
N GLY A 434 -29.32 -5.77 19.01
CA GLY A 434 -29.30 -6.85 20.01
C GLY A 434 -29.13 -8.24 19.43
N ASN A 435 -29.74 -8.51 18.29
CA ASN A 435 -29.64 -9.84 17.69
C ASN A 435 -30.17 -9.86 16.25
N ASN A 436 -29.91 -10.98 15.58
CA ASN A 436 -30.50 -11.28 14.29
C ASN A 436 -31.74 -12.18 14.43
N GLU A 437 -32.91 -11.66 14.02
CA GLU A 437 -34.13 -12.47 13.79
C GLU A 437 -34.76 -13.16 15.00
N ILE A 438 -34.32 -12.83 16.21
CA ILE A 438 -34.89 -13.57 17.36
C ILE A 438 -36.35 -13.22 17.62
N LEU A 439 -36.71 -11.94 17.55
CA LEU A 439 -38.11 -11.60 17.84
C LEU A 439 -38.97 -12.18 16.70
N GLU A 440 -38.48 -12.04 15.47
CA GLU A 440 -39.18 -12.66 14.34
C GLU A 440 -39.42 -14.16 14.54
N ALA A 441 -38.37 -14.86 14.97
CA ALA A 441 -38.45 -16.28 15.31
C ALA A 441 -39.51 -16.54 16.39
N LEU A 442 -39.46 -15.79 17.48
CA LEU A 442 -40.40 -16.00 18.58
C LEU A 442 -41.85 -15.77 18.17
N LYS A 443 -42.06 -14.82 17.26
CA LYS A 443 -43.41 -14.46 16.84
C LYS A 443 -43.97 -15.37 15.73
N TYR A 444 -43.12 -15.76 14.78
CA TYR A 444 -43.58 -16.23 13.47
C TYR A 444 -43.06 -17.59 13.01
N TRP A 445 -42.14 -18.20 13.75
CA TRP A 445 -41.51 -19.43 13.24
C TRP A 445 -42.12 -20.68 13.86
N GLY A 446 -43.24 -20.49 14.55
CA GLY A 446 -44.01 -21.61 15.07
C GLY A 446 -43.48 -22.29 16.32
N PHE A 447 -42.69 -21.58 17.13
CA PHE A 447 -42.19 -22.15 18.40
C PHE A 447 -43.28 -22.50 19.41
N GLU A 448 -44.39 -21.76 19.37
CA GLU A 448 -45.44 -21.97 20.35
C GLU A 448 -46.02 -23.38 20.27
N LYS A 449 -45.94 -24.01 19.08
CA LYS A 449 -46.31 -25.43 18.91
C LYS A 449 -45.25 -26.43 19.43
N LYS A 450 -44.05 -25.96 19.71
CA LYS A 450 -42.93 -26.87 20.01
C LYS A 450 -42.66 -26.95 21.51
N PHE A 451 -43.26 -26.04 22.27
CA PHE A 451 -42.98 -25.91 23.70
C PHE A 451 -44.27 -25.75 24.48
N THR A 452 -44.21 -26.13 25.76
CA THR A 452 -45.35 -25.86 26.64
C THR A 452 -45.60 -24.37 26.73
N PRO A 453 -46.84 -23.97 27.09
CA PRO A 453 -47.11 -22.54 27.24
C PRO A 453 -46.20 -21.89 28.28
N GLU A 454 -45.88 -22.64 29.33
CA GLU A 454 -45.03 -22.16 30.41
C GLU A 454 -43.58 -21.91 29.95
N VAL A 455 -43.03 -22.85 29.20
CA VAL A 455 -41.69 -22.67 28.61
C VAL A 455 -41.72 -21.53 27.58
N TYR A 456 -42.75 -21.48 26.73
CA TYR A 456 -42.83 -20.35 25.78
C TYR A 456 -42.90 -18.97 26.49
N GLN A 457 -43.69 -18.88 27.56
CA GLN A 457 -43.72 -17.63 28.35
C GLN A 457 -42.35 -17.26 28.92
N GLY A 458 -41.64 -18.29 29.37
CA GLY A 458 -40.29 -18.14 29.89
C GLY A 458 -39.34 -17.57 28.84
N LEU A 459 -39.48 -18.05 27.60
CA LEU A 459 -38.68 -17.56 26.48
C LEU A 459 -38.98 -16.11 26.17
N MET A 460 -40.25 -15.75 26.16
CA MET A 460 -40.67 -14.35 25.91
C MET A 460 -40.14 -13.39 26.98
N HIS A 461 -40.26 -13.78 28.25
CA HIS A 461 -39.74 -13.00 29.37
CA HIS A 461 -39.74 -12.96 29.33
C HIS A 461 -38.22 -12.86 29.27
N GLY A 462 -37.56 -13.97 28.90
CA GLY A 462 -36.08 -14.05 28.78
C GLY A 462 -35.57 -13.15 27.65
N TYR A 463 -36.35 -13.03 26.57
CA TYR A 463 -36.04 -12.14 25.47
C TYR A 463 -35.94 -10.72 26.03
N ASP A 464 -36.94 -10.30 26.80
CA ASP A 464 -36.94 -8.94 27.33
C ASP A 464 -35.74 -8.67 28.24
N LYS A 465 -35.42 -9.61 29.13
CA LYS A 465 -34.31 -9.46 30.09
C LYS A 465 -32.98 -9.17 29.38
N LEU A 466 -32.78 -9.84 28.25
CA LEU A 466 -31.52 -9.76 27.55
C LEU A 466 -31.54 -8.60 26.56
N PHE A 467 -32.56 -8.55 25.69
CA PHE A 467 -32.52 -7.62 24.55
C PHE A 467 -33.19 -6.30 24.77
N ARG A 468 -34.07 -6.24 25.80
CA ARG A 468 -34.80 -5.01 26.04
C ARG A 468 -34.36 -4.38 27.35
N GLU A 469 -33.45 -5.03 28.08
CA GLU A 469 -32.99 -4.52 29.38
C GLU A 469 -31.47 -4.49 29.44
N LEU A 470 -30.85 -5.66 29.58
CA LEU A 470 -29.38 -5.75 29.76
C LEU A 470 -28.60 -5.06 28.62
N LEU A 471 -28.80 -5.51 27.38
CA LEU A 471 -27.99 -4.91 26.27
C LEU A 471 -28.21 -3.41 26.04
N PRO A 472 -29.48 -2.93 25.93
CA PRO A 472 -29.67 -1.47 25.81
C PRO A 472 -29.11 -0.66 26.98
N SER A 473 -29.21 -1.17 28.21
CA SER A 473 -28.66 -0.49 29.38
CA SER A 473 -28.66 -0.44 29.35
C SER A 473 -27.13 -0.34 29.29
N THR A 474 -26.47 -1.42 28.84
CA THR A 474 -25.01 -1.44 28.67
C THR A 474 -24.55 -0.42 27.59
N VAL A 475 -25.27 -0.37 26.46
CA VAL A 475 -25.03 0.64 25.43
C VAL A 475 -25.27 2.04 25.98
N LYS A 476 -26.32 2.21 26.78
CA LYS A 476 -26.61 3.55 27.30
C LYS A 476 -25.49 4.02 28.18
N GLU A 477 -24.92 3.09 28.91
CA GLU A 477 -23.89 3.41 29.90
C GLU A 477 -22.52 3.66 29.25
N PHE A 478 -22.19 2.86 28.26
CA PHE A 478 -20.83 2.79 27.70
C PHE A 478 -20.66 3.37 26.30
N ASP A 479 -21.76 3.58 25.59
CA ASP A 479 -21.71 4.13 24.24
C ASP A 479 -22.96 4.99 24.00
N SER A 480 -23.08 6.01 24.85
CA SER A 480 -24.37 6.69 25.07
C SER A 480 -24.84 7.51 23.87
N ASP A 481 -23.97 7.80 22.92
CA ASP A 481 -24.41 8.51 21.77
C ASP A 481 -24.53 7.63 20.53
N ARG A 482 -24.46 6.30 20.71
CA ARG A 482 -24.74 5.38 19.60
C ARG A 482 -26.10 4.71 19.74
N PHE A 483 -26.78 4.59 18.60
CA PHE A 483 -28.06 3.91 18.48
C PHE A 483 -27.98 2.40 18.84
N TYR A 484 -29.02 1.95 19.53
CA TYR A 484 -29.27 0.52 19.76
C TYR A 484 -30.71 0.21 19.33
N VAL A 485 -30.89 -0.96 18.71
CA VAL A 485 -32.22 -1.51 18.42
C VAL A 485 -32.19 -2.96 18.91
N HIS A 486 -33.31 -3.48 19.43
CA HIS A 486 -33.26 -4.78 20.13
C HIS A 486 -33.11 -5.97 19.15
N SER A 487 -33.51 -5.79 17.90
CA SER A 487 -33.41 -6.90 16.91
C SER A 487 -33.53 -6.37 15.49
N SER A 488 -33.05 -7.17 14.53
CA SER A 488 -33.26 -6.91 13.12
C SER A 488 -33.86 -8.18 12.48
N PRO A 489 -35.04 -8.06 11.83
CA PRO A 489 -35.83 -6.83 11.69
C PRO A 489 -36.61 -6.59 13.00
N TYR A 490 -36.76 -5.33 13.44
CA TYR A 490 -37.37 -5.13 14.75
C TYR A 490 -38.89 -5.37 14.81
N LEU A 491 -39.57 -5.19 13.70
CA LEU A 491 -41.04 -5.43 13.64
C LEU A 491 -41.53 -6.02 12.31
N ALA A 492 -41.00 -5.49 11.19
CA ALA A 492 -41.45 -5.90 9.87
C ALA A 492 -41.19 -7.38 9.65
N ASN A 493 -42.15 -8.05 9.01
CA ASN A 493 -42.05 -9.43 8.62
C ASN A 493 -42.46 -9.57 7.14
N TRP A 494 -41.71 -10.40 6.42
CA TRP A 494 -41.86 -10.42 4.96
C TRP A 494 -43.22 -10.90 4.46
N GLY A 495 -43.91 -11.71 5.25
CA GLY A 495 -45.19 -12.26 4.81
C GLY A 495 -46.35 -11.36 5.19
N ARG A 496 -46.07 -10.21 5.82
CA ARG A 496 -47.10 -9.33 6.41
C ARG A 496 -46.98 -7.89 5.89
N PRO A 497 -47.58 -7.60 4.70
CA PRO A 497 -47.47 -6.30 4.03
C PRO A 497 -47.77 -5.09 4.92
N GLU A 498 -48.67 -5.25 5.89
CA GLU A 498 -49.07 -4.16 6.80
C GLU A 498 -47.89 -3.68 7.67
N SER A 499 -46.88 -4.54 7.85
CA SER A 499 -45.69 -4.22 8.68
C SER A 499 -44.49 -3.58 7.92
N TRP A 500 -44.53 -3.57 6.59
CA TRP A 500 -43.36 -3.21 5.79
C TRP A 500 -42.94 -1.73 5.89
N GLY A 501 -43.91 -0.87 6.20
CA GLY A 501 -43.59 0.56 6.39
C GLY A 501 -43.01 0.86 7.77
N THR A 502 -42.78 -0.18 8.57
CA THR A 502 -42.28 -0.04 9.96
C THR A 502 -40.87 -0.57 10.18
N GLY A 503 -39.90 0.34 10.18
CA GLY A 503 -38.51 -0.02 10.41
C GLY A 503 -37.90 -0.86 9.28
N ASP A 504 -36.89 -1.65 9.65
CA ASP A 504 -36.09 -2.40 8.65
C ASP A 504 -36.72 -3.73 8.27
N SER A 505 -36.46 -4.20 7.06
CA SER A 505 -36.98 -5.51 6.61
C SER A 505 -35.88 -6.50 6.26
N HIS A 506 -36.11 -7.78 6.59
CA HIS A 506 -35.41 -8.90 5.91
C HIS A 506 -36.42 -9.50 4.96
N ASN A 507 -36.44 -8.99 3.72
CA ASN A 507 -37.45 -9.44 2.77
C ASN A 507 -37.01 -10.78 2.15
N TRP A 508 -37.42 -11.88 2.79
CA TRP A 508 -37.16 -13.21 2.30
C TRP A 508 -38.33 -13.76 1.47
N GLY A 509 -39.16 -12.84 0.98
CA GLY A 509 -40.21 -13.21 0.02
C GLY A 509 -39.57 -13.71 -1.25
N VAL A 510 -38.51 -13.03 -1.68
CA VAL A 510 -37.68 -13.54 -2.75
C VAL A 510 -36.81 -14.59 -2.05
N TRP A 511 -36.57 -15.70 -2.75
CA TRP A 511 -35.91 -16.90 -2.19
C TRP A 511 -36.92 -17.74 -1.40
N TYR A 512 -37.04 -17.54 -0.08
CA TYR A 512 -37.90 -18.39 0.76
C TYR A 512 -39.37 -18.35 0.34
N GLY A 513 -39.88 -17.16 0.00
CA GLY A 513 -41.25 -17.01 -0.49
C GLY A 513 -41.53 -17.31 -1.96
N LYS A 514 -40.50 -17.70 -2.69
CA LYS A 514 -40.56 -17.96 -4.14
C LYS A 514 -41.02 -16.77 -4.99
N LYS A 515 -41.08 -15.57 -4.42
CA LYS A 515 -41.56 -14.41 -5.18
C LYS A 515 -40.59 -14.08 -6.34
N PRO A 516 -41.14 -13.71 -7.51
CA PRO A 516 -40.28 -13.26 -8.60
C PRO A 516 -39.42 -12.07 -8.16
N PHE A 517 -38.28 -11.87 -8.85
CA PHE A 517 -37.43 -10.71 -8.56
C PHE A 517 -38.20 -9.42 -8.81
N GLU A 518 -39.18 -9.47 -9.71
CA GLU A 518 -39.94 -8.25 -9.99
C GLU A 518 -40.74 -7.77 -8.77
N SER A 519 -40.99 -8.66 -7.82
CA SER A 519 -41.72 -8.29 -6.57
C SER A 519 -40.96 -7.22 -5.78
N LEU A 520 -39.65 -7.11 -6.03
CA LEU A 520 -38.82 -6.14 -5.32
C LEU A 520 -39.17 -4.70 -5.75
N ASP A 521 -39.82 -4.57 -6.91
CA ASP A 521 -40.26 -3.25 -7.37
C ASP A 521 -41.54 -2.78 -6.63
N THR A 522 -42.33 -3.74 -6.16
CA THR A 522 -43.60 -3.44 -5.50
C THR A 522 -43.57 -3.57 -3.98
N ASP A 523 -42.71 -4.43 -3.44
CA ASP A 523 -42.74 -4.77 -2.03
C ASP A 523 -41.58 -4.05 -1.34
N LEU A 524 -41.80 -2.78 -1.01
CA LEU A 524 -40.69 -1.92 -0.54
C LEU A 524 -40.57 -1.80 0.95
N PRO A 525 -39.32 -1.78 1.45
CA PRO A 525 -39.15 -1.56 2.88
C PRO A 525 -38.76 -0.11 3.16
N ARG A 526 -38.69 0.26 4.44
CA ARG A 526 -38.13 1.55 4.84
C ARG A 526 -36.59 1.49 4.81
N PHE A 527 -36.05 0.28 4.93
CA PHE A 527 -34.62 0.06 4.87
C PHE A 527 -34.48 -1.47 4.72
N MET A 528 -33.79 -1.95 3.68
CA MET A 528 -33.63 -3.38 3.48
C MET A 528 -32.36 -3.87 4.23
N SER A 529 -32.49 -4.50 5.40
CA SER A 529 -31.30 -4.97 6.15
C SER A 529 -30.88 -6.39 5.74
N GLU A 530 -31.77 -7.11 5.04
CA GLU A 530 -31.38 -8.35 4.34
C GLU A 530 -32.34 -8.64 3.18
N PHE A 531 -31.80 -9.12 2.07
CA PHE A 531 -32.53 -9.88 1.06
C PHE A 531 -31.46 -10.58 0.24
N GLY A 532 -31.80 -11.69 -0.42
CA GLY A 532 -30.72 -12.46 -1.02
C GLY A 532 -31.16 -13.59 -1.92
N PHE A 533 -30.16 -14.24 -2.55
CA PHE A 533 -30.42 -15.31 -3.50
C PHE A 533 -29.15 -16.14 -3.62
N GLN A 534 -29.29 -17.47 -3.63
CA GLN A 534 -28.07 -18.32 -3.69
C GLN A 534 -27.50 -18.47 -5.08
N SER A 535 -26.18 -18.76 -5.13
CA SER A 535 -25.57 -19.31 -6.34
C SER A 535 -24.45 -20.30 -6.00
N PHE A 536 -24.30 -21.29 -6.87
CA PHE A 536 -23.08 -22.11 -6.88
C PHE A 536 -21.93 -21.14 -7.25
N PRO A 537 -20.78 -21.30 -6.57
CA PRO A 537 -19.57 -20.58 -6.97
C PRO A 537 -19.00 -21.17 -8.27
N GLU A 538 -18.09 -20.44 -8.90
CA GLU A 538 -17.60 -20.82 -10.22
C GLU A 538 -16.77 -22.08 -10.14
N MET A 539 -16.50 -22.67 -11.30
CA MET A 539 -15.91 -23.99 -11.35
C MET A 539 -14.56 -24.14 -10.62
N LYS A 540 -13.68 -23.13 -10.66
CA LYS A 540 -12.38 -23.30 -9.98
C LYS A 540 -12.54 -23.50 -8.45
N THR A 541 -13.62 -22.92 -7.92
CA THR A 541 -13.97 -23.12 -6.51
C THR A 541 -14.57 -24.48 -6.24
N ILE A 542 -15.51 -24.89 -7.09
CA ILE A 542 -16.04 -26.27 -7.03
C ILE A 542 -14.90 -27.31 -7.12
N ALA A 543 -13.93 -27.05 -8.01
CA ALA A 543 -12.78 -27.95 -8.19
C ALA A 543 -11.92 -28.04 -6.95
N ALA A 544 -11.95 -27.01 -6.12
CA ALA A 544 -11.20 -27.01 -4.88
C ALA A 544 -11.72 -28.05 -3.87
N PHE A 545 -13.02 -28.39 -3.94
CA PHE A 545 -13.63 -29.36 -3.00
C PHE A 545 -14.19 -30.63 -3.60
N ALA A 546 -14.20 -30.72 -4.93
CA ALA A 546 -14.89 -31.82 -5.61
C ALA A 546 -14.01 -32.34 -6.73
N ALA A 547 -13.99 -33.66 -6.90
CA ALA A 547 -13.33 -34.25 -8.09
C ALA A 547 -14.30 -34.18 -9.29
N PRO A 548 -13.79 -34.28 -10.54
CA PRO A 548 -14.71 -34.10 -11.68
C PRO A 548 -15.90 -35.08 -11.72
N GLU A 549 -15.73 -36.28 -11.17
CA GLU A 549 -16.83 -37.26 -11.06
C GLU A 549 -17.96 -36.70 -10.20
N ASP A 550 -17.61 -35.76 -9.31
CA ASP A 550 -18.58 -35.19 -8.36
C ASP A 550 -19.28 -33.93 -8.90
N TYR A 551 -18.98 -33.54 -10.15
CA TYR A 551 -19.54 -32.27 -10.72
C TYR A 551 -20.98 -32.43 -11.21
N GLN A 552 -21.87 -32.61 -10.24
CA GLN A 552 -23.33 -32.69 -10.47
C GLN A 552 -24.00 -31.92 -9.33
N ILE A 553 -25.13 -31.28 -9.62
CA ILE A 553 -25.90 -30.59 -8.58
C ILE A 553 -26.17 -31.50 -7.36
N GLU A 554 -26.51 -32.76 -7.63
CA GLU A 554 -26.97 -33.66 -6.60
C GLU A 554 -25.99 -34.83 -6.27
N SER A 555 -24.70 -34.68 -6.61
CA SER A 555 -23.71 -35.66 -6.11
C SER A 555 -23.64 -35.57 -4.58
N GLU A 556 -23.18 -36.65 -3.95
CA GLU A 556 -23.06 -36.68 -2.49
C GLU A 556 -22.11 -35.59 -2.05
N VAL A 557 -21.02 -35.37 -2.80
CA VAL A 557 -20.03 -34.33 -2.44
C VAL A 557 -20.66 -32.93 -2.59
N MET A 558 -21.38 -32.70 -3.68
CA MET A 558 -22.04 -31.40 -3.86
C MET A 558 -23.08 -31.16 -2.75
N ASN A 559 -23.77 -32.21 -2.34
CA ASN A 559 -24.74 -32.02 -1.29
C ASN A 559 -24.20 -31.76 0.13
N ALA A 560 -23.09 -32.39 0.52
CA ALA A 560 -22.06 -31.80 1.38
C ALA A 560 -21.74 -30.33 1.44
N HIS A 561 -21.80 -29.65 0.30
CA HIS A 561 -21.43 -28.25 0.16
C HIS A 561 -22.66 -27.40 -0.22
N GLN A 562 -23.83 -27.92 0.12
CA GLN A 562 -25.13 -27.20 -0.03
C GLN A 562 -25.88 -27.42 1.28
N LYS A 563 -25.91 -26.37 2.12
CA LYS A 563 -26.48 -26.50 3.45
C LYS A 563 -27.92 -25.96 3.51
N SER A 564 -28.41 -25.53 2.36
CA SER A 564 -29.82 -25.18 2.23
C SER A 564 -30.54 -26.37 1.54
N SER A 565 -31.42 -27.03 2.29
CA SER A 565 -32.06 -28.26 1.80
C SER A 565 -33.05 -27.99 0.68
N ILE A 566 -33.49 -26.74 0.54
CA ILE A 566 -34.37 -26.39 -0.59
C ILE A 566 -33.66 -25.63 -1.71
N GLY A 567 -32.37 -25.34 -1.50
CA GLY A 567 -31.60 -24.42 -2.36
C GLY A 567 -31.53 -24.84 -3.82
N ASN A 568 -31.23 -26.11 -4.06
CA ASN A 568 -30.97 -26.54 -5.46
C ASN A 568 -32.25 -26.41 -6.28
N SER A 569 -33.35 -26.80 -5.65
CA SER A 569 -34.70 -26.70 -6.24
C SER A 569 -35.09 -25.24 -6.50
N LEU A 570 -34.87 -24.35 -5.53
CA LEU A 570 -35.15 -22.92 -5.75
C LEU A 570 -34.35 -22.35 -6.90
N ILE A 571 -33.05 -22.69 -6.97
CA ILE A 571 -32.19 -22.11 -8.01
C ILE A 571 -32.77 -22.46 -9.40
N ARG A 572 -33.00 -23.76 -9.61
CA ARG A 572 -33.57 -24.25 -10.87
C ARG A 572 -34.93 -23.58 -11.18
N THR A 573 -35.81 -23.47 -10.16
CA THR A 573 -37.15 -22.87 -10.31
C THR A 573 -37.04 -21.44 -10.82
N TYR A 574 -36.18 -20.65 -10.17
CA TYR A 574 -35.96 -19.31 -10.59
C TYR A 574 -35.26 -19.20 -11.93
N MET A 575 -34.28 -20.06 -12.17
CA MET A 575 -33.56 -20.01 -13.44
C MET A 575 -34.54 -20.18 -14.62
N GLU A 576 -35.46 -21.13 -14.47
CA GLU A 576 -36.39 -21.48 -15.58
C GLU A 576 -37.30 -20.29 -15.93
N ARG A 577 -37.58 -19.44 -14.95
CA ARG A 577 -38.40 -18.24 -15.21
C ARG A 577 -37.79 -17.27 -16.20
N ASP A 578 -36.47 -17.19 -16.25
CA ASP A 578 -35.78 -16.13 -16.97
C ASP A 578 -34.75 -16.60 -18.00
N TYR A 579 -34.29 -17.84 -17.88
CA TYR A 579 -33.19 -18.40 -18.68
C TYR A 579 -33.56 -19.79 -19.16
N ILE A 580 -32.97 -20.21 -20.27
CA ILE A 580 -33.00 -21.61 -20.66
C ILE A 580 -32.05 -22.37 -19.72
N ILE A 581 -32.55 -23.41 -19.04
CA ILE A 581 -31.67 -24.23 -18.16
C ILE A 581 -30.70 -25.03 -19.02
N PRO A 582 -29.38 -24.80 -18.85
CA PRO A 582 -28.38 -25.54 -19.64
C PRO A 582 -28.33 -27.01 -19.25
N GLU A 583 -27.94 -27.84 -20.21
CA GLU A 583 -27.82 -29.25 -19.95
C GLU A 583 -26.57 -29.63 -19.19
N SER A 584 -25.48 -28.89 -19.37
CA SER A 584 -24.21 -29.24 -18.70
C SER A 584 -24.07 -28.56 -17.32
N PHE A 585 -23.41 -29.26 -16.39
CA PHE A 585 -23.23 -28.74 -15.02
C PHE A 585 -22.45 -27.42 -15.05
N GLU A 586 -21.38 -27.37 -15.84
CA GLU A 586 -20.60 -26.12 -15.94
C GLU A 586 -21.41 -24.95 -16.50
N ASP A 587 -22.24 -25.20 -17.50
CA ASP A 587 -23.07 -24.10 -18.01
C ASP A 587 -24.13 -23.69 -17.02
N PHE A 588 -24.71 -24.66 -16.30
CA PHE A 588 -25.69 -24.35 -15.26
C PHE A 588 -25.05 -23.43 -14.20
N VAL A 589 -23.86 -23.79 -13.74
CA VAL A 589 -23.14 -22.91 -12.78
C VAL A 589 -22.99 -21.47 -13.32
N TYR A 590 -22.52 -21.34 -14.55
CA TYR A 590 -22.36 -20.03 -15.19
C TYR A 590 -23.70 -19.27 -15.23
N VAL A 591 -24.77 -19.90 -15.73
CA VAL A 591 -26.07 -19.19 -15.76
C VAL A 591 -26.61 -18.87 -14.32
N GLY A 592 -26.37 -19.77 -13.37
CA GLY A 592 -26.72 -19.51 -11.96
C GLY A 592 -26.03 -18.25 -11.40
N LEU A 593 -24.79 -18.01 -11.83
CA LEU A 593 -24.09 -16.78 -11.40
C LEU A 593 -24.77 -15.56 -12.03
N VAL A 594 -25.00 -15.64 -13.35
CA VAL A 594 -25.71 -14.61 -14.08
C VAL A 594 -27.05 -14.28 -13.42
N LEU A 595 -27.82 -15.32 -13.08
CA LEU A 595 -29.18 -15.22 -12.49
C LEU A 595 -29.15 -14.47 -11.16
N GLN A 596 -28.28 -14.92 -10.27
CA GLN A 596 -28.18 -14.29 -8.94
C GLN A 596 -27.83 -12.81 -9.12
N GLY A 597 -26.89 -12.52 -10.03
CA GLY A 597 -26.44 -11.14 -10.29
C GLY A 597 -27.58 -10.28 -10.81
N GLN A 598 -28.27 -10.77 -11.83
CA GLN A 598 -29.34 -9.96 -12.49
C GLN A 598 -30.56 -9.73 -11.61
N GLY A 599 -30.99 -10.77 -10.90
CA GLY A 599 -32.15 -10.67 -10.03
C GLY A 599 -31.90 -9.76 -8.84
N MET A 600 -30.77 -10.00 -8.19
CA MET A 600 -30.42 -9.18 -7.05
C MET A 600 -30.20 -7.71 -7.41
N ARG A 601 -29.49 -7.47 -8.51
CA ARG A 601 -29.30 -6.04 -8.87
C ARG A 601 -30.62 -5.35 -9.20
N HIS A 602 -31.58 -6.10 -9.71
CA HIS A 602 -32.92 -5.51 -9.93
C HIS A 602 -33.51 -4.98 -8.61
N GLY A 603 -33.26 -5.72 -7.52
CA GLY A 603 -33.68 -5.28 -6.18
C GLY A 603 -32.90 -4.09 -5.65
N LEU A 604 -31.57 -4.10 -5.79
CA LEU A 604 -30.72 -2.99 -5.34
C LEU A 604 -31.18 -1.67 -6.02
N GLU A 605 -31.48 -1.78 -7.32
CA GLU A 605 -31.99 -0.65 -8.13
C GLU A 605 -33.37 -0.20 -7.64
N ALA A 606 -34.28 -1.13 -7.33
CA ALA A 606 -35.60 -0.73 -6.76
C ALA A 606 -35.47 0.03 -5.46
N HIS A 607 -34.52 -0.40 -4.63
CA HIS A 607 -34.38 0.24 -3.32
C HIS A 607 -33.89 1.68 -3.45
N ARG A 608 -32.85 1.87 -4.25
CA ARG A 608 -32.31 3.21 -4.55
C ARG A 608 -33.36 4.09 -5.25
N ARG A 609 -34.10 3.48 -6.18
CA ARG A 609 -35.11 4.23 -6.99
C ARG A 609 -36.22 4.78 -6.09
N ASN A 610 -36.53 4.02 -5.05
CA ASN A 610 -37.57 4.39 -4.11
C ASN A 610 -37.14 5.18 -2.88
N ARG A 611 -35.99 5.84 -2.95
CA ARG A 611 -35.61 6.79 -1.91
C ARG A 611 -36.53 8.02 -2.06
N PRO A 612 -36.98 8.67 -0.95
CA PRO A 612 -36.64 8.44 0.46
C PRO A 612 -37.51 7.44 1.22
N TYR A 613 -38.57 6.88 0.60
CA TYR A 613 -39.39 5.88 1.29
C TYR A 613 -38.47 4.79 1.82
N CYS A 614 -37.62 4.28 0.93
CA CYS A 614 -36.56 3.32 1.30
C CYS A 614 -35.25 4.09 1.43
N MET A 615 -34.51 3.84 2.50
CA MET A 615 -33.26 4.55 2.77
C MET A 615 -32.02 3.66 2.92
N GLY A 616 -32.09 2.40 2.50
CA GLY A 616 -30.83 1.63 2.45
C GLY A 616 -31.11 0.23 1.96
N THR A 617 -30.03 -0.44 1.55
CA THR A 617 -30.09 -1.84 1.16
C THR A 617 -28.77 -2.53 1.48
N LEU A 618 -28.88 -3.61 2.25
CA LEU A 618 -27.73 -4.45 2.68
C LEU A 618 -28.10 -5.85 2.28
N TYR A 619 -27.50 -6.34 1.18
CA TYR A 619 -27.85 -7.70 0.77
C TYR A 619 -27.25 -8.81 1.64
N TRP A 620 -27.93 -9.94 1.64
CA TRP A 620 -27.47 -11.17 2.27
C TRP A 620 -26.90 -11.99 1.10
N GLN A 621 -25.60 -12.28 1.02
CA GLN A 621 -24.58 -11.95 2.02
C GLN A 621 -23.31 -11.51 1.23
N LEU A 622 -22.35 -10.91 1.91
CA LEU A 622 -21.15 -10.46 1.21
C LEU A 622 -20.27 -11.67 0.82
N ASN A 623 -20.04 -12.59 1.75
CA ASN A 623 -18.82 -13.41 1.69
C ASN A 623 -19.08 -14.82 2.19
N ASP A 624 -18.06 -15.68 2.11
CA ASP A 624 -18.21 -17.07 2.52
C ASP A 624 -17.11 -17.47 3.49
N SER A 625 -17.41 -18.45 4.37
CA SER A 625 -16.48 -19.00 5.37
C SER A 625 -15.73 -20.24 4.91
N TRP A 626 -16.19 -20.80 3.77
CA TRP A 626 -15.57 -22.01 3.22
C TRP A 626 -16.17 -22.21 1.80
N PRO A 627 -15.60 -23.15 1.01
CA PRO A 627 -16.13 -23.43 -0.33
C PRO A 627 -17.52 -24.05 -0.25
N VAL A 628 -18.54 -23.34 -0.74
CA VAL A 628 -19.89 -23.78 -0.48
C VAL A 628 -20.83 -23.09 -1.48
N VAL A 629 -22.03 -23.66 -1.67
CA VAL A 629 -23.14 -22.94 -2.32
C VAL A 629 -23.76 -21.96 -1.32
N SER A 630 -23.86 -20.67 -1.68
CA SER A 630 -24.44 -19.72 -0.71
C SER A 630 -25.00 -18.48 -1.41
N TRP A 631 -25.50 -17.53 -0.58
CA TRP A 631 -26.01 -16.24 -1.02
C TRP A 631 -24.90 -15.20 -1.25
N SER A 632 -23.62 -15.58 -1.13
CA SER A 632 -22.53 -14.63 -1.22
C SER A 632 -22.34 -13.97 -2.60
N SER A 633 -21.76 -12.79 -2.61
CA SER A 633 -21.33 -12.15 -3.85
C SER A 633 -19.84 -12.38 -4.13
N ILE A 634 -19.11 -12.83 -3.09
CA ILE A 634 -17.66 -13.14 -3.23
C ILE A 634 -17.48 -14.55 -2.62
N ASP A 635 -16.94 -15.51 -3.39
CA ASP A 635 -16.74 -16.86 -2.84
C ASP A 635 -15.56 -16.93 -1.87
N TYR A 636 -15.37 -18.08 -1.25
CA TYR A 636 -14.34 -18.23 -0.19
C TYR A 636 -12.95 -17.82 -0.65
N TYR A 637 -12.64 -18.06 -1.92
CA TYR A 637 -11.31 -17.75 -2.46
C TYR A 637 -11.14 -16.32 -2.96
N GLY A 638 -12.17 -15.51 -2.73
CA GLY A 638 -12.14 -14.08 -3.09
C GLY A 638 -12.56 -13.77 -4.53
N ASN A 639 -13.05 -14.77 -5.25
CA ASN A 639 -13.53 -14.56 -6.62
C ASN A 639 -14.85 -13.81 -6.59
N TRP A 640 -14.90 -12.68 -7.30
CA TRP A 640 -16.19 -11.98 -7.46
C TRP A 640 -17.13 -12.81 -8.33
N LYS A 641 -18.29 -13.11 -7.75
CA LYS A 641 -19.41 -13.65 -8.56
C LYS A 641 -20.00 -12.53 -9.37
N ALA A 642 -20.91 -12.87 -10.31
CA ALA A 642 -21.56 -11.81 -11.07
C ALA A 642 -22.19 -10.76 -10.16
N LEU A 643 -22.78 -11.22 -9.06
CA LEU A 643 -23.43 -10.33 -8.14
C LEU A 643 -22.55 -9.19 -7.65
N HIS A 644 -21.25 -9.46 -7.47
CA HIS A 644 -20.42 -8.40 -6.92
C HIS A 644 -20.20 -7.29 -7.98
N TYR A 645 -20.02 -7.69 -9.25
CA TYR A 645 -19.94 -6.66 -10.33
C TYR A 645 -21.26 -5.93 -10.45
N GLN A 646 -22.38 -6.68 -10.36
CA GLN A 646 -23.71 -6.06 -10.49
C GLN A 646 -24.00 -5.10 -9.33
N ALA A 647 -23.55 -5.48 -8.13
CA ALA A 647 -23.64 -4.60 -6.94
C ALA A 647 -22.83 -3.30 -7.17
N LYS A 648 -21.57 -3.43 -7.56
CA LYS A 648 -20.80 -2.25 -7.98
C LYS A 648 -21.60 -1.28 -8.89
N ARG A 649 -22.11 -1.82 -9.98
CA ARG A 649 -22.88 -1.02 -10.96
C ARG A 649 -24.14 -0.42 -10.35
N ALA A 650 -24.89 -1.21 -9.59
CA ALA A 650 -26.11 -0.73 -9.00
C ALA A 650 -25.86 0.28 -7.89
N PHE A 651 -24.64 0.28 -7.33
CA PHE A 651 -24.35 1.22 -6.25
C PHE A 651 -23.57 2.44 -6.74
N ALA A 652 -23.35 2.54 -8.04
CA ALA A 652 -22.59 3.68 -8.60
C ALA A 652 -23.18 5.02 -8.11
N PRO A 653 -22.31 5.97 -7.68
CA PRO A 653 -22.81 7.27 -7.15
C PRO A 653 -23.89 7.86 -8.05
N VAL A 654 -23.68 7.88 -9.37
CA VAL A 654 -24.75 8.28 -10.31
C VAL A 654 -25.17 7.10 -11.19
N LEU A 655 -26.47 6.80 -11.22
CA LEU A 655 -26.98 5.63 -11.96
C LEU A 655 -28.18 6.01 -12.83
N ILE A 656 -28.17 5.53 -14.08
CA ILE A 656 -29.32 5.60 -14.96
C ILE A 656 -30.05 4.30 -14.78
N ASN A 657 -31.28 4.39 -14.28
CA ASN A 657 -32.10 3.18 -14.02
C ASN A 657 -33.35 3.15 -14.90
N PRO A 658 -33.27 2.44 -16.04
CA PRO A 658 -34.49 2.16 -16.82
C PRO A 658 -35.29 1.06 -16.13
N ILE A 659 -36.59 1.21 -16.02
CA ILE A 659 -37.45 0.22 -15.33
C ILE A 659 -38.70 0.03 -16.19
N GLN A 660 -38.94 -1.21 -16.61
CA GLN A 660 -40.02 -1.50 -17.52
C GLN A 660 -41.09 -2.35 -16.81
N GLN A 661 -42.32 -1.82 -16.79
CA GLN A 661 -43.48 -2.49 -16.20
C GLN A 661 -44.71 -2.20 -17.07
N ASN A 662 -45.67 -3.13 -17.11
CA ASN A 662 -46.96 -2.90 -17.79
C ASN A 662 -46.75 -2.39 -19.23
N ASP A 663 -45.77 -2.98 -19.90
CA ASP A 663 -45.46 -2.65 -21.28
C ASP A 663 -45.02 -1.20 -21.49
N SER A 664 -44.43 -0.59 -20.46
CA SER A 664 -43.99 0.79 -20.55
C SER A 664 -42.63 0.93 -19.86
N LEU A 665 -41.80 1.86 -20.36
CA LEU A 665 -40.47 2.13 -19.83
C LEU A 665 -40.41 3.49 -19.12
N SER A 666 -39.89 3.52 -17.89
CA SER A 666 -39.51 4.81 -17.29
C SER A 666 -38.03 4.77 -17.12
N VAL A 667 -37.41 5.96 -17.13
CA VAL A 667 -35.99 6.03 -16.80
C VAL A 667 -35.82 6.96 -15.64
N TYR A 668 -35.17 6.47 -14.59
CA TYR A 668 -34.85 7.30 -13.45
C TYR A 668 -33.37 7.66 -13.41
N LEU A 669 -33.09 8.86 -12.93
CA LEU A 669 -31.71 9.24 -12.66
C LEU A 669 -31.53 9.28 -11.14
N ILE A 670 -30.54 8.54 -10.64
CA ILE A 670 -30.36 8.33 -9.21
C ILE A 670 -28.97 8.79 -8.80
N SER A 671 -28.90 9.67 -7.81
CA SER A 671 -27.61 10.25 -7.43
C SER A 671 -27.44 10.21 -5.93
N ASP A 672 -26.30 9.68 -5.48
CA ASP A 672 -25.83 9.82 -4.10
C ASP A 672 -24.73 10.86 -3.98
N ARG A 673 -24.58 11.70 -5.00
CA ARG A 673 -23.62 12.81 -4.93
C ARG A 673 -24.13 13.89 -3.99
N LEU A 674 -23.19 14.60 -3.38
CA LEU A 674 -23.50 15.73 -2.51
C LEU A 674 -23.76 17.05 -3.28
N ASP A 675 -23.43 17.06 -4.57
CA ASP A 675 -23.67 18.21 -5.43
C ASP A 675 -24.73 17.87 -6.46
N THR A 676 -25.48 18.89 -6.88
CA THR A 676 -26.48 18.76 -7.91
C THR A 676 -25.86 18.88 -9.31
N MET A 677 -26.27 18.04 -10.25
CA MET A 677 -25.79 18.19 -11.60
C MET A 677 -26.81 18.95 -12.45
N GLU A 678 -26.31 19.91 -13.24
CA GLU A 678 -27.22 20.77 -14.02
C GLU A 678 -26.98 20.66 -15.52
N GLN A 679 -27.97 21.05 -16.32
CA GLN A 679 -27.89 21.05 -17.80
C GLN A 679 -27.44 19.71 -18.41
N MET A 680 -28.02 18.64 -17.90
CA MET A 680 -27.65 17.28 -18.33
C MET A 680 -28.50 16.82 -19.49
N THR A 681 -27.94 15.94 -20.31
CA THR A 681 -28.67 15.29 -21.41
C THR A 681 -28.67 13.77 -21.22
N LEU A 682 -29.87 13.21 -21.24
CA LEU A 682 -30.03 11.78 -21.33
C LEU A 682 -30.22 11.44 -22.80
N GLU A 683 -29.33 10.62 -23.31
CA GLU A 683 -29.42 10.12 -24.68
C GLU A 683 -29.63 8.60 -24.73
N MET A 684 -30.59 8.18 -25.56
CA MET A 684 -30.93 6.77 -25.72
C MET A 684 -31.02 6.35 -27.19
N LYS A 685 -30.67 5.11 -27.48
CA LYS A 685 -31.00 4.54 -28.77
C LYS A 685 -31.09 3.04 -28.78
N VAL A 686 -31.99 2.55 -29.61
CA VAL A 686 -32.27 1.14 -29.79
C VAL A 686 -31.31 0.56 -30.82
N VAL A 687 -30.62 -0.51 -30.44
CA VAL A 687 -29.61 -1.11 -31.33
C VAL A 687 -29.96 -2.59 -31.44
N ASP A 688 -29.97 -3.15 -32.65
CA ASP A 688 -30.19 -4.61 -32.74
C ASP A 688 -28.94 -5.41 -32.37
N PHE A 689 -29.09 -6.73 -32.34
CA PHE A 689 -27.99 -7.61 -31.94
C PHE A 689 -26.87 -7.69 -32.98
N ASP A 690 -27.12 -7.16 -34.19
CA ASP A 690 -26.10 -7.06 -35.24
C ASP A 690 -25.35 -5.73 -35.22
N GLY A 691 -25.80 -4.79 -34.37
CA GLY A 691 -25.17 -3.50 -34.26
C GLY A 691 -25.86 -2.36 -35.00
N LYS A 692 -26.97 -2.66 -35.68
CA LYS A 692 -27.68 -1.67 -36.49
C LYS A 692 -28.67 -0.88 -35.61
N THR A 693 -28.55 0.44 -35.64
CA THR A 693 -29.45 1.33 -34.91
C THR A 693 -30.88 1.26 -35.46
N LEU A 694 -31.86 1.16 -34.56
CA LEU A 694 -33.25 1.15 -34.95
C LEU A 694 -33.91 2.48 -34.64
N GLY A 695 -34.54 3.07 -35.66
CA GLY A 695 -35.09 4.43 -35.56
C GLY A 695 -33.98 5.42 -35.34
N LYS A 696 -34.24 6.42 -34.51
CA LYS A 696 -33.25 7.47 -34.27
C LYS A 696 -32.92 7.61 -32.78
N LYS A 697 -31.82 8.31 -32.51
CA LYS A 697 -31.43 8.67 -31.15
C LYS A 697 -32.51 9.52 -30.50
N ILE A 698 -32.85 9.19 -29.26
CA ILE A 698 -33.77 9.97 -28.44
C ILE A 698 -32.94 10.81 -27.49
N GLN A 699 -33.22 12.11 -27.43
CA GLN A 699 -32.49 13.00 -26.54
C GLN A 699 -33.39 13.79 -25.61
N VAL A 700 -33.05 13.76 -24.31
CA VAL A 700 -33.77 14.54 -23.29
C VAL A 700 -32.81 15.51 -22.63
N HIS A 701 -32.98 16.80 -22.98
CA HIS A 701 -32.06 17.85 -22.60
C HIS A 701 -32.53 18.58 -21.36
N SER A 702 -31.69 19.46 -20.86
CA SER A 702 -31.99 20.38 -19.74
C SER A 702 -32.40 19.68 -18.44
N LEU A 703 -31.79 18.52 -18.17
CA LEU A 703 -32.10 17.78 -16.95
C LEU A 703 -31.24 18.22 -15.77
N GLU A 704 -31.85 18.27 -14.60
CA GLU A 704 -31.05 18.44 -13.41
C GLU A 704 -31.13 17.19 -12.51
N VAL A 705 -30.03 16.86 -11.88
CA VAL A 705 -29.92 15.64 -11.05
C VAL A 705 -29.54 16.13 -9.65
N PRO A 706 -30.53 16.41 -8.80
CA PRO A 706 -30.21 16.95 -7.48
C PRO A 706 -29.45 15.96 -6.60
N ALA A 707 -28.62 16.49 -5.71
CA ALA A 707 -27.89 15.68 -4.74
C ALA A 707 -28.84 14.72 -4.00
N ASN A 708 -28.43 13.47 -3.86
CA ASN A 708 -29.15 12.56 -2.95
C ASN A 708 -30.64 12.37 -3.30
N THR A 709 -30.92 12.19 -4.59
CA THR A 709 -32.28 12.01 -5.08
C THR A 709 -32.37 10.96 -6.20
N SER A 710 -33.58 10.40 -6.34
CA SER A 710 -33.96 9.57 -7.45
C SER A 710 -35.14 10.29 -8.10
N LYS A 711 -35.03 10.54 -9.40
CA LYS A 711 -36.10 11.25 -10.15
C LYS A 711 -36.34 10.66 -11.54
N CYS A 712 -37.62 10.60 -11.92
CA CYS A 712 -38.03 10.10 -13.23
C CYS A 712 -37.86 11.21 -14.26
N VAL A 713 -37.13 10.94 -15.33
CA VAL A 713 -36.89 11.93 -16.36
C VAL A 713 -37.48 11.57 -17.72
N TYR A 714 -38.06 10.37 -17.85
CA TYR A 714 -38.52 9.90 -19.16
C TYR A 714 -39.50 8.77 -19.00
N ARG A 715 -40.60 8.84 -19.74
CA ARG A 715 -41.55 7.72 -19.79
C ARG A 715 -42.04 7.56 -21.22
N ALA A 716 -42.14 6.32 -21.67
CA ALA A 716 -42.66 6.03 -23.00
C ALA A 716 -43.25 4.65 -23.00
N LYS A 717 -44.47 4.53 -23.55
CA LYS A 717 -45.08 3.24 -23.84
C LYS A 717 -44.27 2.52 -24.90
N LEU A 718 -44.24 1.19 -24.83
CA LEU A 718 -43.57 0.36 -25.83
C LEU A 718 -44.41 0.22 -27.12
N ASP A 719 -45.72 0.09 -26.94
CA ASP A 719 -46.67 -0.04 -28.05
C ASP A 719 -46.65 1.23 -28.90
N GLY A 720 -46.41 1.05 -30.19
CA GLY A 720 -46.23 2.18 -31.11
C GLY A 720 -44.77 2.62 -31.24
N TRP A 721 -43.88 2.05 -30.42
CA TRP A 721 -42.46 2.39 -30.49
C TRP A 721 -41.68 1.18 -31.03
N LEU A 722 -41.89 0.03 -30.40
CA LEU A 722 -41.18 -1.19 -30.72
C LEU A 722 -42.17 -2.32 -30.95
N THR A 723 -41.89 -3.13 -31.95
CA THR A 723 -42.72 -4.29 -32.25
C THR A 723 -42.32 -5.41 -31.28
N PRO A 724 -43.22 -6.38 -31.01
CA PRO A 724 -42.84 -7.50 -30.14
C PRO A 724 -41.58 -8.19 -30.69
N GLU A 725 -41.44 -8.21 -32.01
CA GLU A 725 -40.22 -8.73 -32.62
C GLU A 725 -39.00 -7.85 -32.30
N ASP A 726 -39.15 -6.52 -32.37
CA ASP A 726 -38.07 -5.59 -31.99
C ASP A 726 -37.60 -5.88 -30.56
N CYS A 727 -38.55 -6.20 -29.69
CA CYS A 727 -38.28 -6.38 -28.27
C CYS A 727 -37.40 -7.58 -27.95
N ARG A 728 -37.47 -8.58 -28.83
CA ARG A 728 -36.68 -9.81 -28.70
C ARG A 728 -35.35 -9.74 -29.44
N ARG A 729 -35.11 -8.68 -30.22
CA ARG A 729 -33.95 -8.64 -31.10
CA ARG A 729 -33.96 -8.62 -31.12
C ARG A 729 -33.10 -7.37 -30.95
N SER A 730 -33.42 -6.53 -29.97
CA SER A 730 -32.66 -5.30 -29.74
C SER A 730 -32.48 -4.99 -28.24
N PHE A 731 -31.66 -3.99 -27.97
CA PHE A 731 -31.49 -3.48 -26.61
C PHE A 731 -31.50 -1.96 -26.64
N LEU A 732 -31.74 -1.37 -25.48
CA LEU A 732 -31.66 0.07 -25.36
C LEU A 732 -30.34 0.47 -24.69
N LYS A 733 -29.58 1.33 -25.36
CA LYS A 733 -28.37 1.94 -24.84
CA LYS A 733 -28.39 1.92 -24.76
C LYS A 733 -28.75 3.30 -24.24
N LEU A 734 -28.28 3.60 -23.03
CA LEU A 734 -28.56 4.86 -22.36
C LEU A 734 -27.27 5.47 -21.87
N ILE A 735 -27.11 6.77 -22.13
CA ILE A 735 -25.97 7.53 -21.70
C ILE A 735 -26.44 8.84 -21.09
N LEU A 736 -25.78 9.27 -20.01
CA LEU A 736 -26.01 10.58 -19.43
C LEU A 736 -24.77 11.46 -19.62
N LYS A 737 -24.98 12.66 -20.12
CA LYS A 737 -23.87 13.58 -20.35
C LYS A 737 -24.10 15.00 -19.84
N ASP A 738 -23.01 15.64 -19.46
CA ASP A 738 -23.06 17.05 -19.07
C ASP A 738 -23.29 17.99 -20.29
N LYS A 739 -23.36 19.30 -20.02
CA LYS A 739 -23.74 20.29 -21.07
C LYS A 739 -22.82 20.22 -22.32
N SER A 740 -21.56 19.89 -22.08
CA SER A 740 -20.55 19.85 -23.15
C SER A 740 -20.32 18.48 -23.80
N GLY A 741 -21.16 17.50 -23.48
CA GLY A 741 -21.11 16.20 -24.14
C GLY A 741 -20.28 15.09 -23.47
N HIS A 742 -19.76 15.34 -22.27
CA HIS A 742 -18.99 14.31 -21.54
C HIS A 742 -19.88 13.30 -20.83
N GLN A 743 -19.57 12.02 -21.01
CA GLN A 743 -20.34 10.93 -20.40
C GLN A 743 -20.10 10.87 -18.89
N VAL A 744 -21.17 10.83 -18.11
CA VAL A 744 -21.03 10.66 -16.67
C VAL A 744 -21.62 9.33 -16.20
N ALA A 745 -22.45 8.73 -17.03
CA ALA A 745 -23.07 7.43 -16.74
C ALA A 745 -23.56 6.76 -18.00
N GLU A 746 -23.58 5.42 -17.97
CA GLU A 746 -24.21 4.63 -19.03
C GLU A 746 -24.93 3.39 -18.48
N SER A 747 -25.94 2.93 -19.20
CA SER A 747 -26.65 1.70 -18.88
CA SER A 747 -26.71 1.74 -18.86
C SER A 747 -27.14 1.01 -20.14
N VAL A 748 -27.44 -0.28 -20.03
CA VAL A 748 -28.15 -0.99 -21.11
CA VAL A 748 -28.10 -1.03 -21.11
C VAL A 748 -29.40 -1.64 -20.54
N HIS A 749 -30.44 -1.71 -21.38
CA HIS A 749 -31.73 -2.27 -20.99
C HIS A 749 -32.21 -3.29 -22.03
N PHE A 750 -32.69 -4.44 -21.56
CA PHE A 750 -33.33 -5.44 -22.44
C PHE A 750 -34.83 -5.42 -22.18
N PHE A 751 -35.63 -5.59 -23.24
CA PHE A 751 -37.07 -5.41 -23.14
C PHE A 751 -37.80 -6.71 -22.86
N ARG A 752 -37.03 -7.81 -22.86
CA ARG A 752 -37.59 -9.14 -22.69
C ARG A 752 -36.66 -9.95 -21.81
N LYS A 753 -37.21 -11.00 -21.23
CA LYS A 753 -36.42 -11.94 -20.45
C LYS A 753 -35.39 -12.62 -21.34
N THR A 754 -34.23 -12.92 -20.75
CA THR A 754 -33.15 -13.48 -21.54
C THR A 754 -33.57 -14.71 -22.37
N LYS A 755 -34.34 -15.61 -21.78
CA LYS A 755 -34.78 -16.84 -22.46
C LYS A 755 -35.65 -16.55 -23.69
N ASP A 756 -36.24 -15.37 -23.72
CA ASP A 756 -37.09 -14.93 -24.82
C ASP A 756 -36.37 -14.12 -25.90
N LEU A 757 -35.10 -13.77 -25.63
CA LEU A 757 -34.24 -13.09 -26.60
C LEU A 757 -33.83 -13.99 -27.73
N GLN A 758 -33.84 -13.43 -28.94
CA GLN A 758 -33.33 -14.13 -30.10
C GLN A 758 -31.85 -13.84 -30.29
N LEU A 759 -31.04 -14.41 -29.40
CA LEU A 759 -29.60 -14.23 -29.42
C LEU A 759 -29.00 -14.97 -30.62
N PRO A 760 -28.13 -14.28 -31.40
CA PRO A 760 -27.40 -14.89 -32.50
C PRO A 760 -26.19 -15.67 -32.02
N PRO A 761 -25.93 -16.84 -32.64
CA PRO A 761 -24.69 -17.54 -32.43
C PRO A 761 -23.51 -16.62 -32.78
N THR A 762 -22.49 -16.61 -31.92
CA THR A 762 -21.40 -15.66 -32.06
C THR A 762 -20.17 -16.12 -31.31
N SER A 763 -19.02 -15.63 -31.78
CA SER A 763 -17.72 -15.97 -31.26
C SER A 763 -17.21 -14.70 -30.60
N VAL A 764 -16.78 -14.81 -29.35
CA VAL A 764 -16.03 -13.70 -28.75
C VAL A 764 -14.54 -13.99 -28.97
N SER A 765 -13.93 -13.17 -29.81
CA SER A 765 -12.51 -13.28 -30.05
C SER A 765 -11.79 -12.34 -29.10
N TYR A 766 -10.54 -12.67 -28.78
CA TYR A 766 -9.79 -11.77 -27.95
C TYR A 766 -8.33 -11.71 -28.37
N GLN A 767 -7.71 -10.56 -28.09
CA GLN A 767 -6.27 -10.36 -28.15
C GLN A 767 -5.79 -10.21 -26.71
N MET A 768 -4.58 -10.68 -26.43
CA MET A 768 -4.01 -10.58 -25.09
C MET A 768 -2.57 -10.11 -25.09
N LYS A 769 -2.25 -9.22 -24.16
CA LYS A 769 -0.87 -8.82 -23.88
C LYS A 769 -0.54 -9.12 -22.41
N GLN A 770 0.32 -10.10 -22.18
CA GLN A 770 0.59 -10.63 -20.85
C GLN A 770 2.00 -10.26 -20.36
N THR A 771 2.07 -9.78 -19.13
CA THR A 771 3.33 -9.43 -18.46
C THR A 771 3.25 -9.99 -17.05
N ASP A 772 4.31 -9.92 -16.26
CA ASP A 772 4.22 -10.44 -14.89
C ASP A 772 3.09 -9.72 -14.16
N GLY A 773 2.19 -10.50 -13.56
CA GLY A 773 1.15 -9.93 -12.70
C GLY A 773 -0.07 -9.37 -13.41
N LYS A 774 -0.04 -9.38 -14.74
CA LYS A 774 -1.06 -8.65 -15.52
C LYS A 774 -1.31 -9.19 -16.92
N CYS A 775 -2.58 -9.38 -17.23
N CYS A 775 -2.58 -9.22 -17.29
CA CYS A 775 -3.00 -9.61 -18.60
CA CYS A 775 -3.00 -9.70 -18.58
C CYS A 775 -3.91 -8.49 -19.01
C CYS A 775 -4.06 -8.75 -19.15
N GLU A 776 -3.74 -8.04 -20.25
CA GLU A 776 -4.65 -7.06 -20.86
C GLU A 776 -5.30 -7.75 -22.05
N LEU A 777 -6.64 -7.85 -22.02
CA LEU A 777 -7.42 -8.47 -23.12
C LEU A 777 -8.22 -7.41 -23.86
N THR A 778 -8.35 -7.60 -25.17
CA THR A 778 -9.27 -6.81 -25.98
C THR A 778 -10.23 -7.82 -26.60
N LEU A 779 -11.52 -7.67 -26.30
CA LEU A 779 -12.55 -8.62 -26.74
C LEU A 779 -13.30 -8.02 -27.89
N PHE A 780 -13.79 -8.87 -28.77
CA PHE A 780 -14.58 -8.41 -29.90
C PHE A 780 -15.60 -9.48 -30.32
N SER A 781 -16.81 -9.02 -30.59
CA SER A 781 -17.83 -9.82 -31.23
C SER A 781 -18.64 -8.91 -32.17
N SER A 782 -18.79 -9.32 -33.42
CA SER A 782 -19.61 -8.53 -34.35
C SER A 782 -21.08 -8.50 -33.93
N MET A 783 -21.52 -9.48 -33.14
CA MET A 783 -22.89 -9.51 -32.64
C MET A 783 -22.92 -9.46 -31.09
N LEU A 784 -24.05 -9.07 -30.52
CA LEU A 784 -24.21 -9.13 -29.05
C LEU A 784 -23.82 -10.51 -28.47
N ALA A 785 -22.96 -10.49 -27.44
CA ALA A 785 -22.74 -11.68 -26.60
C ALA A 785 -23.24 -11.32 -25.19
N LYS A 786 -24.20 -12.10 -24.70
CA LYS A 786 -25.02 -11.74 -23.52
C LYS A 786 -24.33 -12.22 -22.22
N ASP A 787 -24.22 -11.35 -21.20
CA ASP A 787 -23.72 -11.77 -19.88
C ASP A 787 -22.41 -12.58 -19.93
N ILE A 788 -21.38 -12.00 -20.54
CA ILE A 788 -20.19 -12.79 -20.78
C ILE A 788 -19.45 -13.01 -19.48
N PHE A 789 -18.91 -14.22 -19.36
CA PHE A 789 -18.03 -14.58 -18.25
C PHE A 789 -16.65 -14.93 -18.81
N ILE A 790 -15.64 -14.16 -18.42
CA ILE A 790 -14.26 -14.44 -18.75
C ILE A 790 -13.69 -15.26 -17.60
N GLU A 791 -13.54 -16.56 -17.86
CA GLU A 791 -13.14 -17.53 -16.85
C GLU A 791 -11.67 -17.89 -16.96
N THR A 792 -10.97 -17.78 -15.83
CA THR A 792 -9.56 -18.16 -15.74
C THR A 792 -9.34 -19.14 -14.57
N PRO A 793 -8.30 -19.98 -14.63
CA PRO A 793 -8.16 -20.99 -13.55
C PRO A 793 -7.48 -20.46 -12.29
N LEU A 794 -6.95 -19.24 -12.36
CA LEU A 794 -6.14 -18.68 -11.28
C LEU A 794 -7.04 -18.19 -10.15
N GLN A 795 -6.89 -18.79 -8.97
CA GLN A 795 -7.67 -18.39 -7.81
C GLN A 795 -7.43 -16.95 -7.40
N GLY A 796 -8.53 -16.25 -7.14
CA GLY A 796 -8.53 -14.86 -6.72
C GLY A 796 -8.01 -13.84 -7.73
N ALA A 797 -7.92 -14.20 -9.02
CA ALA A 797 -7.58 -13.24 -10.08
C ALA A 797 -8.62 -12.12 -10.05
N ARG A 798 -8.17 -10.87 -10.24
CA ARG A 798 -9.07 -9.71 -10.25
C ARG A 798 -9.23 -9.17 -11.65
N TYR A 799 -10.43 -8.69 -11.93
CA TYR A 799 -10.81 -8.21 -13.28
C TYR A 799 -11.29 -6.76 -13.21
N SER A 800 -10.97 -5.96 -14.24
CA SER A 800 -11.49 -4.59 -14.34
C SER A 800 -13.00 -4.66 -14.51
N ASP A 801 -13.45 -5.70 -15.23
CA ASP A 801 -14.89 -5.97 -15.39
C ASP A 801 -15.11 -7.43 -15.78
N ASN A 802 -16.30 -7.94 -15.51
CA ASN A 802 -16.67 -9.31 -15.88
C ASN A 802 -18.20 -9.38 -15.78
N PHE A 803 -18.81 -10.44 -16.33
CA PHE A 803 -20.25 -10.59 -16.33
C PHE A 803 -20.96 -9.34 -16.87
N PHE A 804 -20.59 -8.95 -18.10
CA PHE A 804 -21.18 -7.78 -18.79
C PHE A 804 -21.64 -8.22 -20.17
N ASP A 805 -22.48 -7.41 -20.80
CA ASP A 805 -22.86 -7.73 -22.17
C ASP A 805 -21.82 -7.13 -23.08
N LEU A 806 -21.32 -7.94 -24.00
CA LEU A 806 -20.40 -7.40 -25.01
C LEU A 806 -21.22 -6.94 -26.22
N LEU A 807 -21.22 -5.63 -26.47
CA LEU A 807 -22.11 -5.07 -27.47
C LEU A 807 -21.57 -5.25 -28.90
N PRO A 808 -22.49 -5.40 -29.87
CA PRO A 808 -22.03 -5.75 -31.22
C PRO A 808 -21.06 -4.70 -31.80
N GLY A 809 -19.90 -5.17 -32.23
CA GLY A 809 -18.88 -4.36 -32.88
C GLY A 809 -18.20 -3.37 -31.97
N GLU A 810 -18.40 -3.49 -30.66
CA GLU A 810 -17.83 -2.52 -29.72
C GLU A 810 -16.73 -3.19 -28.92
N ARG A 811 -15.47 -2.90 -29.26
CA ARG A 811 -14.33 -3.53 -28.60
C ARG A 811 -14.33 -3.17 -27.11
N LYS A 812 -13.86 -4.11 -26.30
CA LYS A 812 -13.86 -3.93 -24.85
C LYS A 812 -12.51 -4.40 -24.30
N LYS A 813 -11.84 -3.51 -23.58
CA LYS A 813 -10.60 -3.86 -22.86
C LYS A 813 -10.89 -4.35 -21.44
N VAL A 814 -10.23 -5.43 -21.03
CA VAL A 814 -10.39 -6.00 -19.70
C VAL A 814 -8.99 -6.35 -19.20
N ILE A 815 -8.65 -5.84 -18.03
CA ILE A 815 -7.36 -6.14 -17.42
C ILE A 815 -7.59 -7.18 -16.33
N ILE A 816 -6.76 -8.22 -16.30
CA ILE A 816 -6.83 -9.21 -15.24
C ILE A 816 -5.50 -9.14 -14.48
N THR A 817 -5.56 -9.13 -13.16
CA THR A 817 -4.34 -9.12 -12.36
C THR A 817 -4.30 -10.26 -11.34
N SER A 818 -3.09 -10.76 -11.07
CA SER A 818 -2.84 -11.77 -10.05
C SER A 818 -1.32 -11.90 -9.90
N PRO A 819 -0.83 -12.05 -8.65
CA PRO A 819 0.63 -12.25 -8.46
C PRO A 819 1.13 -13.53 -9.15
N ARG A 820 0.22 -14.42 -9.49
CA ARG A 820 0.58 -15.68 -10.13
C ARG A 820 0.63 -15.63 -11.68
N ILE A 821 0.29 -14.48 -12.28
CA ILE A 821 0.48 -14.30 -13.72
C ILE A 821 1.97 -14.08 -14.03
N LYS A 822 2.53 -14.96 -14.86
CA LYS A 822 3.94 -14.86 -15.27
C LYS A 822 4.03 -14.59 -16.76
N LYS A 823 4.82 -13.60 -17.14
CA LYS A 823 5.13 -13.40 -18.56
C LYS A 823 5.76 -14.69 -19.10
N GLY A 824 5.25 -15.17 -20.24
CA GLY A 824 5.75 -16.42 -20.82
C GLY A 824 5.08 -17.69 -20.32
N GLU A 825 4.04 -17.56 -19.48
CA GLU A 825 3.12 -18.66 -19.19
C GLU A 825 1.68 -18.18 -19.48
N GLU A 826 1.27 -18.25 -20.75
CA GLU A 826 -0.02 -17.72 -21.24
C GLU A 826 -1.19 -18.09 -20.32
N LEU A 827 -1.92 -17.07 -19.89
CA LEU A 827 -3.09 -17.28 -19.02
C LEU A 827 -4.20 -17.97 -19.81
N PRO A 828 -4.62 -19.17 -19.34
CA PRO A 828 -5.80 -19.79 -19.95
C PRO A 828 -7.05 -18.93 -19.73
N VAL A 829 -7.79 -18.69 -20.81
CA VAL A 829 -8.99 -17.84 -20.80
C VAL A 829 -10.08 -18.60 -21.55
N ASN A 830 -11.26 -18.69 -20.93
CA ASN A 830 -12.44 -19.34 -21.50
C ASN A 830 -13.57 -18.31 -21.42
N ILE A 831 -14.11 -17.89 -22.56
CA ILE A 831 -15.14 -16.86 -22.55
C ILE A 831 -16.51 -17.52 -22.74
N LYS A 832 -17.41 -17.36 -21.77
CA LYS A 832 -18.73 -17.98 -21.89
C LYS A 832 -19.74 -16.88 -22.12
N HIS A 833 -20.84 -17.23 -22.77
CA HIS A 833 -21.95 -16.29 -22.95
C HIS A 833 -23.24 -17.08 -23.17
N ILE A 834 -24.40 -16.44 -23.00
CA ILE A 834 -25.64 -17.15 -22.78
C ILE A 834 -25.99 -18.08 -23.95
N ARG A 835 -25.82 -17.58 -25.14
CA ARG A 835 -26.26 -18.33 -26.36
C ARG A 835 -25.47 -19.63 -26.51
N GLU A 836 -24.24 -19.66 -26.03
CA GLU A 836 -23.43 -20.89 -26.06
C GLU A 836 -24.00 -22.02 -25.19
N THR A 837 -24.87 -21.68 -24.24
CA THR A 837 -25.34 -22.67 -23.24
C THR A 837 -26.48 -23.57 -23.72
N TYR A 838 -26.99 -23.33 -24.92
CA TYR A 838 -28.03 -24.19 -25.47
C TYR A 838 -27.95 -24.27 -27.00
N LYS A 839 -28.63 -25.24 -27.57
CA LYS A 839 -28.52 -25.45 -29.04
C LYS A 839 -29.62 -24.75 -29.88
N ASN B 3 -9.63 21.59 -10.55
CA ASN B 3 -8.93 22.79 -9.99
C ASN B 3 -9.36 24.15 -10.64
N ASP B 4 -9.67 24.10 -11.94
CA ASP B 4 -10.06 25.32 -12.69
C ASP B 4 -11.04 24.92 -13.80
N THR B 5 -11.43 25.86 -14.66
CA THR B 5 -12.39 25.56 -15.72
C THR B 5 -11.75 24.96 -16.96
N SER B 6 -10.44 24.70 -16.92
CA SER B 6 -9.82 24.09 -18.11
C SER B 6 -10.20 22.61 -18.20
N GLU B 7 -10.11 22.08 -19.40
CA GLU B 7 -10.34 20.68 -19.62
C GLU B 7 -9.03 20.08 -20.12
N VAL B 8 -8.65 18.95 -19.57
CA VAL B 8 -7.45 18.25 -20.06
C VAL B 8 -7.82 16.90 -20.68
N MET B 9 -7.27 16.63 -21.87
CA MET B 9 -7.50 15.36 -22.55
C MET B 9 -6.12 14.67 -22.57
N LEU B 10 -6.01 13.46 -22.04
CA LEU B 10 -4.72 12.75 -22.07
C LEU B 10 -4.65 11.99 -23.39
N LEU B 11 -3.57 12.16 -24.16
CA LEU B 11 -3.44 11.40 -25.41
C LEU B 11 -2.64 10.14 -25.13
N ASP B 12 -3.29 9.17 -24.50
CA ASP B 12 -2.56 8.02 -23.96
C ASP B 12 -3.08 6.72 -24.57
N THR B 13 -3.93 6.85 -25.58
CA THR B 13 -4.45 5.68 -26.28
C THR B 13 -4.54 5.91 -27.78
N GLY B 14 -4.70 4.82 -28.52
CA GLY B 14 -4.87 4.89 -29.96
C GLY B 14 -3.58 5.11 -30.73
N TRP B 15 -2.43 5.00 -30.07
CA TRP B 15 -1.15 5.24 -30.76
C TRP B 15 -0.69 4.03 -31.52
N GLU B 16 -0.01 4.28 -32.63
CA GLU B 16 0.63 3.24 -33.41
C GLU B 16 2.03 3.68 -33.74
N PHE B 17 2.91 2.73 -34.07
CA PHE B 17 4.28 3.05 -34.48
C PHE B 17 4.72 2.25 -35.69
N SER B 18 5.76 2.74 -36.36
CA SER B 18 6.30 2.11 -37.57
C SER B 18 7.81 2.37 -37.70
N GLN B 19 8.58 1.32 -38.05
CA GLN B 19 9.94 1.51 -38.52
C GLN B 19 9.87 2.27 -39.82
N SER B 20 10.50 3.44 -39.87
CA SER B 20 10.33 4.33 -41.00
C SER B 20 10.76 3.63 -42.31
N GLY B 21 9.97 3.84 -43.34
CA GLY B 21 10.25 3.22 -44.63
C GLY B 21 9.51 1.92 -44.87
N THR B 22 8.93 1.31 -43.83
CA THR B 22 8.25 0.02 -43.97
C THR B 22 6.74 0.12 -44.30
N GLU B 23 6.13 1.26 -43.99
CA GLU B 23 4.67 1.47 -44.14
C GLU B 23 3.85 0.44 -43.32
N LYS B 24 4.50 -0.22 -42.37
CA LYS B 24 3.88 -1.22 -41.52
C LYS B 24 3.66 -0.62 -40.13
N TRP B 25 2.41 -0.56 -39.68
CA TRP B 25 2.03 0.08 -38.41
C TRP B 25 1.51 -0.91 -37.37
N MET B 26 1.89 -0.72 -36.10
CA MET B 26 1.44 -1.62 -35.04
CA MET B 26 1.49 -1.64 -35.02
C MET B 26 1.08 -0.83 -33.80
N PRO B 27 0.24 -1.41 -32.91
CA PRO B 27 -0.12 -0.67 -31.67
C PRO B 27 1.09 -0.32 -30.84
N ALA B 28 1.07 0.88 -30.26
CA ALA B 28 2.16 1.30 -29.39
C ALA B 28 1.56 1.73 -28.07
N THR B 29 2.40 1.80 -27.03
CA THR B 29 1.99 2.29 -25.72
C THR B 29 2.71 3.62 -25.50
N VAL B 30 1.95 4.66 -25.14
CA VAL B 30 2.52 6.00 -24.90
C VAL B 30 1.95 6.51 -23.56
N PRO B 31 2.83 6.99 -22.63
CA PRO B 31 4.30 7.08 -22.81
C PRO B 31 4.97 5.73 -22.97
N GLY B 32 6.09 5.74 -23.67
CA GLY B 32 6.83 4.49 -23.91
C GLY B 32 8.08 4.72 -24.73
N THR B 33 8.63 3.61 -25.22
CA THR B 33 9.85 3.60 -25.99
C THR B 33 9.67 2.71 -27.20
N VAL B 34 10.50 2.97 -28.21
CA VAL B 34 10.54 2.14 -29.41
C VAL B 34 10.87 0.68 -29.00
N HIS B 35 11.90 0.51 -28.17
CA HIS B 35 12.30 -0.83 -27.72
C HIS B 35 11.19 -1.58 -27.01
N GLN B 36 10.44 -0.95 -26.12
CA GLN B 36 9.37 -1.69 -25.43
C GLN B 36 8.22 -2.02 -26.41
N ASP B 37 7.93 -1.11 -27.32
CA ASP B 37 6.87 -1.38 -28.32
C ASP B 37 7.24 -2.60 -29.21
N LEU B 38 8.50 -2.67 -29.63
CA LEU B 38 9.07 -3.86 -30.33
C LEU B 38 9.02 -5.12 -29.49
N ILE B 39 9.47 -5.02 -28.24
CA ILE B 39 9.38 -6.15 -27.27
C ILE B 39 7.95 -6.69 -27.08
N SER B 40 6.99 -5.79 -26.93
CA SER B 40 5.56 -6.13 -26.78
CA SER B 40 5.59 -6.21 -26.75
C SER B 40 5.02 -6.94 -27.97
N HIS B 41 5.64 -6.77 -29.13
CA HIS B 41 5.22 -7.51 -30.31
C HIS B 41 6.17 -8.66 -30.66
N GLU B 42 7.05 -8.98 -29.73
CA GLU B 42 8.12 -9.97 -29.93
C GLU B 42 8.91 -9.69 -31.20
N LEU B 43 9.21 -8.41 -31.45
CA LEU B 43 10.10 -8.03 -32.57
C LEU B 43 11.51 -7.74 -32.07
N LEU B 44 11.69 -7.89 -30.76
CA LEU B 44 13.02 -7.90 -30.12
C LEU B 44 13.04 -9.00 -29.09
N PRO B 45 14.22 -9.63 -28.89
CA PRO B 45 14.33 -10.55 -27.77
C PRO B 45 14.50 -9.72 -26.50
N ASN B 46 14.41 -10.39 -25.34
CA ASN B 46 14.54 -9.73 -24.05
C ASN B 46 15.96 -9.14 -24.01
N PRO B 47 16.09 -7.79 -24.02
CA PRO B 47 17.45 -7.23 -24.14
C PRO B 47 18.36 -7.54 -22.97
N PHE B 48 17.76 -7.86 -21.81
CA PHE B 48 18.51 -8.07 -20.58
C PHE B 48 18.96 -9.52 -20.45
N TYR B 49 18.52 -10.38 -21.37
CA TYR B 49 18.82 -11.81 -21.24
C TYR B 49 20.10 -12.23 -21.98
N GLY B 50 20.91 -13.05 -21.33
CA GLY B 50 22.06 -13.67 -22.02
C GLY B 50 22.97 -12.76 -22.82
N MET B 51 23.13 -13.09 -24.11
CA MET B 51 23.99 -12.33 -25.05
C MET B 51 23.18 -11.36 -25.93
N ASN B 52 21.95 -11.04 -25.51
CA ASN B 52 21.02 -10.23 -26.34
C ASN B 52 21.39 -8.77 -26.59
N GLU B 53 22.32 -8.20 -25.83
CA GLU B 53 22.66 -6.77 -26.04
C GLU B 53 23.06 -6.47 -27.48
N LYS B 54 23.93 -7.30 -28.05
CA LYS B 54 24.43 -7.10 -29.41
C LYS B 54 23.29 -7.19 -30.42
N LYS B 55 22.33 -8.04 -30.10
CA LYS B 55 21.21 -8.40 -30.98
C LYS B 55 20.18 -7.30 -31.13
N ILE B 56 20.22 -6.31 -30.23
CA ILE B 56 19.20 -5.26 -30.22
C ILE B 56 19.73 -3.89 -30.67
N GLN B 57 20.99 -3.84 -31.06
CA GLN B 57 21.63 -2.57 -31.39
C GLN B 57 21.12 -1.93 -32.70
N TRP B 58 20.62 -2.78 -33.62
CA TRP B 58 20.08 -2.33 -34.91
C TRP B 58 19.02 -1.21 -34.78
N VAL B 59 18.25 -1.24 -33.71
CA VAL B 59 17.14 -0.28 -33.51
C VAL B 59 17.65 1.17 -33.61
N GLU B 60 18.84 1.43 -33.04
CA GLU B 60 19.37 2.79 -32.92
C GLU B 60 19.75 3.39 -34.27
N ASN B 61 19.84 2.54 -35.29
CA ASN B 61 20.18 2.97 -36.66
C ASN B 61 18.96 3.27 -37.57
N GLU B 62 17.77 2.95 -37.09
CA GLU B 62 16.51 3.22 -37.84
C GLU B 62 15.83 4.50 -37.35
N ASP B 63 14.98 5.08 -38.21
CA ASP B 63 14.04 6.14 -37.78
C ASP B 63 12.71 5.48 -37.45
N TRP B 64 11.98 6.11 -36.53
CA TRP B 64 10.74 5.54 -36.00
C TRP B 64 9.63 6.60 -36.00
N GLU B 65 8.45 6.20 -36.48
CA GLU B 65 7.31 7.11 -36.60
C GLU B 65 6.20 6.67 -35.66
N TYR B 66 5.49 7.64 -35.08
CA TYR B 66 4.36 7.38 -34.17
C TYR B 66 3.19 8.20 -34.67
N ARG B 67 1.99 7.69 -34.45
CA ARG B 67 0.77 8.42 -34.87
C ARG B 67 -0.37 8.08 -33.95
N THR B 68 -1.28 9.05 -33.80
CA THR B 68 -2.56 8.82 -33.17
C THR B 68 -3.59 9.76 -33.79
N SER B 69 -4.86 9.46 -33.56
CA SER B 69 -5.93 10.38 -33.97
CA SER B 69 -5.95 10.35 -33.98
C SER B 69 -6.82 10.62 -32.76
N PHE B 70 -7.52 11.74 -32.75
CA PHE B 70 -8.37 12.09 -31.63
C PHE B 70 -9.48 13.02 -32.12
N ILE B 71 -10.60 13.02 -31.42
CA ILE B 71 -11.76 13.83 -31.79
C ILE B 71 -11.80 15.15 -31.01
N VAL B 72 -12.11 16.24 -31.68
CA VAL B 72 -12.32 17.55 -31.03
C VAL B 72 -13.75 18.03 -31.35
N SER B 73 -14.46 18.47 -30.33
CA SER B 73 -15.86 18.87 -30.46
C SER B 73 -16.00 20.35 -30.83
N GLU B 74 -17.18 20.75 -31.32
CA GLU B 74 -17.44 22.17 -31.50
C GLU B 74 -17.22 22.97 -30.19
N GLU B 75 -17.69 22.41 -29.08
CA GLU B 75 -17.54 23.01 -27.75
C GLU B 75 -16.07 23.25 -27.39
N GLN B 76 -15.25 22.22 -27.59
CA GLN B 76 -13.81 22.32 -27.30
C GLN B 76 -13.14 23.33 -28.21
N LEU B 77 -13.47 23.29 -29.50
CA LEU B 77 -13.05 24.33 -30.44
C LEU B 77 -13.47 25.77 -30.14
N ASN B 78 -14.49 25.97 -29.31
CA ASN B 78 -14.90 27.32 -28.94
C ASN B 78 -14.20 27.85 -27.68
N ARG B 79 -13.34 27.04 -27.04
CA ARG B 79 -12.54 27.56 -25.91
C ARG B 79 -11.53 28.64 -26.41
N ASP B 80 -11.15 29.58 -25.54
CA ASP B 80 -10.24 30.67 -25.92
C ASP B 80 -8.87 30.19 -26.42
N GLY B 81 -8.34 29.16 -25.77
CA GLY B 81 -7.01 28.68 -26.12
C GLY B 81 -6.98 27.16 -26.05
N ILE B 82 -6.11 26.55 -26.86
CA ILE B 82 -5.91 25.09 -26.80
C ILE B 82 -4.40 24.79 -27.00
N GLN B 83 -3.82 24.07 -26.03
CA GLN B 83 -2.37 23.78 -26.02
C GLN B 83 -2.16 22.29 -26.12
N LEU B 84 -1.16 21.88 -26.91
CA LEU B 84 -0.71 20.51 -26.94
C LEU B 84 0.60 20.49 -26.15
N ILE B 85 0.70 19.59 -25.18
CA ILE B 85 1.81 19.67 -24.22
C ILE B 85 2.57 18.34 -24.27
N PHE B 86 3.89 18.41 -24.51
CA PHE B 86 4.71 17.22 -24.53
C PHE B 86 5.65 17.32 -23.32
N GLU B 87 5.45 16.47 -22.31
CA GLU B 87 6.34 16.48 -21.16
C GLU B 87 7.71 15.88 -21.46
N GLY B 88 7.85 15.17 -22.57
CA GLY B 88 9.18 14.63 -22.97
C GLY B 88 9.13 13.91 -24.33
N LEU B 89 10.07 14.28 -25.20
CA LEU B 89 10.28 13.65 -26.50
C LEU B 89 11.77 13.30 -26.57
N ASP B 90 12.03 12.02 -26.78
CA ASP B 90 13.38 11.44 -26.87
C ASP B 90 13.64 11.04 -28.35
N THR B 91 14.38 11.82 -29.16
CA THR B 91 14.92 13.18 -28.87
C THR B 91 14.73 14.17 -30.03
N TYR B 92 15.16 13.79 -31.23
CA TYR B 92 15.02 14.61 -32.41
C TYR B 92 13.70 14.21 -33.06
N ALA B 93 12.62 14.93 -32.73
CA ALA B 93 11.25 14.51 -33.04
C ALA B 93 10.58 15.64 -33.78
N ASP B 94 10.11 15.37 -34.99
CA ASP B 94 9.31 16.37 -35.73
C ASP B 94 7.83 16.05 -35.53
N VAL B 95 7.08 17.02 -35.03
CA VAL B 95 5.70 16.85 -34.60
C VAL B 95 4.78 17.54 -35.62
N TYR B 96 3.92 16.74 -36.26
CA TYR B 96 2.96 17.23 -37.29
C TYR B 96 1.54 17.04 -36.80
N LEU B 97 0.73 18.08 -36.92
CA LEU B 97 -0.67 17.95 -36.56
C LEU B 97 -1.46 18.54 -37.72
N ASN B 98 -2.30 17.70 -38.33
CA ASN B 98 -3.23 18.18 -39.39
C ASN B 98 -2.51 18.96 -40.50
N GLY B 99 -1.40 18.40 -40.95
CA GLY B 99 -0.58 19.04 -41.98
C GLY B 99 0.34 20.17 -41.57
N SER B 100 0.39 20.55 -40.28
CA SER B 100 1.29 21.60 -39.78
C SER B 100 2.44 20.99 -39.01
N LEU B 101 3.67 21.43 -39.33
CA LEU B 101 4.86 21.07 -38.53
C LEU B 101 4.82 22.01 -37.31
N LEU B 102 4.56 21.43 -36.14
CA LEU B 102 4.41 22.25 -34.91
C LEU B 102 5.74 22.52 -34.22
N LEU B 103 6.65 21.58 -34.34
CA LEU B 103 7.84 21.58 -33.50
C LEU B 103 8.90 20.64 -34.10
N LYS B 104 10.16 21.07 -34.08
CA LYS B 104 11.31 20.17 -34.28
C LYS B 104 12.05 20.10 -32.93
N ALA B 105 11.69 19.10 -32.14
CA ALA B 105 12.19 18.94 -30.76
C ALA B 105 13.65 18.45 -30.83
N ASP B 106 14.47 18.84 -29.88
CA ASP B 106 15.90 18.46 -29.94
C ASP B 106 16.50 18.35 -28.54
N ASN B 107 15.65 18.09 -27.56
CA ASN B 107 16.18 17.95 -26.19
C ASN B 107 15.26 17.09 -25.32
N MET B 108 15.75 15.95 -24.92
CA MET B 108 14.96 14.97 -24.18
C MET B 108 14.43 15.55 -22.85
N PHE B 109 15.16 16.53 -22.32
CA PHE B 109 14.97 17.07 -20.98
C PHE B 109 14.06 18.29 -20.88
N VAL B 110 13.50 18.67 -22.02
CA VAL B 110 12.65 19.85 -22.12
C VAL B 110 11.16 19.46 -22.33
N GLY B 111 10.27 20.11 -21.58
CA GLY B 111 8.80 19.99 -21.82
C GLY B 111 8.40 21.08 -22.80
N TYR B 112 7.53 20.77 -23.76
CA TYR B 112 7.14 21.77 -24.77
C TYR B 112 5.64 22.02 -24.68
N THR B 113 5.23 23.30 -24.76
CA THR B 113 3.82 23.67 -24.72
C THR B 113 3.51 24.39 -26.01
N LEU B 114 2.59 23.85 -26.82
CA LEU B 114 2.39 24.34 -28.19
C LEU B 114 0.95 24.86 -28.37
N PRO B 115 0.78 26.14 -28.77
CA PRO B 115 -0.57 26.64 -29.07
C PRO B 115 -1.09 25.98 -30.34
N VAL B 116 -2.28 25.34 -30.29
CA VAL B 116 -2.73 24.59 -31.48
C VAL B 116 -4.20 24.87 -31.89
N LYS B 117 -4.89 25.78 -31.19
CA LYS B 117 -6.30 26.04 -31.53
C LYS B 117 -6.54 26.21 -33.06
N SER B 118 -5.71 27.02 -33.72
CA SER B 118 -5.93 27.36 -35.12
C SER B 118 -5.59 26.24 -36.12
N VAL B 119 -4.94 25.17 -35.64
CA VAL B 119 -4.68 24.01 -36.51
C VAL B 119 -5.63 22.83 -36.28
N LEU B 120 -6.34 22.85 -35.14
CA LEU B 120 -7.28 21.78 -34.83
C LEU B 120 -8.53 21.89 -35.72
N ARG B 121 -9.21 20.77 -35.93
CA ARG B 121 -10.42 20.71 -36.75
C ARG B 121 -11.54 20.08 -35.92
N LYS B 122 -12.79 20.43 -36.21
CA LYS B 122 -13.90 19.72 -35.57
C LYS B 122 -13.89 18.31 -36.12
N GLY B 123 -14.15 17.32 -35.27
CA GLY B 123 -14.06 15.93 -35.70
C GLY B 123 -12.65 15.36 -35.52
N GLU B 124 -12.22 14.57 -36.52
CA GLU B 124 -10.93 13.85 -36.49
C GLU B 124 -9.71 14.76 -36.68
N ASN B 125 -8.71 14.52 -35.83
CA ASN B 125 -7.43 15.23 -35.88
C ASN B 125 -6.34 14.19 -35.91
N HIS B 126 -5.29 14.45 -36.67
CA HIS B 126 -4.24 13.45 -36.86
C HIS B 126 -2.90 14.00 -36.42
N LEU B 127 -2.27 13.28 -35.52
CA LEU B 127 -0.99 13.71 -34.94
C LEU B 127 0.05 12.70 -35.36
N TYR B 128 1.09 13.15 -36.07
CA TYR B 128 2.20 12.27 -36.43
C TYR B 128 3.51 12.77 -35.82
N ILE B 129 4.36 11.85 -35.38
CA ILE B 129 5.67 12.26 -34.86
C ILE B 129 6.73 11.40 -35.51
N TYR B 130 7.74 12.05 -36.05
CA TYR B 130 8.87 11.40 -36.74
C TYR B 130 10.10 11.53 -35.83
N PHE B 131 10.55 10.41 -35.28
CA PHE B 131 11.81 10.35 -34.47
C PHE B 131 13.03 9.95 -35.34
N HIS B 132 13.87 10.95 -35.63
CA HIS B 132 15.17 10.69 -36.24
C HIS B 132 16.07 9.91 -35.28
N SER B 133 16.69 8.86 -35.80
CA SER B 133 17.80 8.19 -35.12
C SER B 133 18.78 9.23 -34.59
N PRO B 134 19.05 9.21 -33.28
CA PRO B 134 20.00 10.14 -32.72
C PRO B 134 21.44 9.83 -33.14
N ILE B 135 21.67 8.61 -33.66
CA ILE B 135 22.95 8.24 -34.26
C ILE B 135 23.07 8.90 -35.65
N ARG B 136 22.15 8.56 -36.54
CA ARG B 136 22.17 9.20 -37.88
C ARG B 136 22.15 10.70 -37.82
N GLN B 137 21.40 11.25 -36.86
CA GLN B 137 21.25 12.69 -36.76
C GLN B 137 22.58 13.39 -36.44
N THR B 138 23.49 12.69 -35.78
CA THR B 138 24.72 13.35 -35.33
C THR B 138 25.97 12.87 -36.09
N LEU B 139 25.81 11.96 -37.03
CA LEU B 139 26.94 11.50 -37.81
C LEU B 139 27.61 12.62 -38.59
N PRO B 140 26.82 13.50 -39.27
CA PRO B 140 27.47 14.60 -40.00
C PRO B 140 28.13 15.54 -39.03
N GLN B 141 27.49 15.72 -37.87
CA GLN B 141 28.04 16.60 -36.87
C GLN B 141 29.39 16.08 -36.39
N TYR B 142 29.43 14.77 -36.08
CA TYR B 142 30.67 14.09 -35.70
C TYR B 142 31.77 14.24 -36.78
N ALA B 143 31.41 13.94 -38.02
CA ALA B 143 32.31 14.08 -39.17
C ALA B 143 32.93 15.48 -39.28
N SER B 144 32.12 16.51 -39.05
CA SER B 144 32.58 17.90 -39.13
C SER B 144 33.49 18.32 -37.96
N ASN B 145 33.51 17.53 -36.90
CA ASN B 145 34.14 17.94 -35.65
C ASN B 145 35.66 17.81 -35.67
N GLY B 146 36.17 16.84 -36.43
CA GLY B 146 37.63 16.65 -36.51
C GLY B 146 38.30 15.91 -35.37
N PHE B 147 37.57 15.63 -34.29
CA PHE B 147 38.09 14.80 -33.19
C PHE B 147 36.94 14.03 -32.54
N ASN B 148 37.27 13.00 -31.75
CA ASN B 148 36.29 12.17 -31.07
C ASN B 148 36.34 12.56 -29.58
N TYR B 149 35.23 13.06 -29.04
CA TYR B 149 35.19 13.38 -27.59
C TYR B 149 35.52 12.14 -26.78
N PRO B 150 36.25 12.27 -25.64
CA PRO B 150 36.71 11.10 -24.86
C PRO B 150 35.65 10.56 -23.88
N ALA B 151 34.47 10.26 -24.39
CA ALA B 151 33.40 9.65 -23.63
C ALA B 151 33.47 8.11 -23.68
N ASP B 152 34.33 7.55 -22.85
CA ASP B 152 34.55 6.11 -22.85
C ASP B 152 33.35 5.28 -22.43
N ASN B 153 32.37 5.90 -21.74
CA ASN B 153 31.16 5.17 -21.38
C ASN B 153 30.13 5.10 -22.53
N ASP B 154 30.39 5.84 -23.61
CA ASP B 154 29.55 5.77 -24.83
C ASP B 154 30.07 4.59 -25.69
N HIS B 155 29.32 3.49 -25.67
CA HIS B 155 29.82 2.18 -26.13
C HIS B 155 29.67 2.00 -27.63
N HIS B 156 30.43 2.82 -28.36
CA HIS B 156 30.43 2.89 -29.81
C HIS B 156 31.79 3.48 -30.21
N GLU B 157 32.30 3.09 -31.38
CA GLU B 157 33.51 3.71 -31.89
C GLU B 157 33.43 5.24 -31.95
N LYS B 158 32.27 5.76 -32.36
CA LYS B 158 32.05 7.20 -32.45
C LYS B 158 31.26 7.65 -31.23
N HIS B 159 31.77 8.64 -30.50
CA HIS B 159 31.11 9.07 -29.24
C HIS B 159 30.11 10.19 -29.50
N LEU B 160 28.95 9.77 -30.00
CA LEU B 160 27.92 10.68 -30.48
C LEU B 160 27.05 11.26 -29.34
N SER B 161 27.12 10.62 -28.16
CA SER B 161 26.32 11.10 -27.02
C SER B 161 26.52 12.57 -26.72
N VAL B 162 27.74 13.09 -26.83
CA VAL B 162 28.05 14.43 -26.32
C VAL B 162 27.33 15.50 -27.16
N PHE B 163 26.96 15.13 -28.40
CA PHE B 163 26.28 16.09 -29.26
C PHE B 163 24.79 16.22 -28.96
N SER B 164 24.22 15.22 -28.27
CA SER B 164 22.76 15.19 -28.04
C SER B 164 22.38 15.43 -26.58
N ARG B 165 21.38 16.29 -26.38
CA ARG B 165 20.79 16.43 -25.05
C ARG B 165 19.78 15.26 -24.82
N LYS B 166 20.34 14.12 -24.39
CA LYS B 166 19.65 12.84 -24.26
C LYS B 166 20.41 12.14 -23.14
N ALA B 167 19.69 11.33 -22.35
CA ALA B 167 20.21 10.65 -21.17
C ALA B 167 21.57 9.96 -21.51
N PRO B 168 22.69 10.44 -20.90
CA PRO B 168 24.01 9.88 -21.25
C PRO B 168 24.11 8.38 -21.14
N TYR B 169 23.54 7.80 -20.06
CA TYR B 169 23.62 6.35 -19.80
C TYR B 169 22.96 5.50 -20.89
N SER B 170 22.08 6.11 -21.70
CA SER B 170 21.37 5.31 -22.73
C SER B 170 22.37 4.79 -23.79
N TYR B 171 23.52 5.46 -23.90
CA TYR B 171 24.60 5.05 -24.82
C TYR B 171 25.51 3.95 -24.26
N GLY B 172 25.20 3.52 -23.03
CA GLY B 172 26.01 2.54 -22.30
C GLY B 172 26.63 3.18 -21.08
N TRP B 173 27.11 2.37 -20.16
CA TRP B 173 27.87 2.91 -19.03
C TRP B 173 28.61 1.71 -18.43
N ASP B 174 29.45 1.93 -17.41
CA ASP B 174 30.24 0.83 -16.85
C ASP B 174 29.45 -0.08 -15.87
N TRP B 175 28.14 0.18 -15.76
CA TRP B 175 27.18 -0.73 -15.13
C TRP B 175 25.95 -0.88 -16.01
N GLY B 176 26.03 -0.43 -17.26
CA GLY B 176 24.80 -0.20 -18.07
C GLY B 176 24.81 -0.80 -19.44
N ILE B 177 23.64 -1.21 -19.88
CA ILE B 177 23.48 -1.75 -21.24
C ILE B 177 23.26 -0.56 -22.21
N ARG B 178 23.71 -0.70 -23.46
CA ARG B 178 23.48 0.32 -24.45
C ARG B 178 22.13 0.08 -25.11
N MET B 179 21.20 1.01 -24.87
CA MET B 179 19.87 0.96 -25.45
CA MET B 179 19.88 0.97 -25.47
C MET B 179 19.51 2.40 -25.82
N VAL B 180 19.97 2.80 -26.99
CA VAL B 180 19.80 4.17 -27.48
C VAL B 180 18.38 4.22 -28.04
N THR B 181 17.43 4.57 -27.16
CA THR B 181 16.02 4.46 -27.49
C THR B 181 15.48 5.80 -27.95
N SER B 182 14.20 5.81 -28.29
CA SER B 182 13.49 6.97 -28.77
C SER B 182 12.02 6.84 -28.35
N GLY B 183 11.28 7.93 -28.46
CA GLY B 183 9.85 7.89 -28.30
C GLY B 183 9.31 9.02 -27.40
N VAL B 184 7.99 8.97 -27.21
CA VAL B 184 7.26 9.91 -26.36
C VAL B 184 7.40 9.39 -24.93
N TRP B 185 8.43 9.85 -24.21
CA TRP B 185 8.83 9.17 -22.97
C TRP B 185 8.15 9.71 -21.71
N ARG B 186 7.45 10.85 -21.84
CA ARG B 186 6.56 11.37 -20.79
C ARG B 186 5.20 11.79 -21.38
N PRO B 187 4.18 12.08 -20.53
CA PRO B 187 2.82 12.21 -21.08
C PRO B 187 2.59 13.35 -22.07
N VAL B 188 1.58 13.16 -22.93
CA VAL B 188 1.14 14.16 -23.90
C VAL B 188 -0.29 14.47 -23.54
N THR B 189 -0.58 15.78 -23.46
CA THR B 189 -1.85 16.30 -22.98
CA THR B 189 -1.92 16.21 -23.12
C THR B 189 -2.34 17.40 -23.93
N LEU B 190 -3.66 17.54 -24.07
CA LEU B 190 -4.23 18.70 -24.72
C LEU B 190 -4.99 19.45 -23.66
N ARG B 191 -4.82 20.77 -23.57
CA ARG B 191 -5.51 21.57 -22.54
C ARG B 191 -6.38 22.60 -23.27
N PHE B 192 -7.66 22.58 -22.96
CA PHE B 192 -8.65 23.54 -23.51
C PHE B 192 -8.99 24.51 -22.37
N TYR B 193 -8.87 25.80 -22.61
CA TYR B 193 -9.03 26.73 -21.51
C TYR B 193 -9.56 28.09 -21.95
N ASP B 194 -9.98 28.87 -20.97
CA ASP B 194 -10.40 30.24 -21.23
C ASP B 194 -9.47 31.25 -20.60
N ILE B 195 -9.31 32.38 -21.31
CA ILE B 195 -8.55 33.56 -20.87
C ILE B 195 -7.05 33.39 -20.83
N ALA B 196 -6.60 32.47 -19.96
CA ALA B 196 -5.17 32.43 -19.65
C ALA B 196 -4.81 31.11 -19.01
N THR B 197 -3.51 30.81 -19.00
CA THR B 197 -2.96 29.71 -18.20
C THR B 197 -1.91 30.28 -17.25
N ILE B 198 -1.65 29.58 -16.15
CA ILE B 198 -0.53 29.90 -15.28
C ILE B 198 0.64 29.06 -15.85
N SER B 199 1.57 29.75 -16.52
CA SER B 199 2.71 29.01 -17.07
CA SER B 199 2.77 29.11 -17.09
C SER B 199 3.74 28.69 -15.99
N ASP B 200 3.75 29.45 -14.88
CA ASP B 200 4.65 29.10 -13.77
C ASP B 200 4.14 29.68 -12.45
N TYR B 201 4.35 28.93 -11.38
CA TYR B 201 4.07 29.39 -10.02
C TYR B 201 5.24 29.03 -9.14
N TYR B 202 5.86 30.05 -8.57
CA TYR B 202 7.02 29.82 -7.75
C TYR B 202 6.75 30.44 -6.37
N VAL B 203 6.88 29.61 -5.34
CA VAL B 203 6.74 30.11 -3.98
C VAL B 203 8.13 30.39 -3.43
N ARG B 204 8.47 31.68 -3.37
CA ARG B 204 9.79 32.10 -2.95
C ARG B 204 9.83 32.39 -1.45
N GLN B 205 10.65 31.67 -0.71
CA GLN B 205 10.75 31.94 0.71
C GLN B 205 11.69 33.11 0.94
N LEU B 206 11.15 34.16 1.55
CA LEU B 206 11.92 35.40 1.76
C LEU B 206 12.69 35.30 3.06
N SER B 207 12.06 34.69 4.06
CA SER B 207 12.65 34.57 5.40
C SER B 207 11.87 33.51 6.18
N LEU B 208 12.55 32.91 7.15
CA LEU B 208 11.95 31.89 7.99
C LEU B 208 12.51 31.96 9.40
N THR B 209 11.63 32.19 10.37
CA THR B 209 11.98 32.05 11.76
C THR B 209 10.93 31.16 12.45
N ASP B 210 11.19 30.81 13.71
CA ASP B 210 10.20 30.06 14.48
C ASP B 210 8.86 30.80 14.57
N GLU B 211 8.91 32.12 14.50
CA GLU B 211 7.71 32.97 14.66
C GLU B 211 6.95 33.26 13.37
N ASN B 212 7.64 33.26 12.24
CA ASN B 212 7.04 33.71 10.99
C ASN B 212 7.80 33.22 9.77
N ALA B 213 7.03 32.85 8.75
CA ALA B 213 7.59 32.55 7.44
C ALA B 213 7.05 33.60 6.47
N ARG B 214 7.95 34.28 5.77
CA ARG B 214 7.51 35.24 4.76
C ARG B 214 7.80 34.67 3.36
N LEU B 215 6.73 34.55 2.56
CA LEU B 215 6.79 34.03 1.19
C LEU B 215 6.39 35.10 0.18
N SER B 216 6.89 34.93 -1.05
CA SER B 216 6.48 35.74 -2.17
C SER B 216 5.96 34.80 -3.26
N ASN B 217 4.68 34.93 -3.57
CA ASN B 217 4.04 34.11 -4.59
C ASN B 217 4.22 34.75 -5.97
N GLU B 218 5.09 34.15 -6.79
CA GLU B 218 5.42 34.68 -8.12
C GLU B 218 4.74 33.85 -9.17
N LEU B 219 3.90 34.53 -9.95
CA LEU B 219 3.16 33.89 -11.04
C LEU B 219 3.49 34.47 -12.40
N ILE B 220 3.60 33.59 -13.37
CA ILE B 220 3.67 34.00 -14.76
C ILE B 220 2.37 33.51 -15.37
N VAL B 221 1.60 34.44 -15.89
CA VAL B 221 0.27 34.15 -16.44
C VAL B 221 0.28 34.52 -17.93
N ASN B 222 -0.07 33.56 -18.78
CA ASN B 222 -0.07 33.79 -20.23
C ASN B 222 -1.49 33.96 -20.74
N GLN B 223 -1.84 35.19 -21.13
CA GLN B 223 -3.19 35.45 -21.61
C GLN B 223 -3.29 35.30 -23.13
N ILE B 224 -4.29 34.54 -23.55
CA ILE B 224 -4.46 34.19 -24.97
C ILE B 224 -5.46 35.12 -25.69
N VAL B 225 -6.25 35.87 -24.93
CA VAL B 225 -7.27 36.78 -25.53
C VAL B 225 -6.75 38.22 -25.71
N PRO B 226 -7.29 38.95 -26.73
CA PRO B 226 -6.73 40.28 -27.11
C PRO B 226 -7.09 41.43 -26.19
N GLN B 227 -8.16 41.32 -25.44
CA GLN B 227 -8.61 42.46 -24.64
C GLN B 227 -7.93 42.51 -23.26
N LYS B 228 -7.99 43.66 -22.59
CA LYS B 228 -7.58 43.76 -21.20
C LYS B 228 -8.60 43.02 -20.34
N ILE B 229 -8.10 42.26 -19.36
CA ILE B 229 -8.98 41.41 -18.57
C ILE B 229 -8.80 41.71 -17.10
N PRO B 230 -9.84 42.26 -16.46
CA PRO B 230 -9.77 42.41 -15.01
C PRO B 230 -9.83 41.01 -14.36
N ALA B 231 -8.99 40.80 -13.35
CA ALA B 231 -8.94 39.48 -12.70
C ALA B 231 -8.57 39.68 -11.25
N GLU B 232 -8.82 38.65 -10.44
CA GLU B 232 -8.33 38.66 -9.07
C GLU B 232 -7.46 37.42 -8.91
N VAL B 233 -6.21 37.62 -8.51
CA VAL B 233 -5.34 36.48 -8.15
C VAL B 233 -5.58 36.12 -6.69
N ARG B 234 -5.76 34.84 -6.40
CA ARG B 234 -6.02 34.40 -5.02
C ARG B 234 -4.96 33.36 -4.69
N VAL B 235 -4.36 33.50 -3.51
CA VAL B 235 -3.46 32.43 -3.03
C VAL B 235 -4.00 31.91 -1.73
N ASN B 236 -4.22 30.61 -1.69
CA ASN B 236 -4.62 29.94 -0.45
C ASN B 236 -3.51 29.07 0.07
N VAL B 237 -3.20 29.22 1.34
CA VAL B 237 -2.18 28.39 2.02
C VAL B 237 -2.92 27.57 3.07
N SER B 238 -2.81 26.25 2.95
CA SER B 238 -3.47 25.33 3.87
CA SER B 238 -3.44 25.38 3.92
C SER B 238 -2.49 24.32 4.42
N LEU B 239 -2.84 23.75 5.58
CA LEU B 239 -2.03 22.67 6.16
C LEU B 239 -2.99 21.56 6.57
N ASN B 240 -2.86 20.39 5.95
CA ASN B 240 -3.69 19.24 6.31
C ASN B 240 -5.18 19.54 6.23
N GLY B 241 -5.58 20.28 5.19
CA GLY B 241 -7.00 20.50 4.92
C GLY B 241 -7.63 21.70 5.61
N THR B 242 -6.82 22.46 6.34
CA THR B 242 -7.33 23.71 6.93
C THR B 242 -6.54 24.94 6.46
N THR B 243 -7.27 25.96 5.99
CA THR B 243 -6.63 27.21 5.55
C THR B 243 -5.87 27.85 6.69
N VAL B 244 -4.62 28.23 6.43
CA VAL B 244 -3.86 29.01 7.40
C VAL B 244 -3.77 30.50 7.05
N THR B 245 -3.68 30.79 5.75
CA THR B 245 -3.73 32.18 5.27
C THR B 245 -4.23 32.25 3.84
N GLU B 246 -4.87 33.36 3.52
CA GLU B 246 -5.36 33.62 2.16
C GLU B 246 -5.07 35.08 1.83
N VAL B 247 -4.60 35.29 0.62
CA VAL B 247 -4.25 36.64 0.12
C VAL B 247 -4.84 36.78 -1.28
N LYS B 248 -5.22 38.01 -1.65
CA LYS B 248 -5.74 38.25 -3.00
C LYS B 248 -5.28 39.61 -3.49
N GLN B 249 -5.30 39.78 -4.80
CA GLN B 249 -4.83 41.01 -5.40
C GLN B 249 -5.61 41.22 -6.69
N GLN B 250 -6.09 42.46 -6.91
CA GLN B 250 -6.77 42.80 -8.17
C GLN B 250 -5.72 43.09 -9.21
N VAL B 251 -5.90 42.58 -10.42
CA VAL B 251 -4.96 42.84 -11.50
C VAL B 251 -5.69 43.10 -12.82
N THR B 252 -5.01 43.72 -13.78
CA THR B 252 -5.53 43.73 -15.14
C THR B 252 -4.58 42.96 -16.00
N LEU B 253 -5.06 41.85 -16.57
CA LEU B 253 -4.21 41.02 -17.39
C LEU B 253 -4.19 41.59 -18.80
N GLN B 254 -3.01 41.55 -19.42
CA GLN B 254 -2.84 41.95 -20.82
C GLN B 254 -2.51 40.75 -21.73
N PRO B 255 -2.72 40.88 -23.05
CA PRO B 255 -2.37 39.79 -23.95
C PRO B 255 -0.90 39.37 -23.77
N GLY B 256 -0.64 38.06 -23.83
CA GLY B 256 0.71 37.51 -23.62
C GLY B 256 1.12 37.39 -22.14
N ILE B 257 2.40 37.64 -21.88
CA ILE B 257 3.02 37.34 -20.61
C ILE B 257 2.66 38.37 -19.54
N ASN B 258 2.20 37.89 -18.40
CA ASN B 258 1.97 38.76 -17.24
C ASN B 258 2.80 38.24 -16.07
N HIS B 259 3.45 39.16 -15.35
CA HIS B 259 4.14 38.81 -14.11
C HIS B 259 3.37 39.38 -12.92
N ILE B 260 3.06 38.52 -11.97
CA ILE B 260 2.28 38.91 -10.81
C ILE B 260 3.00 38.41 -9.56
N THR B 261 3.03 39.24 -8.51
CA THR B 261 3.64 38.85 -7.24
C THR B 261 2.73 39.20 -6.07
N LEU B 262 2.47 38.23 -5.18
CA LEU B 262 1.66 38.47 -3.96
C LEU B 262 2.37 37.93 -2.77
N PRO B 263 2.55 38.77 -1.73
CA PRO B 263 3.18 38.25 -0.52
C PRO B 263 2.17 37.44 0.32
N ALA B 264 2.69 36.48 1.07
CA ALA B 264 1.93 35.77 2.10
C ALA B 264 2.85 35.45 3.29
N GLU B 265 2.28 35.40 4.50
CA GLU B 265 3.02 35.01 5.69
C GLU B 265 2.34 33.86 6.42
N VAL B 266 3.15 32.98 6.97
CA VAL B 266 2.63 31.90 7.79
C VAL B 266 3.18 32.12 9.19
N THR B 267 2.30 32.36 10.15
CA THR B 267 2.72 32.61 11.55
C THR B 267 3.04 31.29 12.28
N ASN B 268 4.03 31.30 13.14
CA ASN B 268 4.43 30.03 13.85
C ASN B 268 4.47 28.84 12.87
N PRO B 269 5.27 28.98 11.81
CA PRO B 269 5.30 27.92 10.80
C PRO B 269 5.75 26.55 11.33
N VAL B 270 5.14 25.50 10.80
CA VAL B 270 5.56 24.15 11.13
C VAL B 270 6.63 23.73 10.09
N ARG B 271 7.85 23.58 10.55
CA ARG B 271 8.95 23.31 9.63
C ARG B 271 8.95 21.91 9.02
N TRP B 272 9.46 21.84 7.78
CA TRP B 272 9.81 20.60 7.13
C TRP B 272 11.17 20.14 7.68
N MET B 273 11.20 18.91 8.23
N MET B 273 11.24 18.94 8.27
CA MET B 273 12.39 18.27 8.78
CA MET B 273 12.50 18.42 8.78
C MET B 273 12.87 17.17 7.84
C MET B 273 12.89 17.18 7.96
N PRO B 274 14.20 16.93 7.80
CA PRO B 274 14.67 15.78 7.03
C PRO B 274 14.50 14.49 7.84
N ASN B 275 14.50 13.36 7.13
CA ASN B 275 14.30 12.04 7.71
C ASN B 275 15.28 11.81 8.87
N GLY B 276 14.72 11.51 10.05
CA GLY B 276 15.51 11.35 11.26
C GLY B 276 15.36 12.52 12.21
N TRP B 277 14.88 13.66 11.72
CA TRP B 277 14.76 14.86 12.54
C TRP B 277 13.33 15.33 12.75
N GLY B 278 12.35 14.53 12.35
CA GLY B 278 10.96 14.85 12.58
C GLY B 278 10.11 14.70 11.32
N THR B 279 9.04 15.49 11.26
CA THR B 279 8.01 15.33 10.24
C THR B 279 8.41 16.18 9.01
N PRO B 280 8.35 15.58 7.80
CA PRO B 280 8.59 16.33 6.58
C PRO B 280 7.32 17.13 6.21
N THR B 281 6.99 18.12 7.05
CA THR B 281 5.71 18.85 6.96
C THR B 281 5.60 19.58 5.64
N LEU B 282 4.46 19.40 4.97
CA LEU B 282 4.19 20.03 3.69
C LEU B 282 2.88 20.81 3.73
N TYR B 283 2.96 22.10 3.41
CA TYR B 283 1.79 22.95 3.20
C TYR B 283 1.31 22.77 1.76
N ASP B 284 0.05 23.12 1.53
CA ASP B 284 -0.53 23.19 0.20
C ASP B 284 -0.70 24.66 -0.17
N PHE B 285 0.03 25.09 -1.17
CA PHE B 285 -0.11 26.48 -1.69
C PHE B 285 -0.85 26.40 -3.01
N SER B 286 -1.99 27.09 -3.09
CA SER B 286 -2.81 27.08 -4.32
C SER B 286 -3.01 28.53 -4.84
N ALA B 287 -2.60 28.77 -6.09
CA ALA B 287 -2.80 30.07 -6.74
C ALA B 287 -3.93 29.94 -7.76
N GLN B 288 -4.82 30.92 -7.76
CA GLN B 288 -5.98 30.88 -8.64
C GLN B 288 -6.03 32.23 -9.39
N ILE B 289 -6.47 32.16 -10.64
CA ILE B 289 -6.83 33.36 -11.44
C ILE B 289 -8.33 33.34 -11.62
N ALA B 290 -8.99 34.31 -10.98
CA ALA B 290 -10.44 34.42 -11.06
C ALA B 290 -10.84 35.57 -11.97
N CYS B 291 -11.67 35.25 -12.96
CA CYS B 291 -12.19 36.21 -13.93
C CYS B 291 -13.71 36.11 -13.75
N GLY B 292 -14.32 37.17 -13.23
CA GLY B 292 -15.70 37.04 -12.73
C GLY B 292 -15.67 36.03 -11.57
N ASP B 293 -16.58 35.08 -11.57
CA ASP B 293 -16.52 34.01 -10.59
C ASP B 293 -15.93 32.69 -11.15
N ARG B 294 -15.42 32.69 -12.39
CA ARG B 294 -14.74 31.53 -12.98
C ARG B 294 -13.27 31.50 -12.52
N ILE B 295 -12.83 30.36 -11.99
CA ILE B 295 -11.41 30.10 -11.78
C ILE B 295 -10.88 29.56 -13.12
N VAL B 296 -10.30 30.46 -13.92
CA VAL B 296 -9.90 30.08 -15.28
C VAL B 296 -8.58 29.31 -15.28
N ALA B 297 -7.79 29.49 -14.24
CA ALA B 297 -6.50 28.78 -14.12
C ALA B 297 -6.12 28.64 -12.66
N GLU B 298 -5.52 27.49 -12.29
CA GLU B 298 -5.16 27.20 -10.92
C GLU B 298 -3.91 26.37 -10.96
N GLN B 299 -3.02 26.61 -10.01
CA GLN B 299 -1.81 25.76 -9.84
C GLN B 299 -1.45 25.64 -8.38
N SER B 300 -1.07 24.42 -7.96
CA SER B 300 -0.81 24.14 -6.56
C SER B 300 0.59 23.54 -6.48
N HIS B 301 1.24 23.78 -5.36
CA HIS B 301 2.45 23.06 -4.98
C HIS B 301 2.36 22.66 -3.52
N ARG B 302 2.97 21.52 -3.21
CA ARG B 302 3.24 21.20 -1.83
C ARG B 302 4.55 21.90 -1.47
N ILE B 303 4.54 22.61 -0.34
CA ILE B 303 5.67 23.46 0.05
C ILE B 303 6.17 23.07 1.44
N GLY B 304 7.49 22.86 1.58
CA GLY B 304 8.08 22.65 2.90
C GLY B 304 8.80 23.93 3.33
N LEU B 305 8.51 24.40 4.54
CA LEU B 305 9.10 25.62 5.09
C LEU B 305 10.35 25.18 5.85
N ARG B 306 11.52 25.46 5.28
CA ARG B 306 12.79 25.10 5.91
C ARG B 306 13.87 25.97 5.28
N THR B 307 14.99 26.07 5.98
CA THR B 307 16.19 26.61 5.36
C THR B 307 17.17 25.50 5.11
N ILE B 308 17.83 25.59 3.95
CA ILE B 308 18.92 24.72 3.61
C ILE B 308 20.05 25.63 3.11
N ARG B 309 21.20 25.50 3.72
CA ARG B 309 22.36 26.32 3.38
C ARG B 309 23.52 25.35 3.23
N VAL B 310 24.16 25.36 2.07
CA VAL B 310 25.39 24.61 1.86
C VAL B 310 26.55 25.52 2.27
N VAL B 311 27.31 25.06 3.25
CA VAL B 311 28.43 25.81 3.78
C VAL B 311 29.72 25.27 3.16
N ASN B 312 30.34 26.09 2.32
CA ASN B 312 31.54 25.73 1.58
C ASN B 312 32.51 26.91 1.80
N GLU B 313 33.35 26.78 2.82
CA GLU B 313 34.16 27.89 3.32
C GLU B 313 35.55 27.42 3.64
N LYS B 314 36.53 28.27 3.37
CA LYS B 314 37.90 28.02 3.83
C LYS B 314 37.91 27.92 5.33
N ASP B 315 38.61 26.92 5.84
CA ASP B 315 38.80 26.79 7.28
C ASP B 315 40.17 26.17 7.53
N LYS B 316 40.44 25.81 8.78
CA LYS B 316 41.79 25.38 9.17
C LYS B 316 42.22 24.06 8.51
N ASP B 317 41.24 23.30 8.01
CA ASP B 317 41.51 21.99 7.42
C ASP B 317 41.44 21.98 5.89
N GLY B 318 41.06 23.11 5.30
CA GLY B 318 40.99 23.22 3.86
C GLY B 318 39.78 24.01 3.44
N GLU B 319 38.77 23.32 2.93
CA GLU B 319 37.49 23.96 2.59
C GLU B 319 36.38 23.00 2.98
N SER B 320 35.51 23.44 3.89
CA SER B 320 34.37 22.64 4.36
C SER B 320 33.37 22.38 3.21
N PHE B 321 32.52 21.39 3.41
CA PHE B 321 31.42 21.14 2.46
C PHE B 321 30.34 20.43 3.24
N TYR B 322 29.35 21.19 3.74
CA TYR B 322 28.29 20.53 4.50
C TYR B 322 26.95 21.24 4.37
N PHE B 323 25.89 20.54 4.78
CA PHE B 323 24.52 21.03 4.73
C PHE B 323 24.05 21.45 6.12
N GLU B 324 23.50 22.65 6.20
CA GLU B 324 22.89 23.14 7.41
C GLU B 324 21.41 23.23 7.14
N VAL B 325 20.62 22.47 7.90
CA VAL B 325 19.16 22.40 7.69
C VAL B 325 18.42 22.96 8.91
N ASN B 326 17.56 23.94 8.67
CA ASN B 326 16.91 24.69 9.76
C ASN B 326 17.92 25.18 10.77
N GLY B 327 19.11 25.54 10.27
CA GLY B 327 20.17 26.16 11.03
C GLY B 327 21.03 25.21 11.83
N ILE B 328 20.82 23.90 11.64
CA ILE B 328 21.59 22.88 12.33
C ILE B 328 22.42 22.11 11.30
N PRO B 329 23.77 21.98 11.54
CA PRO B 329 24.59 21.17 10.63
C PRO B 329 24.11 19.73 10.61
N MET B 330 23.81 19.22 9.40
CA MET B 330 23.23 17.91 9.25
C MET B 330 24.25 17.00 8.58
N PHE B 331 24.67 15.95 9.25
CA PHE B 331 25.54 14.95 8.59
C PHE B 331 24.77 14.19 7.54
N ALA B 332 25.23 14.22 6.29
CA ALA B 332 24.50 13.56 5.19
C ALA B 332 24.75 12.05 5.13
N LYS B 333 23.68 11.30 4.90
CA LYS B 333 23.73 9.84 4.82
C LYS B 333 22.89 9.40 3.66
N GLY B 334 23.53 8.83 2.63
CA GLY B 334 22.71 8.40 1.51
C GLY B 334 23.54 7.74 0.43
N ALA B 335 23.12 7.97 -0.80
CA ALA B 335 23.69 7.25 -1.96
C ALA B 335 23.41 8.02 -3.24
N ASN B 336 24.11 7.59 -4.27
CA ASN B 336 23.99 8.13 -5.60
C ASN B 336 22.98 7.29 -6.36
N TYR B 337 22.01 7.97 -6.99
CA TYR B 337 20.94 7.33 -7.68
C TYR B 337 21.21 7.41 -9.18
N ILE B 338 20.99 6.27 -9.86
CA ILE B 338 21.03 6.16 -11.33
C ILE B 338 19.62 5.84 -11.85
N PRO B 339 19.40 5.88 -13.19
CA PRO B 339 18.04 5.53 -13.63
C PRO B 339 17.66 4.10 -13.21
N GLN B 340 16.36 3.86 -12.96
CA GLN B 340 15.84 2.54 -12.50
C GLN B 340 15.68 1.52 -13.60
N ASP B 341 15.90 1.96 -14.82
CA ASP B 341 15.65 1.12 -16.00
C ASP B 341 16.33 1.66 -17.22
N ALA B 342 16.75 0.74 -18.08
CA ALA B 342 17.15 1.09 -19.46
C ALA B 342 16.01 1.76 -20.24
N LEU B 343 14.75 1.46 -19.91
CA LEU B 343 13.58 2.05 -20.62
C LEU B 343 12.78 2.80 -19.57
N LEU B 344 13.02 4.09 -19.51
CA LEU B 344 12.48 4.94 -18.44
C LEU B 344 10.96 4.84 -18.22
N PRO B 345 10.14 4.87 -19.32
CA PRO B 345 8.69 4.77 -19.11
C PRO B 345 8.24 3.46 -18.49
N ASN B 346 9.12 2.44 -18.43
CA ASN B 346 8.74 1.16 -17.77
C ASN B 346 8.68 1.25 -16.26
N VAL B 347 9.30 2.30 -15.72
CA VAL B 347 9.35 2.46 -14.27
C VAL B 347 7.97 2.97 -13.77
N THR B 348 7.32 2.15 -12.94
CA THR B 348 5.94 2.40 -12.50
C THR B 348 5.93 3.24 -11.24
N THR B 349 4.78 3.83 -10.93
CA THR B 349 4.58 4.50 -9.63
C THR B 349 5.02 3.64 -8.44
N GLU B 350 4.63 2.36 -8.44
CA GLU B 350 4.99 1.41 -7.40
C GLU B 350 6.50 1.27 -7.19
N ARG B 351 7.22 1.23 -8.31
CA ARG B 351 8.67 1.12 -8.30
C ARG B 351 9.31 2.34 -7.67
N TYR B 352 8.83 3.54 -8.03
CA TYR B 352 9.34 4.76 -7.37
C TYR B 352 9.03 4.77 -5.85
N GLN B 353 7.79 4.41 -5.48
CA GLN B 353 7.39 4.36 -4.09
C GLN B 353 8.29 3.38 -3.28
N THR B 354 8.53 2.22 -3.87
CA THR B 354 9.37 1.20 -3.23
C THR B 354 10.81 1.66 -3.03
N LEU B 355 11.37 2.34 -4.04
CA LEU B 355 12.75 2.83 -3.92
C LEU B 355 12.84 3.84 -2.78
N PHE B 356 11.83 4.71 -2.63
CA PHE B 356 11.85 5.64 -1.51
C PHE B 356 11.70 4.97 -0.15
N ARG B 357 10.83 3.97 -0.10
CA ARG B 357 10.74 3.13 1.10
C ARG B 357 12.14 2.55 1.44
N ASP B 358 12.84 2.05 0.42
CA ASP B 358 14.23 1.50 0.58
C ASP B 358 15.21 2.52 1.16
N MET B 359 15.16 3.77 0.66
CA MET B 359 15.99 4.80 1.23
C MET B 359 15.58 5.16 2.65
N LYS B 360 14.28 5.38 2.87
CA LYS B 360 13.81 5.76 4.20
C LYS B 360 14.14 4.71 5.25
N GLU B 361 13.90 3.46 4.92
CA GLU B 361 14.13 2.33 5.82
C GLU B 361 15.61 2.11 6.09
N ALA B 362 16.49 2.61 5.20
CA ALA B 362 17.95 2.56 5.46
C ALA B 362 18.47 3.79 6.21
N ASN B 363 17.56 4.59 6.78
CA ASN B 363 17.89 5.77 7.62
C ASN B 363 18.57 6.88 6.81
N MET B 364 18.42 6.85 5.49
CA MET B 364 19.02 7.90 4.65
C MET B 364 18.34 9.28 4.79
N ASN B 365 19.10 10.34 4.56
CA ASN B 365 18.52 11.69 4.56
C ASN B 365 18.88 12.46 3.27
N MET B 366 19.56 11.79 2.31
CA MET B 366 20.01 12.50 1.11
C MET B 366 20.18 11.50 -0.06
N VAL B 367 19.78 11.91 -1.25
CA VAL B 367 20.11 11.18 -2.48
C VAL B 367 20.75 12.15 -3.48
N ARG B 368 21.76 11.68 -4.21
CA ARG B 368 22.31 12.46 -5.34
C ARG B 368 21.79 11.91 -6.66
N ILE B 369 21.15 12.79 -7.46
CA ILE B 369 20.66 12.40 -8.78
C ILE B 369 21.79 12.69 -9.76
N TRP B 370 22.52 11.63 -10.07
CA TRP B 370 23.81 11.73 -10.75
C TRP B 370 23.61 12.08 -12.23
N GLY B 371 24.55 12.86 -12.75
CA GLY B 371 24.41 13.58 -13.99
C GLY B 371 24.52 12.76 -15.27
N GLY B 372 24.65 11.43 -15.17
CA GLY B 372 24.57 10.58 -16.39
C GLY B 372 23.18 10.01 -16.66
N GLY B 373 22.19 10.40 -15.82
CA GLY B 373 20.82 9.87 -15.93
C GLY B 373 19.83 10.85 -16.58
N THR B 374 18.71 11.12 -15.88
CA THR B 374 17.77 12.19 -16.25
C THR B 374 17.48 13.12 -15.09
N TYR B 375 16.99 14.33 -15.39
CA TYR B 375 16.24 15.11 -14.41
C TYR B 375 14.99 14.28 -14.13
N GLU B 376 14.84 13.80 -12.88
CA GLU B 376 13.80 12.82 -12.61
C GLU B 376 12.33 13.32 -12.75
N ASN B 377 11.40 12.39 -12.74
CA ASN B 377 10.01 12.81 -12.94
C ASN B 377 9.52 13.55 -11.70
N ASN B 378 8.40 14.24 -11.84
CA ASN B 378 7.85 14.99 -10.71
C ASN B 378 7.59 14.08 -9.50
N LEU B 379 7.17 12.85 -9.77
CA LEU B 379 6.83 11.92 -8.66
C LEU B 379 8.07 11.65 -7.78
N PHE B 380 9.25 11.50 -8.41
CA PHE B 380 10.51 11.27 -7.67
C PHE B 380 10.66 12.38 -6.60
N TYR B 381 10.56 13.65 -7.01
CA TYR B 381 10.78 14.73 -6.05
C TYR B 381 9.65 14.84 -5.04
N ASP B 382 8.41 14.57 -5.46
CA ASP B 382 7.25 14.55 -4.54
C ASP B 382 7.48 13.51 -3.44
N LEU B 383 8.00 12.34 -3.84
CA LEU B 383 8.36 11.30 -2.85
C LEU B 383 9.49 11.72 -1.91
N ALA B 384 10.52 12.35 -2.46
CA ALA B 384 11.60 12.89 -1.59
C ALA B 384 11.03 13.91 -0.59
N ASP B 385 10.13 14.79 -1.06
CA ASP B 385 9.52 15.80 -0.20
C ASP B 385 8.82 15.13 1.01
N GLU B 386 8.03 14.11 0.74
CA GLU B 386 7.22 13.51 1.78
C GLU B 386 7.96 12.45 2.63
N ASN B 387 9.18 12.13 2.23
CA ASN B 387 9.99 11.16 2.99
C ASN B 387 11.19 11.86 3.66
N GLY B 388 11.27 13.18 3.48
CA GLY B 388 12.33 13.95 4.16
C GLY B 388 13.72 13.63 3.65
N ILE B 389 13.82 13.34 2.36
CA ILE B 389 15.11 13.03 1.78
C ILE B 389 15.58 14.22 0.94
N LEU B 390 16.68 14.85 1.36
CA LEU B 390 17.29 15.95 0.57
C LEU B 390 17.79 15.45 -0.78
N VAL B 391 17.65 16.30 -1.78
CA VAL B 391 18.06 15.96 -3.15
C VAL B 391 19.23 16.87 -3.65
N TRP B 392 20.36 16.24 -3.96
CA TRP B 392 21.49 16.85 -4.70
C TRP B 392 21.27 16.61 -6.21
N GLN B 393 21.01 17.67 -6.99
CA GLN B 393 20.63 17.50 -8.39
C GLN B 393 21.80 17.91 -9.32
N ASP B 394 22.45 16.93 -9.96
CA ASP B 394 23.42 17.24 -11.04
C ASP B 394 22.61 17.73 -12.26
N PHE B 395 23.22 18.60 -13.05
CA PHE B 395 22.78 18.75 -14.41
C PHE B 395 23.25 17.50 -15.18
N MET B 396 22.64 17.23 -16.32
CA MET B 396 22.90 15.97 -17.00
C MET B 396 24.14 15.98 -17.90
N PHE B 397 25.32 16.07 -17.26
CA PHE B 397 26.61 16.04 -17.94
C PHE B 397 27.49 15.17 -17.06
N ALA B 398 28.16 14.20 -17.67
CA ALA B 398 28.95 13.23 -16.89
C ALA B 398 30.15 12.68 -17.69
N CYS B 399 31.33 12.88 -17.08
CA CYS B 399 32.57 12.12 -17.33
C CYS B 399 33.28 12.35 -18.68
N THR B 400 32.89 13.39 -19.38
CA THR B 400 33.55 13.82 -20.61
C THR B 400 33.35 15.33 -20.73
N PRO B 401 34.33 16.04 -21.34
CA PRO B 401 34.00 17.39 -21.75
C PRO B 401 32.90 17.31 -22.83
N TYR B 402 32.20 18.41 -23.00
CA TYR B 402 31.10 18.53 -23.96
C TYR B 402 31.41 19.71 -24.90
N PRO B 403 30.70 19.79 -26.04
CA PRO B 403 30.70 20.98 -26.89
C PRO B 403 30.25 22.22 -26.10
N SER B 404 30.54 23.38 -26.67
CA SER B 404 30.20 24.64 -26.06
C SER B 404 29.95 25.70 -27.15
N ASP B 405 29.58 25.22 -28.35
CA ASP B 405 29.17 26.13 -29.43
C ASP B 405 27.80 26.78 -29.07
N PRO B 406 27.48 27.97 -29.64
CA PRO B 406 26.22 28.69 -29.34
C PRO B 406 24.96 27.84 -29.45
N THR B 407 24.80 27.01 -30.50
CA THR B 407 23.57 26.23 -30.62
CA THR B 407 23.59 26.17 -30.65
C THR B 407 23.45 25.17 -29.52
N PHE B 408 24.57 24.54 -29.14
CA PHE B 408 24.57 23.57 -28.09
C PHE B 408 24.25 24.28 -26.79
N LEU B 409 24.86 25.45 -26.58
CA LEU B 409 24.60 26.18 -25.32
C LEU B 409 23.14 26.65 -25.25
N LYS B 410 22.53 26.92 -26.42
CA LYS B 410 21.09 27.27 -26.46
C LYS B 410 20.20 26.10 -25.99
N ARG B 411 20.48 24.90 -26.45
CA ARG B 411 19.80 23.70 -25.97
C ARG B 411 19.91 23.53 -24.46
N VAL B 412 21.13 23.68 -23.94
CA VAL B 412 21.38 23.52 -22.51
C VAL B 412 20.66 24.61 -21.77
N GLU B 413 20.69 25.84 -22.27
CA GLU B 413 19.98 26.89 -21.58
C GLU B 413 18.49 26.55 -21.42
N ALA B 414 17.90 26.00 -22.48
CA ALA B 414 16.49 25.64 -22.45
C ALA B 414 16.18 24.57 -21.38
N GLU B 415 17.04 23.55 -21.29
CA GLU B 415 16.79 22.46 -20.34
C GLU B 415 17.06 22.96 -18.92
N ALA B 416 18.06 23.82 -18.78
CA ALA B 416 18.39 24.40 -17.47
C ALA B 416 17.16 25.20 -16.98
N VAL B 417 16.69 26.17 -17.76
CA VAL B 417 15.55 27.00 -17.35
C VAL B 417 14.31 26.10 -17.06
N TYR B 418 14.00 25.19 -17.98
CA TYR B 418 12.84 24.30 -17.83
C TYR B 418 12.87 23.47 -16.55
N ASN B 419 13.96 22.75 -16.34
CA ASN B 419 14.05 21.90 -15.13
C ASN B 419 14.21 22.68 -13.82
N ILE B 420 14.88 23.82 -13.87
CA ILE B 420 14.95 24.67 -12.64
C ILE B 420 13.53 25.08 -12.25
N ARG B 421 12.80 25.63 -13.20
CA ARG B 421 11.43 26.06 -12.88
C ARG B 421 10.56 24.87 -12.47
N ARG B 422 10.76 23.74 -13.13
CA ARG B 422 9.99 22.54 -12.77
C ARG B 422 10.27 22.06 -11.33
N LEU B 423 11.52 22.17 -10.88
CA LEU B 423 11.94 21.55 -9.60
C LEU B 423 12.02 22.49 -8.39
N ARG B 424 12.04 23.80 -8.65
CA ARG B 424 12.45 24.76 -7.59
C ARG B 424 11.50 24.91 -6.44
N ASN B 425 10.29 24.35 -6.55
CA ASN B 425 9.33 24.44 -5.42
C ASN B 425 9.37 23.23 -4.47
N HIS B 426 10.26 22.27 -4.76
CA HIS B 426 10.35 21.04 -3.94
C HIS B 426 11.16 21.26 -2.68
N ALA B 427 10.55 20.98 -1.53
CA ALA B 427 11.23 21.09 -0.25
C ALA B 427 12.53 20.29 -0.26
N SER B 428 12.52 19.15 -0.95
CA SER B 428 13.66 18.24 -0.92
C SER B 428 14.88 18.77 -1.68
N LEU B 429 14.64 19.64 -2.67
CA LEU B 429 15.73 20.10 -3.55
C LEU B 429 16.70 20.91 -2.73
N ALA B 430 17.95 20.45 -2.66
CA ALA B 430 18.95 21.04 -1.76
C ALA B 430 20.09 21.79 -2.46
N MET B 431 20.43 21.40 -3.68
CA MET B 431 21.52 22.09 -4.40
C MET B 431 21.59 21.59 -5.82
N TRP B 432 22.33 22.32 -6.66
CA TRP B 432 22.59 21.98 -8.06
C TRP B 432 24.10 21.79 -8.23
N CYS B 433 24.45 20.88 -9.11
CA CYS B 433 25.86 20.62 -9.41
C CYS B 433 26.04 20.53 -10.94
N GLY B 434 27.00 21.27 -11.48
CA GLY B 434 27.16 21.36 -12.93
C GLY B 434 27.30 20.03 -13.63
N ASN B 435 28.10 19.12 -13.05
CA ASN B 435 28.38 17.87 -13.75
C ASN B 435 29.02 16.84 -12.80
N ASN B 436 29.07 15.62 -13.29
CA ASN B 436 29.86 14.57 -12.64
C ASN B 436 31.23 14.41 -13.28
N GLU B 437 32.28 14.67 -12.47
CA GLU B 437 33.69 14.30 -12.76
C GLU B 437 34.32 14.92 -14.00
N ILE B 438 33.72 15.97 -14.57
CA ILE B 438 34.30 16.52 -15.82
C ILE B 438 35.63 17.28 -15.58
N LEU B 439 35.69 18.15 -14.59
CA LEU B 439 36.97 18.82 -14.30
C LEU B 439 37.99 17.76 -13.93
N GLU B 440 37.58 16.76 -13.15
CA GLU B 440 38.49 15.64 -12.78
C GLU B 440 39.02 14.94 -14.04
N ALA B 441 38.13 14.64 -14.97
CA ALA B 441 38.53 14.07 -16.26
C ALA B 441 39.53 14.93 -17.05
N LEU B 442 39.25 16.23 -17.15
CA LEU B 442 40.13 17.17 -17.87
C LEU B 442 41.52 17.27 -17.20
N LYS B 443 41.57 17.09 -15.88
CA LYS B 443 42.82 17.27 -15.14
C LYS B 443 43.64 16.01 -14.99
N TYR B 444 42.97 14.88 -14.78
CA TYR B 444 43.65 13.68 -14.24
C TYR B 444 43.53 12.41 -15.05
N TRP B 445 42.72 12.39 -16.09
CA TRP B 445 42.50 11.12 -16.79
C TRP B 445 43.32 10.95 -18.05
N GLY B 446 44.34 11.81 -18.22
CA GLY B 446 45.28 11.72 -19.32
C GLY B 446 44.71 12.12 -20.68
N PHE B 447 43.77 13.08 -20.69
CA PHE B 447 43.14 13.47 -21.96
C PHE B 447 44.14 13.89 -23.00
N GLU B 448 45.28 14.46 -22.61
CA GLU B 448 45.62 15.82 -22.91
C GLU B 448 46.67 15.28 -23.95
N LYS B 449 47.11 14.02 -23.74
CA LYS B 449 47.91 13.26 -24.72
C LYS B 449 47.07 12.65 -25.86
N LYS B 450 45.76 12.80 -25.77
CA LYS B 450 44.84 12.26 -26.77
C LYS B 450 44.43 13.32 -27.79
N PHE B 451 44.72 14.59 -27.51
CA PHE B 451 44.29 15.69 -28.37
C PHE B 451 45.41 16.68 -28.64
N THR B 452 45.29 17.40 -29.75
CA THR B 452 46.23 18.49 -30.05
C THR B 452 46.14 19.54 -28.92
N PRO B 453 47.23 20.28 -28.67
CA PRO B 453 47.16 21.31 -27.63
C PRO B 453 46.03 22.32 -27.92
N GLU B 454 45.78 22.56 -29.20
CA GLU B 454 44.74 23.49 -29.64
C GLU B 454 43.34 22.96 -29.24
N VAL B 455 43.09 21.70 -29.55
CA VAL B 455 41.81 21.05 -29.20
C VAL B 455 41.64 21.01 -27.68
N TYR B 456 42.71 20.65 -26.96
N TYR B 456 42.71 20.70 -26.96
CA TYR B 456 42.64 20.62 -25.49
CA TYR B 456 42.63 20.62 -25.52
C TYR B 456 42.30 21.98 -24.89
C TYR B 456 42.37 21.96 -24.84
N GLN B 457 42.97 23.03 -25.35
CA GLN B 457 42.69 24.39 -24.86
C GLN B 457 41.24 24.79 -25.16
N GLY B 458 40.74 24.35 -26.32
CA GLY B 458 39.32 24.53 -26.68
C GLY B 458 38.40 23.89 -25.64
N LEU B 459 38.73 22.67 -25.28
CA LEU B 459 37.94 21.89 -24.30
C LEU B 459 37.92 22.58 -22.94
N MET B 460 39.09 23.08 -22.52
CA MET B 460 39.18 23.88 -21.25
C MET B 460 38.33 25.14 -21.24
N HIS B 461 38.36 25.91 -22.33
CA HIS B 461 37.58 27.13 -22.41
CA HIS B 461 37.57 27.13 -22.44
C HIS B 461 36.09 26.78 -22.47
N GLY B 462 35.75 25.72 -23.19
CA GLY B 462 34.34 25.26 -23.31
C GLY B 462 33.78 24.83 -21.95
N TYR B 463 34.63 24.18 -21.14
CA TYR B 463 34.27 23.78 -19.78
C TYR B 463 33.83 25.02 -19.00
N ASP B 464 34.60 26.10 -19.07
CA ASP B 464 34.23 27.31 -18.36
C ASP B 464 32.92 27.93 -18.88
N LYS B 465 32.78 27.96 -20.20
CA LYS B 465 31.59 28.55 -20.84
C LYS B 465 30.32 27.91 -20.34
N LEU B 466 30.38 26.58 -20.17
CA LEU B 466 29.21 25.80 -19.80
C LEU B 466 29.04 25.81 -18.26
N PHE B 467 30.07 25.38 -17.54
CA PHE B 467 29.91 25.08 -16.12
C PHE B 467 30.29 26.21 -15.15
N ARG B 468 31.09 27.18 -15.61
CA ARG B 468 31.42 28.31 -14.77
C ARG B 468 30.68 29.59 -15.20
N GLU B 469 29.91 29.53 -16.29
CA GLU B 469 29.19 30.71 -16.77
C GLU B 469 27.71 30.43 -16.97
N LEU B 470 27.37 29.62 -17.97
CA LEU B 470 25.95 29.44 -18.34
C LEU B 470 25.14 28.84 -17.19
N LEU B 471 25.56 27.66 -16.73
CA LEU B 471 24.80 27.01 -15.63
C LEU B 471 24.70 27.82 -14.36
N PRO B 472 25.83 28.33 -13.80
CA PRO B 472 25.68 29.09 -12.55
C PRO B 472 24.84 30.33 -12.73
N SER B 473 24.92 30.97 -13.93
CA SER B 473 24.09 32.15 -14.18
CA SER B 473 24.10 32.16 -14.22
C SER B 473 22.61 31.82 -14.22
N THR B 474 22.28 30.63 -14.70
CA THR B 474 20.90 30.21 -14.80
CA THR B 474 20.88 30.20 -14.79
C THR B 474 20.36 29.92 -13.39
N VAL B 475 21.19 29.30 -12.55
CA VAL B 475 20.78 29.02 -11.16
C VAL B 475 20.63 30.35 -10.38
N LYS B 476 21.55 31.29 -10.59
CA LYS B 476 21.46 32.58 -9.90
C LYS B 476 20.19 33.31 -10.29
N GLU B 477 19.78 33.18 -11.56
CA GLU B 477 18.59 33.86 -12.04
C GLU B 477 17.28 33.19 -11.58
N PHE B 478 17.23 31.85 -11.59
CA PHE B 478 15.97 31.11 -11.42
C PHE B 478 15.87 30.30 -10.12
N ASP B 479 16.95 30.22 -9.37
CA ASP B 479 16.93 29.47 -8.11
C ASP B 479 17.96 30.10 -7.18
N SER B 480 17.76 31.40 -6.91
CA SER B 480 18.79 32.27 -6.32
CA SER B 480 18.81 32.25 -6.33
C SER B 480 19.15 31.94 -4.89
N ASP B 481 18.27 31.23 -4.17
CA ASP B 481 18.59 30.86 -2.79
C ASP B 481 19.18 29.44 -2.66
N ARG B 482 19.43 28.75 -3.78
CA ARG B 482 20.01 27.41 -3.77
C ARG B 482 21.47 27.40 -4.21
N PHE B 483 22.25 26.55 -3.55
CA PHE B 483 23.69 26.44 -3.82
C PHE B 483 23.92 25.80 -5.19
N TYR B 484 24.94 26.28 -5.91
CA TYR B 484 25.46 25.61 -7.13
C TYR B 484 26.97 25.41 -6.98
N VAL B 485 27.45 24.26 -7.46
CA VAL B 485 28.89 23.99 -7.58
C VAL B 485 29.12 23.48 -9.01
N HIS B 486 30.26 23.85 -9.64
CA HIS B 486 30.42 23.56 -11.05
C HIS B 486 30.63 22.07 -11.39
N SER B 487 31.12 21.30 -10.41
CA SER B 487 31.41 19.89 -10.61
C SER B 487 31.49 19.15 -9.29
N SER B 488 31.31 17.84 -9.38
CA SER B 488 31.62 16.90 -8.28
C SER B 488 32.55 15.79 -8.80
N PRO B 489 33.74 15.63 -8.17
CA PRO B 489 34.26 16.42 -7.02
C PRO B 489 34.79 17.77 -7.54
N TYR B 490 34.62 18.88 -6.79
CA TYR B 490 34.99 20.15 -7.38
C TYR B 490 36.52 20.41 -7.42
N LEU B 491 37.25 19.83 -6.48
CA LEU B 491 38.72 20.01 -6.48
C LEU B 491 39.48 18.74 -6.11
N ALA B 492 39.00 18.06 -5.08
CA ALA B 492 39.73 16.91 -4.54
C ALA B 492 39.80 15.82 -5.57
N ASN B 493 40.93 15.11 -5.60
CA ASN B 493 41.11 13.93 -6.47
C ASN B 493 41.69 12.78 -5.61
N TRP B 494 41.22 11.55 -5.80
CA TRP B 494 41.60 10.46 -4.88
C TRP B 494 43.10 10.13 -4.88
N GLY B 495 43.79 10.47 -5.98
CA GLY B 495 45.23 10.23 -6.14
C GLY B 495 46.09 11.42 -5.65
N ARG B 496 45.43 12.47 -5.15
CA ARG B 496 46.12 13.67 -4.63
C ARG B 496 45.86 13.92 -3.13
N PRO B 497 46.66 13.29 -2.24
CA PRO B 497 46.28 13.35 -0.81
C PRO B 497 46.26 14.75 -0.26
N GLU B 498 47.03 15.64 -0.86
CA GLU B 498 47.07 17.02 -0.42
C GLU B 498 45.73 17.75 -0.67
N SER B 499 44.86 17.14 -1.49
CA SER B 499 43.61 17.81 -1.93
C SER B 499 42.38 17.38 -1.12
N TRP B 500 42.55 16.33 -0.29
CA TRP B 500 41.41 15.68 0.40
C TRP B 500 40.71 16.55 1.40
N GLY B 501 41.41 17.56 1.92
CA GLY B 501 40.83 18.52 2.86
C GLY B 501 39.98 19.61 2.23
N THR B 502 39.88 19.58 0.89
CA THR B 502 39.22 20.64 0.09
C THR B 502 37.95 20.20 -0.65
N GLY B 503 36.79 20.51 -0.06
CA GLY B 503 35.49 20.20 -0.67
C GLY B 503 35.17 18.72 -0.66
N ASP B 504 34.35 18.29 -1.61
CA ASP B 504 33.87 16.88 -1.61
C ASP B 504 34.83 15.94 -2.36
N SER B 505 34.81 14.67 -1.97
CA SER B 505 35.62 13.60 -2.61
C SER B 505 34.81 12.50 -3.27
N HIS B 506 35.29 12.04 -4.44
CA HIS B 506 34.97 10.72 -4.95
C HIS B 506 36.21 9.84 -4.66
N ASN B 507 36.21 9.24 -3.47
CA ASN B 507 37.37 8.43 -3.07
C ASN B 507 37.32 7.05 -3.72
N TRP B 508 37.89 6.99 -4.93
CA TRP B 508 38.01 5.74 -5.66
C TRP B 508 39.37 5.02 -5.43
N GLY B 509 40.05 5.38 -4.35
CA GLY B 509 41.26 4.65 -3.90
C GLY B 509 40.90 3.22 -3.57
N VAL B 510 39.76 3.05 -2.90
CA VAL B 510 39.14 1.78 -2.75
C VAL B 510 38.43 1.46 -4.09
N TRP B 511 38.57 0.22 -4.55
CA TRP B 511 38.15 -0.22 -5.90
C TRP B 511 39.25 0.12 -6.90
N TYR B 512 39.16 1.28 -7.58
CA TYR B 512 40.12 1.64 -8.64
C TYR B 512 41.58 1.70 -8.21
N GLY B 513 41.82 2.21 -7.00
CA GLY B 513 43.20 2.30 -6.48
C GLY B 513 43.63 1.05 -5.75
N LYS B 514 42.74 0.03 -5.68
CA LYS B 514 43.01 -1.24 -4.96
C LYS B 514 43.37 -1.11 -3.47
N LYS B 515 43.10 0.04 -2.87
CA LYS B 515 43.35 0.22 -1.43
C LYS B 515 42.48 -0.69 -0.56
N PRO B 516 43.04 -1.18 0.57
CA PRO B 516 42.17 -1.95 1.45
C PRO B 516 41.07 -1.08 2.09
N PHE B 517 39.98 -1.72 2.50
CA PHE B 517 38.88 -0.99 3.12
C PHE B 517 39.34 -0.21 4.36
N GLU B 518 40.38 -0.73 5.05
CA GLU B 518 40.97 -0.01 6.18
C GLU B 518 41.48 1.38 5.84
N SER B 519 41.90 1.60 4.59
CA SER B 519 42.32 2.95 4.17
C SER B 519 41.23 4.02 4.41
N LEU B 520 39.96 3.61 4.47
CA LEU B 520 38.83 4.56 4.67
C LEU B 520 38.87 5.17 6.08
N ASP B 521 39.56 4.49 7.00
CA ASP B 521 39.83 5.06 8.34
C ASP B 521 40.81 6.24 8.34
N THR B 522 41.73 6.26 7.38
CA THR B 522 42.81 7.25 7.34
C THR B 522 42.66 8.28 6.23
N ASP B 523 42.05 7.88 5.12
CA ASP B 523 41.97 8.76 3.93
C ASP B 523 40.61 9.48 3.94
N LEU B 524 40.50 10.46 4.82
CA LEU B 524 39.22 11.11 5.12
C LEU B 524 38.92 12.29 4.24
N PRO B 525 37.64 12.42 3.82
CA PRO B 525 37.26 13.61 3.08
C PRO B 525 36.45 14.60 3.94
N ARG B 526 36.20 15.80 3.42
CA ARG B 526 35.31 16.77 4.07
C ARG B 526 33.85 16.34 3.88
N PHE B 527 33.60 15.60 2.80
CA PHE B 527 32.27 15.09 2.47
C PHE B 527 32.53 14.05 1.38
N MET B 528 32.03 12.83 1.57
CA MET B 528 32.20 11.79 0.56
C MET B 528 30.98 11.78 -0.37
N SER B 529 31.15 12.34 -1.57
CA SER B 529 30.06 12.38 -2.53
C SER B 529 30.01 11.11 -3.40
N GLU B 530 31.11 10.31 -3.39
CA GLU B 530 31.12 8.95 -3.97
C GLU B 530 32.20 8.09 -3.34
N PHE B 531 31.89 6.84 -3.07
CA PHE B 531 32.91 5.77 -2.90
C PHE B 531 32.14 4.49 -3.04
N GLY B 532 32.82 3.41 -3.46
CA GLY B 532 32.02 2.21 -3.75
C GLY B 532 32.78 0.94 -3.99
N PHE B 533 32.03 -0.15 -4.17
CA PHE B 533 32.62 -1.47 -4.34
C PHE B 533 31.63 -2.37 -5.04
N GLN B 534 32.09 -3.13 -6.02
CA GLN B 534 31.17 -3.93 -6.83
C GLN B 534 30.77 -5.24 -6.17
N SER B 535 29.60 -5.77 -6.52
CA SER B 535 29.21 -7.15 -6.22
C SER B 535 28.32 -7.73 -7.31
N PHE B 536 28.51 -9.03 -7.55
CA PHE B 536 27.51 -9.81 -8.31
C PHE B 536 26.21 -9.75 -7.52
N PRO B 537 25.06 -9.61 -8.21
CA PRO B 537 23.81 -9.72 -7.46
C PRO B 537 23.52 -11.19 -7.09
N GLU B 538 22.53 -11.41 -6.22
CA GLU B 538 22.24 -12.76 -5.75
C GLU B 538 21.75 -13.70 -6.86
N MET B 539 21.77 -15.00 -6.60
CA MET B 539 21.53 -16.00 -7.67
C MET B 539 20.20 -15.87 -8.42
N LYS B 540 19.13 -15.49 -7.73
CA LYS B 540 17.84 -15.33 -8.43
C LYS B 540 17.90 -14.24 -9.50
N THR B 541 18.76 -13.26 -9.29
CA THR B 541 19.00 -12.22 -10.31
C THR B 541 19.89 -12.71 -11.46
N ILE B 542 20.97 -13.41 -11.11
CA ILE B 542 21.78 -14.10 -12.13
C ILE B 542 20.93 -15.04 -13.00
N ALA B 543 20.05 -15.82 -12.37
CA ALA B 543 19.16 -16.76 -13.05
C ALA B 543 18.20 -16.04 -14.03
N ALA B 544 17.91 -14.77 -13.78
CA ALA B 544 17.08 -13.98 -14.73
C ALA B 544 17.80 -13.64 -16.05
N PHE B 545 19.14 -13.63 -16.05
CA PHE B 545 19.90 -13.36 -17.27
C PHE B 545 20.79 -14.49 -17.77
N ALA B 546 21.01 -15.52 -16.94
CA ALA B 546 21.90 -16.62 -17.34
C ALA B 546 21.28 -17.99 -17.07
N ALA B 547 21.53 -18.95 -17.97
CA ALA B 547 21.14 -20.34 -17.75
C ALA B 547 22.20 -21.04 -16.86
N PRO B 548 21.83 -22.13 -16.13
CA PRO B 548 22.78 -22.70 -15.16
C PRO B 548 24.11 -23.14 -15.77
N GLU B 549 24.12 -23.49 -17.06
CA GLU B 549 25.35 -23.91 -17.75
C GLU B 549 26.36 -22.79 -17.81
N ASP B 550 25.89 -21.57 -17.55
CA ASP B 550 26.76 -20.40 -17.73
C ASP B 550 27.11 -19.73 -16.41
N TYR B 551 26.83 -20.45 -15.31
CA TYR B 551 27.14 -19.97 -13.96
C TYR B 551 28.61 -20.12 -13.63
N GLN B 552 29.46 -19.39 -14.35
CA GLN B 552 30.86 -19.21 -13.97
C GLN B 552 31.13 -17.72 -14.02
N ILE B 553 32.08 -17.26 -13.23
CA ILE B 553 32.45 -15.85 -13.24
C ILE B 553 32.76 -15.32 -14.65
N GLU B 554 33.43 -16.14 -15.47
CA GLU B 554 33.87 -15.68 -16.78
C GLU B 554 33.21 -16.39 -17.96
N SER B 555 31.98 -16.86 -17.79
CA SER B 555 31.28 -17.37 -18.95
C SER B 555 31.07 -16.18 -19.90
N GLU B 556 30.73 -16.47 -21.15
CA GLU B 556 30.47 -15.41 -22.12
C GLU B 556 29.27 -14.55 -21.66
N VAL B 557 28.20 -15.21 -21.20
CA VAL B 557 26.99 -14.53 -20.72
C VAL B 557 27.30 -13.66 -19.46
N MET B 558 28.14 -14.17 -18.57
CA MET B 558 28.51 -13.43 -17.37
C MET B 558 29.31 -12.19 -17.71
N ASN B 559 30.18 -12.35 -18.70
CA ASN B 559 30.99 -11.25 -19.18
C ASN B 559 30.10 -10.19 -19.81
N ALA B 560 29.04 -10.62 -20.49
CA ALA B 560 28.04 -9.69 -21.04
C ALA B 560 27.35 -8.82 -19.96
N HIS B 561 27.37 -9.27 -18.71
CA HIS B 561 26.72 -8.54 -17.61
C HIS B 561 27.68 -8.01 -16.58
N GLN B 562 28.90 -7.76 -17.03
CA GLN B 562 29.94 -7.18 -16.20
C GLN B 562 30.62 -6.12 -17.06
N LYS B 563 30.28 -4.87 -16.80
CA LYS B 563 30.69 -3.78 -17.66
C LYS B 563 31.95 -3.11 -17.11
N SER B 564 32.48 -3.68 -16.03
CA SER B 564 33.76 -3.27 -15.49
C SER B 564 34.81 -4.28 -15.95
N SER B 565 35.78 -3.84 -16.74
CA SER B 565 36.73 -4.80 -17.28
C SER B 565 37.73 -5.31 -16.23
N ILE B 566 37.87 -4.59 -15.11
CA ILE B 566 38.78 -5.02 -14.03
CA ILE B 566 38.77 -4.98 -14.03
C ILE B 566 38.03 -5.64 -12.86
N GLY B 567 36.70 -5.59 -12.92
CA GLY B 567 35.84 -5.95 -11.80
C GLY B 567 36.02 -7.34 -11.21
N ASN B 568 35.94 -8.38 -12.04
CA ASN B 568 35.99 -9.76 -11.51
C ASN B 568 37.28 -10.05 -10.74
N SER B 569 38.38 -9.58 -11.33
CA SER B 569 39.71 -9.69 -10.76
C SER B 569 39.77 -8.88 -9.46
N LEU B 570 39.19 -7.68 -9.47
CA LEU B 570 39.23 -6.85 -8.28
C LEU B 570 38.46 -7.49 -7.14
N ILE B 571 37.29 -8.07 -7.44
CA ILE B 571 36.44 -8.67 -6.40
C ILE B 571 37.24 -9.84 -5.74
N ARG B 572 37.83 -10.70 -6.57
CA ARG B 572 38.61 -11.85 -6.06
C ARG B 572 39.81 -11.40 -5.20
N THR B 573 40.52 -10.36 -5.68
CA THR B 573 41.66 -9.78 -4.95
C THR B 573 41.29 -9.29 -3.54
N TYR B 574 40.21 -8.50 -3.47
CA TYR B 574 39.71 -8.06 -2.18
C TYR B 574 39.16 -9.19 -1.33
N MET B 575 38.45 -10.15 -1.95
CA MET B 575 37.85 -11.24 -1.19
C MET B 575 38.93 -11.98 -0.38
N GLU B 576 40.04 -12.31 -1.05
CA GLU B 576 41.21 -13.02 -0.45
C GLU B 576 41.80 -12.33 0.77
N ARG B 577 41.71 -11.01 0.85
CA ARG B 577 42.20 -10.25 1.99
C ARG B 577 41.45 -10.53 3.30
N ASP B 578 40.16 -10.87 3.17
CA ASP B 578 39.25 -11.01 4.32
C ASP B 578 38.48 -12.32 4.48
N TYR B 579 38.40 -13.10 3.42
CA TYR B 579 37.61 -14.36 3.32
C TYR B 579 38.38 -15.45 2.60
N ILE B 580 38.06 -16.70 2.92
CA ILE B 580 38.52 -17.83 2.12
C ILE B 580 37.67 -17.79 0.86
N ILE B 581 38.33 -17.78 -0.31
CA ILE B 581 37.61 -17.80 -1.59
C ILE B 581 36.93 -19.14 -1.84
N PRO B 582 35.58 -19.12 -1.99
CA PRO B 582 34.86 -20.38 -2.19
C PRO B 582 35.11 -21.02 -3.57
N GLU B 583 34.95 -22.34 -3.64
CA GLU B 583 35.07 -23.04 -4.91
C GLU B 583 33.90 -22.85 -5.86
N SER B 584 32.67 -22.89 -5.36
CA SER B 584 31.50 -22.80 -6.24
C SER B 584 31.14 -21.34 -6.59
N PHE B 585 30.55 -21.20 -7.76
CA PHE B 585 29.98 -19.93 -8.21
C PHE B 585 28.96 -19.37 -7.21
N GLU B 586 27.99 -20.17 -6.80
CA GLU B 586 26.99 -19.73 -5.85
C GLU B 586 27.59 -19.29 -4.50
N ASP B 587 28.58 -20.02 -3.98
CA ASP B 587 29.23 -19.57 -2.74
C ASP B 587 30.02 -18.29 -2.92
N PHE B 588 30.69 -18.16 -4.06
CA PHE B 588 31.44 -16.95 -4.41
C PHE B 588 30.51 -15.70 -4.40
N VAL B 589 29.39 -15.85 -5.10
CA VAL B 589 28.35 -14.77 -5.16
C VAL B 589 27.91 -14.38 -3.76
N TYR B 590 27.59 -15.37 -2.92
CA TYR B 590 27.22 -15.10 -1.54
C TYR B 590 28.32 -14.37 -0.75
N VAL B 591 29.57 -14.86 -0.81
CA VAL B 591 30.64 -14.15 -0.09
C VAL B 591 30.93 -12.74 -0.65
N GLY B 592 30.82 -12.60 -1.97
CA GLY B 592 30.96 -11.32 -2.67
C GLY B 592 29.97 -10.27 -2.12
N LEU B 593 28.72 -10.69 -1.86
CA LEU B 593 27.71 -9.81 -1.25
C LEU B 593 28.13 -9.41 0.15
N VAL B 594 28.58 -10.41 0.95
CA VAL B 594 29.00 -10.18 2.33
C VAL B 594 30.17 -9.18 2.34
N LEU B 595 31.09 -9.40 1.39
CA LEU B 595 32.33 -8.60 1.26
C LEU B 595 32.02 -7.14 0.97
N GLN B 596 31.22 -6.92 -0.06
CA GLN B 596 30.81 -5.53 -0.41
C GLN B 596 30.12 -4.86 0.78
N GLY B 597 29.21 -5.56 1.45
CA GLY B 597 28.56 -5.00 2.62
C GLY B 597 29.50 -4.65 3.76
N GLN B 598 30.40 -5.57 4.12
CA GLN B 598 31.28 -5.38 5.25
C GLN B 598 32.30 -4.28 5.02
N GLY B 599 32.94 -4.29 3.85
CA GLY B 599 33.95 -3.28 3.54
C GLY B 599 33.31 -1.90 3.43
N MET B 600 32.17 -1.80 2.72
CA MET B 600 31.55 -0.48 2.53
C MET B 600 31.05 0.08 3.87
N ARG B 601 30.45 -0.77 4.70
CA ARG B 601 29.99 -0.27 6.01
C ARG B 601 31.15 0.19 6.90
N HIS B 602 32.33 -0.44 6.76
CA HIS B 602 33.52 0.06 7.44
C HIS B 602 33.79 1.52 7.04
N GLY B 603 33.60 1.84 5.76
CA GLY B 603 33.78 3.21 5.32
C GLY B 603 32.72 4.17 5.84
N LEU B 604 31.45 3.76 5.75
CA LEU B 604 30.31 4.60 6.20
C LEU B 604 30.51 4.96 7.68
N GLU B 605 30.97 3.98 8.47
CA GLU B 605 31.25 4.17 9.90
C GLU B 605 32.41 5.15 10.11
N ALA B 606 33.49 5.04 9.33
CA ALA B 606 34.63 5.98 9.43
C ALA B 606 34.17 7.41 9.15
N HIS B 607 33.32 7.58 8.14
CA HIS B 607 32.86 8.93 7.78
C HIS B 607 32.06 9.58 8.93
N ARG B 608 31.08 8.86 9.47
CA ARG B 608 30.30 9.33 10.64
C ARG B 608 31.18 9.54 11.86
N ARG B 609 32.08 8.58 12.10
CA ARG B 609 32.97 8.68 13.28
C ARG B 609 33.81 9.96 13.26
N ASN B 610 34.16 10.40 12.04
CA ASN B 610 35.04 11.53 11.88
C ASN B 610 34.31 12.88 11.62
N ARG B 611 33.05 12.96 12.02
CA ARG B 611 32.34 14.22 12.07
C ARG B 611 32.96 15.05 13.21
N PRO B 612 33.15 16.37 13.04
CA PRO B 612 32.74 17.20 11.90
C PRO B 612 33.79 17.41 10.81
N TYR B 613 35.02 16.86 10.94
CA TYR B 613 35.97 16.93 9.81
C TYR B 613 35.26 16.45 8.53
N CYS B 614 34.62 15.28 8.61
CA CYS B 614 33.78 14.77 7.51
C CYS B 614 32.30 15.07 7.82
N MET B 615 31.56 15.56 6.83
CA MET B 615 30.15 15.96 7.08
C MET B 615 29.12 15.23 6.21
N GLY B 616 29.53 14.16 5.56
CA GLY B 616 28.55 13.33 4.86
C GLY B 616 29.14 12.19 4.08
N THR B 617 28.28 11.25 3.72
CA THR B 617 28.68 10.12 2.92
C THR B 617 27.54 9.67 2.04
N LEU B 618 27.82 9.64 0.74
CA LEU B 618 26.88 9.16 -0.28
C LEU B 618 27.64 8.11 -1.06
N TYR B 619 27.27 6.86 -0.81
CA TYR B 619 28.00 5.80 -1.54
C TYR B 619 27.57 5.68 -3.01
N TRP B 620 28.50 5.18 -3.81
CA TRP B 620 28.23 4.78 -5.22
C TRP B 620 27.97 3.25 -5.20
N GLN B 621 26.77 2.74 -5.54
CA GLN B 621 25.58 3.47 -5.98
C GLN B 621 24.35 2.82 -5.29
N LEU B 622 23.20 3.50 -5.32
CA LEU B 622 22.00 2.92 -4.71
C LEU B 622 21.48 1.71 -5.46
N ASN B 623 21.38 1.83 -6.79
CA ASN B 623 20.44 1.01 -7.56
C ASN B 623 20.96 0.61 -8.93
N ASP B 624 20.20 -0.24 -9.62
CA ASP B 624 20.55 -0.76 -10.92
C ASP B 624 19.46 -0.50 -11.96
N SER B 625 19.89 -0.29 -13.20
CA SER B 625 18.99 -0.09 -14.35
C SER B 625 18.65 -1.37 -15.10
N TRP B 626 19.38 -2.46 -14.81
CA TRP B 626 19.15 -3.78 -15.44
C TRP B 626 19.93 -4.85 -14.65
N PRO B 627 19.67 -6.18 -14.94
CA PRO B 627 20.40 -7.26 -14.21
C PRO B 627 21.86 -7.24 -14.62
N VAL B 628 22.73 -6.96 -13.65
CA VAL B 628 24.14 -6.69 -13.96
C VAL B 628 24.98 -6.79 -12.69
N VAL B 629 26.30 -6.96 -12.85
CA VAL B 629 27.25 -6.82 -11.74
C VAL B 629 27.57 -5.32 -11.56
N SER B 630 27.40 -4.78 -10.35
CA SER B 630 27.58 -3.34 -10.17
C SER B 630 27.88 -2.98 -8.72
N TRP B 631 28.02 -1.66 -8.48
CA TRP B 631 28.30 -1.11 -7.15
C TRP B 631 27.03 -0.92 -6.31
N SER B 632 25.88 -1.29 -6.88
CA SER B 632 24.58 -1.09 -6.18
C SER B 632 24.44 -1.81 -4.86
N SER B 633 23.62 -1.22 -3.96
CA SER B 633 23.16 -1.89 -2.72
C SER B 633 21.79 -2.61 -2.89
N ILE B 634 21.11 -2.26 -3.98
CA ILE B 634 19.82 -2.87 -4.37
C ILE B 634 19.91 -3.27 -5.84
N ASP B 635 19.70 -4.55 -6.15
CA ASP B 635 19.71 -4.97 -7.57
C ASP B 635 18.47 -4.52 -8.34
N TYR B 636 18.46 -4.82 -9.62
CA TYR B 636 17.42 -4.33 -10.54
C TYR B 636 16.02 -4.72 -10.09
N TYR B 637 15.89 -5.93 -9.50
CA TYR B 637 14.60 -6.49 -9.04
C TYR B 637 14.20 -6.03 -7.66
N GLY B 638 14.99 -5.13 -7.08
CA GLY B 638 14.67 -4.57 -5.77
C GLY B 638 15.11 -5.42 -4.58
N ASN B 639 15.90 -6.45 -4.89
CA ASN B 639 16.47 -7.29 -3.83
C ASN B 639 17.56 -6.50 -3.09
N TRP B 640 17.47 -6.39 -1.76
CA TRP B 640 18.50 -5.70 -1.04
C TRP B 640 19.73 -6.62 -1.01
N LYS B 641 20.90 -6.09 -1.41
CA LYS B 641 22.17 -6.82 -1.19
C LYS B 641 22.57 -6.66 0.26
N ALA B 642 23.63 -7.35 0.69
CA ALA B 642 24.09 -7.15 2.09
C ALA B 642 24.35 -5.68 2.37
N LEU B 643 24.91 -4.98 1.38
CA LEU B 643 25.20 -3.59 1.51
C LEU B 643 24.02 -2.74 2.00
N HIS B 644 22.82 -3.04 1.50
CA HIS B 644 21.70 -2.19 1.89
C HIS B 644 21.36 -2.34 3.37
N TYR B 645 21.40 -3.58 3.87
CA TYR B 645 21.19 -3.81 5.33
C TYR B 645 22.30 -3.18 6.12
N GLN B 646 23.52 -3.31 5.61
CA GLN B 646 24.68 -2.75 6.28
C GLN B 646 24.61 -1.21 6.33
N ALA B 647 24.12 -0.61 5.25
CA ALA B 647 23.95 0.86 5.16
C ALA B 647 22.92 1.25 6.25
N LYS B 648 21.81 0.52 6.31
CA LYS B 648 20.76 0.76 7.34
C LYS B 648 21.37 0.83 8.76
N ARG B 649 22.17 -0.18 9.10
CA ARG B 649 22.81 -0.26 10.40
C ARG B 649 23.83 0.87 10.62
N ALA B 650 24.63 1.15 9.59
CA ALA B 650 25.71 2.13 9.69
C ALA B 650 25.14 3.55 9.80
N PHE B 651 23.89 3.73 9.34
CA PHE B 651 23.22 5.02 9.31
C PHE B 651 22.18 5.20 10.45
N ALA B 652 22.07 4.21 11.31
CA ALA B 652 21.13 4.30 12.46
C ALA B 652 21.39 5.58 13.26
N PRO B 653 20.31 6.32 13.66
CA PRO B 653 20.48 7.62 14.34
C PRO B 653 21.47 7.55 15.49
N VAL B 654 21.44 6.47 16.28
CA VAL B 654 22.44 6.24 17.33
C VAL B 654 23.22 4.96 16.99
N LEU B 655 24.54 5.11 16.90
CA LEU B 655 25.40 3.99 16.56
C LEU B 655 26.56 3.85 17.55
N ILE B 656 26.75 2.64 18.06
CA ILE B 656 27.97 2.31 18.80
C ILE B 656 28.95 1.79 17.77
N ASN B 657 30.10 2.45 17.67
CA ASN B 657 31.12 2.11 16.66
C ASN B 657 32.43 1.67 17.35
N PRO B 658 32.61 0.35 17.54
CA PRO B 658 33.94 -0.19 17.94
C PRO B 658 34.88 -0.12 16.73
N ILE B 659 36.06 0.46 16.90
CA ILE B 659 37.09 0.55 15.85
C ILE B 659 38.43 0.06 16.43
N GLN B 660 38.99 -0.96 15.76
CA GLN B 660 40.22 -1.60 16.20
C GLN B 660 41.34 -1.29 15.23
N GLN B 661 42.44 -0.74 15.76
CA GLN B 661 43.63 -0.41 14.98
C GLN B 661 44.85 -0.64 15.88
N ASN B 662 45.93 -1.16 15.31
CA ASN B 662 47.21 -1.32 16.04
C ASN B 662 47.04 -2.10 17.35
N ASP B 663 46.33 -3.23 17.26
CA ASP B 663 45.86 -4.03 18.40
C ASP B 663 45.37 -3.26 19.64
N SER B 664 44.61 -2.20 19.36
CA SER B 664 43.87 -1.46 20.36
C SER B 664 42.44 -1.28 19.87
N LEU B 665 41.51 -1.23 20.82
CA LEU B 665 40.10 -1.03 20.53
C LEU B 665 39.68 0.30 21.11
N SER B 666 39.02 1.12 20.28
CA SER B 666 38.30 2.28 20.78
C SER B 666 36.84 2.09 20.48
N VAL B 667 35.99 2.67 21.33
CA VAL B 667 34.54 2.60 21.10
C VAL B 667 33.98 4.00 20.99
N TYR B 668 33.30 4.26 19.88
CA TYR B 668 32.68 5.58 19.67
C TYR B 668 31.16 5.49 19.77
N LEU B 669 30.56 6.50 20.40
CA LEU B 669 29.12 6.67 20.40
C LEU B 669 28.85 7.81 19.42
N ILE B 670 28.02 7.52 18.41
CA ILE B 670 27.75 8.46 17.30
C ILE B 670 26.26 8.73 17.29
N SER B 671 25.86 9.99 17.32
CA SER B 671 24.44 10.32 17.40
C SER B 671 24.08 11.41 16.41
N ASP B 672 23.03 11.16 15.61
CA ASP B 672 22.46 12.18 14.71
C ASP B 672 21.16 12.73 15.28
N ARG B 673 20.92 12.48 16.57
CA ARG B 673 19.73 12.97 17.24
C ARG B 673 19.85 14.47 17.52
N LEU B 674 18.70 15.14 17.59
CA LEU B 674 18.64 16.55 17.93
C LEU B 674 18.78 16.81 19.45
N ASP B 675 18.50 15.80 20.26
CA ASP B 675 18.63 15.90 21.71
C ASP B 675 19.89 15.21 22.23
N THR B 676 20.36 15.66 23.39
CA THR B 676 21.49 15.03 24.05
C THR B 676 21.02 13.89 24.95
N MET B 677 21.73 12.77 24.94
CA MET B 677 21.41 11.67 25.83
C MET B 677 22.32 11.72 27.05
N GLU B 678 21.73 11.59 28.23
CA GLU B 678 22.44 11.81 29.48
C GLU B 678 22.47 10.58 30.35
N GLN B 679 23.46 10.53 31.23
CA GLN B 679 23.65 9.41 32.17
C GLN B 679 23.42 8.05 31.49
N MET B 680 24.16 7.81 30.41
CA MET B 680 24.03 6.55 29.67
C MET B 680 25.09 5.59 30.16
N THR B 681 24.82 4.31 29.99
CA THR B 681 25.82 3.29 30.28
C THR B 681 26.20 2.45 29.03
N LEU B 682 27.51 2.33 28.79
CA LEU B 682 28.01 1.38 27.79
C LEU B 682 28.43 0.08 28.49
N GLU B 683 27.83 -1.02 28.05
CA GLU B 683 28.11 -2.33 28.59
C GLU B 683 28.67 -3.22 27.49
N MET B 684 29.79 -3.90 27.77
CA MET B 684 30.41 -4.80 26.80
C MET B 684 30.76 -6.15 27.43
N LYS B 685 30.74 -7.21 26.63
CA LYS B 685 31.29 -8.50 27.08
C LYS B 685 31.82 -9.34 25.93
N VAL B 686 32.93 -10.02 26.20
CA VAL B 686 33.48 -10.98 25.25
C VAL B 686 32.75 -12.31 25.36
N VAL B 687 32.31 -12.82 24.23
CA VAL B 687 31.55 -14.04 24.21
C VAL B 687 32.20 -14.98 23.18
N ASP B 688 32.51 -16.20 23.60
CA ASP B 688 33.11 -17.14 22.67
C ASP B 688 32.06 -17.68 21.71
N PHE B 689 32.51 -18.32 20.62
CA PHE B 689 31.59 -18.77 19.57
C PHE B 689 30.57 -19.82 20.03
N ASP B 690 30.72 -20.30 21.27
CA ASP B 690 29.78 -21.24 21.88
C ASP B 690 28.79 -20.60 22.85
N GLY B 691 28.94 -19.31 23.11
CA GLY B 691 27.96 -18.57 23.91
C GLY B 691 28.42 -18.28 25.32
N LYS B 692 29.60 -18.80 25.67
CA LYS B 692 30.20 -18.64 26.97
C LYS B 692 30.93 -17.30 27.09
N THR B 693 30.53 -16.50 28.08
CA THR B 693 31.20 -15.25 28.39
C THR B 693 32.63 -15.51 28.87
N LEU B 694 33.59 -14.78 28.30
CA LEU B 694 34.98 -14.82 28.74
C LEU B 694 35.27 -13.56 29.53
N GLY B 695 35.80 -13.71 30.75
CA GLY B 695 36.03 -12.57 31.63
C GLY B 695 34.74 -12.02 32.20
N LYS B 696 34.80 -10.81 32.76
CA LYS B 696 33.61 -10.14 33.31
C LYS B 696 33.02 -9.12 32.32
N LYS B 697 31.78 -8.71 32.55
CA LYS B 697 31.16 -7.60 31.79
C LYS B 697 31.92 -6.33 32.14
N ILE B 698 32.16 -5.50 31.11
CA ILE B 698 32.77 -4.18 31.28
C ILE B 698 31.61 -3.19 31.26
N GLN B 699 31.64 -2.22 32.18
CA GLN B 699 30.65 -1.16 32.20
C GLN B 699 31.31 0.20 32.27
N VAL B 700 30.74 1.14 31.50
CA VAL B 700 31.21 2.50 31.53
C VAL B 700 29.94 3.30 31.75
N HIS B 701 29.85 3.93 32.92
CA HIS B 701 28.66 4.63 33.35
C HIS B 701 28.82 6.12 33.16
N SER B 702 27.72 6.86 33.36
CA SER B 702 27.71 8.33 33.41
C SER B 702 28.16 8.97 32.10
N LEU B 703 27.71 8.39 30.99
CA LEU B 703 28.14 8.86 29.67
C LEU B 703 27.12 9.83 29.11
N GLU B 704 27.63 10.92 28.55
CA GLU B 704 26.78 11.85 27.83
C GLU B 704 27.00 11.66 26.32
N VAL B 705 25.92 11.57 25.56
CA VAL B 705 26.02 11.53 24.08
C VAL B 705 25.39 12.80 23.50
N PRO B 706 26.19 13.86 23.32
CA PRO B 706 25.60 15.11 22.81
C PRO B 706 24.95 14.95 21.42
N ALA B 707 23.92 15.77 21.16
CA ALA B 707 23.26 15.80 19.86
C ALA B 707 24.28 16.00 18.74
N ASN B 708 24.11 15.26 17.64
CA ASN B 708 24.90 15.46 16.41
C ASN B 708 26.41 15.44 16.65
N THR B 709 26.86 14.41 17.38
CA THR B 709 28.30 14.29 17.70
C THR B 709 28.76 12.85 17.59
N SER B 710 30.07 12.71 17.45
CA SER B 710 30.73 11.42 17.52
C SER B 710 31.78 11.56 18.63
N LYS B 711 31.73 10.70 19.64
CA LYS B 711 32.67 10.79 20.77
C LYS B 711 33.20 9.43 21.18
N CYS B 712 34.50 9.39 21.45
CA CYS B 712 35.14 8.20 22.00
C CYS B 712 34.82 8.11 23.49
N VAL B 713 34.30 6.96 23.93
CA VAL B 713 33.93 6.77 25.34
C VAL B 713 34.76 5.65 26.02
N TYR B 714 35.56 4.93 25.24
CA TYR B 714 36.31 3.77 25.73
C TYR B 714 37.49 3.41 24.83
N ARG B 715 38.66 3.16 25.45
CA ARG B 715 39.84 2.69 24.74
C ARG B 715 40.61 1.63 25.58
N ALA B 716 41.01 0.54 24.94
CA ALA B 716 41.71 -0.56 25.62
C ALA B 716 42.60 -1.35 24.66
N LYS B 717 43.83 -1.61 25.11
CA LYS B 717 44.77 -2.48 24.38
C LYS B 717 44.24 -3.91 24.41
N LEU B 718 44.43 -4.63 23.31
CA LEU B 718 44.09 -6.05 23.27
C LEU B 718 45.11 -6.91 24.08
N ASP B 719 46.38 -6.50 24.05
CA ASP B 719 47.44 -7.22 24.80
C ASP B 719 47.24 -7.09 26.31
N GLY B 720 47.11 -8.25 26.97
CA GLY B 720 46.85 -8.32 28.40
C GLY B 720 45.37 -8.46 28.67
N TRP B 721 44.58 -8.44 27.60
CA TRP B 721 43.13 -8.57 27.72
C TRP B 721 42.67 -9.83 26.99
N LEU B 722 42.99 -9.92 25.72
CA LEU B 722 42.64 -11.11 24.95
C LEU B 722 43.90 -11.68 24.34
N THR B 723 44.01 -13.00 24.38
CA THR B 723 45.10 -13.71 23.70
C THR B 723 44.82 -13.78 22.18
N PRO B 724 45.87 -14.03 21.38
CA PRO B 724 45.60 -14.18 19.94
C PRO B 724 44.61 -15.30 19.63
N GLU B 725 44.65 -16.39 20.41
CA GLU B 725 43.66 -17.45 20.34
C GLU B 725 42.25 -16.94 20.64
N ASP B 726 42.11 -16.17 21.72
CA ASP B 726 40.82 -15.56 22.08
C ASP B 726 40.26 -14.78 20.90
N CYS B 727 41.11 -14.02 20.21
CA CYS B 727 40.67 -13.11 19.15
C CYS B 727 40.11 -13.84 17.93
N ARG B 728 40.51 -15.10 17.72
CA ARG B 728 39.99 -15.92 16.62
C ARG B 728 38.74 -16.70 16.98
N ARG B 729 38.33 -16.65 18.24
CA ARG B 729 37.34 -17.60 18.74
C ARG B 729 36.26 -16.95 19.57
N SER B 730 36.20 -15.61 19.59
CA SER B 730 35.18 -14.88 20.33
C SER B 730 34.83 -13.56 19.62
N PHE B 731 33.82 -12.87 20.14
CA PHE B 731 33.41 -11.57 19.61
C PHE B 731 33.08 -10.69 20.80
N LEU B 732 32.91 -9.39 20.55
CA LEU B 732 32.54 -8.44 21.60
C LEU B 732 31.10 -8.06 21.35
N LYS B 733 30.26 -8.18 22.37
CA LYS B 733 28.91 -7.63 22.32
C LYS B 733 28.91 -6.31 23.07
N LEU B 734 28.26 -5.31 22.48
CA LEU B 734 28.24 -3.98 23.04
C LEU B 734 26.78 -3.54 23.06
N ILE B 735 26.30 -3.05 24.20
CA ILE B 735 24.96 -2.46 24.27
C ILE B 735 25.07 -1.08 24.91
N LEU B 736 24.15 -0.18 24.56
CA LEU B 736 24.12 1.14 25.16
C LEU B 736 22.78 1.32 25.86
N LYS B 737 22.82 1.65 27.14
CA LYS B 737 21.58 1.76 27.94
C LYS B 737 21.39 3.15 28.52
N ASP B 738 20.14 3.59 28.58
CA ASP B 738 19.81 4.84 29.28
C ASP B 738 19.86 4.65 30.82
N LYS B 739 19.63 5.73 31.55
CA LYS B 739 19.63 5.74 33.03
C LYS B 739 18.68 4.71 33.67
N SER B 740 17.61 4.34 32.94
CA SER B 740 16.67 3.34 33.45
C SER B 740 17.11 1.89 33.17
N GLY B 741 18.09 1.69 32.29
CA GLY B 741 18.50 0.33 31.91
C GLY B 741 17.88 -0.10 30.58
N HIS B 742 17.21 0.82 29.90
CA HIS B 742 16.63 0.55 28.58
C HIS B 742 17.72 0.61 27.47
N GLN B 743 17.77 -0.44 26.64
CA GLN B 743 18.69 -0.50 25.49
C GLN B 743 18.31 0.46 24.37
N VAL B 744 19.27 1.31 24.00
CA VAL B 744 19.10 2.30 22.94
C VAL B 744 19.83 1.88 21.66
N ALA B 745 20.93 1.12 21.80
CA ALA B 745 21.70 0.68 20.64
C ALA B 745 22.47 -0.59 20.99
N GLU B 746 22.85 -1.36 19.97
CA GLU B 746 23.73 -2.50 20.17
C GLU B 746 24.64 -2.75 18.96
N SER B 747 25.79 -3.37 19.23
CA SER B 747 26.83 -3.63 18.22
CA SER B 747 26.73 -3.72 18.15
C SER B 747 27.52 -4.98 18.51
N VAL B 748 28.13 -5.56 17.48
CA VAL B 748 28.98 -6.75 17.60
C VAL B 748 30.31 -6.44 16.90
N HIS B 749 31.43 -6.80 17.54
CA HIS B 749 32.75 -6.56 16.98
C HIS B 749 33.56 -7.87 16.92
N PHE B 750 34.20 -8.13 15.78
CA PHE B 750 35.15 -9.24 15.66
C PHE B 750 36.56 -8.70 15.69
N PHE B 751 37.48 -9.46 16.28
CA PHE B 751 38.84 -8.97 16.54
C PHE B 751 39.81 -9.39 15.44
N ARG B 752 39.32 -10.22 14.54
CA ARG B 752 40.11 -10.75 13.44
C ARG B 752 39.28 -10.74 12.16
N LYS B 753 39.98 -10.76 11.02
CA LYS B 753 39.34 -10.94 9.73
C LYS B 753 38.62 -12.27 9.66
N THR B 754 37.53 -12.30 8.89
CA THR B 754 36.68 -13.48 8.83
C THR B 754 37.44 -14.76 8.45
N LYS B 755 38.34 -14.67 7.47
CA LYS B 755 39.15 -15.86 7.06
C LYS B 755 40.00 -16.40 8.22
N ASP B 756 40.25 -15.58 9.25
CA ASP B 756 41.08 -15.96 10.40
C ASP B 756 40.29 -16.48 11.64
N LEU B 757 38.97 -16.41 11.54
CA LEU B 757 38.09 -16.83 12.61
C LEU B 757 37.96 -18.33 12.59
N GLN B 758 38.02 -18.93 13.77
CA GLN B 758 37.76 -20.37 13.89
C GLN B 758 36.26 -20.63 13.97
N LEU B 759 35.59 -20.57 12.81
CA LEU B 759 34.15 -20.70 12.78
C LEU B 759 33.73 -22.15 12.98
N PRO B 760 32.78 -22.39 13.90
CA PRO B 760 32.30 -23.77 14.16
C PRO B 760 31.33 -24.30 13.12
N PRO B 761 31.24 -25.64 12.99
CA PRO B 761 30.31 -26.36 12.11
C PRO B 761 28.90 -26.27 12.72
N THR B 762 28.41 -25.05 12.82
CA THR B 762 27.17 -24.73 13.54
C THR B 762 25.94 -25.34 12.91
N SER B 763 25.01 -25.76 13.75
CA SER B 763 23.71 -26.24 13.30
C SER B 763 22.71 -25.06 13.39
N VAL B 764 22.24 -24.59 12.23
CA VAL B 764 21.24 -23.51 12.21
C VAL B 764 19.86 -24.09 11.95
N SER B 765 18.97 -23.91 12.92
CA SER B 765 17.61 -24.40 12.79
C SER B 765 16.64 -23.21 12.71
N TYR B 766 15.51 -23.45 12.07
CA TYR B 766 14.46 -22.42 11.96
C TYR B 766 13.07 -23.05 12.00
N GLN B 767 12.14 -22.37 12.65
CA GLN B 767 10.73 -22.72 12.50
C GLN B 767 10.10 -21.63 11.63
N MET B 768 9.12 -22.01 10.82
CA MET B 768 8.44 -21.04 9.97
C MET B 768 6.92 -21.02 10.15
N LYS B 769 6.42 -19.82 10.42
CA LYS B 769 5.00 -19.51 10.49
C LYS B 769 4.69 -18.77 9.20
N GLN B 770 3.95 -19.44 8.30
CA GLN B 770 3.61 -18.89 6.99
C GLN B 770 2.15 -18.40 6.88
N THR B 771 1.98 -17.19 6.37
CA THR B 771 0.65 -16.60 6.14
C THR B 771 0.59 -16.01 4.72
N ASP B 772 -0.52 -15.36 4.39
CA ASP B 772 -0.67 -14.67 3.10
C ASP B 772 0.21 -13.47 3.11
N GLY B 773 1.11 -13.43 2.13
CA GLY B 773 2.02 -12.30 1.97
C GLY B 773 3.15 -12.18 2.98
N LYS B 774 3.29 -13.17 3.88
CA LYS B 774 4.21 -13.06 5.01
C LYS B 774 4.68 -14.43 5.51
N CYS B 775 5.97 -14.51 5.82
CA CYS B 775 6.54 -15.60 6.62
C CYS B 775 7.27 -15.03 7.81
N GLU B 776 7.08 -15.65 8.97
CA GLU B 776 7.86 -15.33 10.15
C GLU B 776 8.76 -16.52 10.41
N LEU B 777 10.06 -16.27 10.48
CA LEU B 777 11.02 -17.30 10.86
C LEU B 777 11.56 -16.98 12.22
N THR B 778 11.80 -18.02 12.99
CA THR B 778 12.58 -17.89 14.18
C THR B 778 13.81 -18.77 13.98
N LEU B 779 14.97 -18.14 14.04
CA LEU B 779 16.23 -18.84 13.80
C LEU B 779 16.94 -19.10 15.10
N PHE B 780 17.62 -20.23 15.15
CA PHE B 780 18.37 -20.53 16.34
C PHE B 780 19.61 -21.34 16.02
N SER B 781 20.67 -21.00 16.72
CA SER B 781 21.90 -21.80 16.72
C SER B 781 22.57 -21.72 18.08
N SER B 782 23.04 -22.88 18.58
CA SER B 782 23.83 -22.88 19.81
C SER B 782 25.22 -22.31 19.61
N MET B 783 25.65 -22.18 18.35
CA MET B 783 26.96 -21.58 18.07
C MET B 783 26.87 -20.46 17.03
N LEU B 784 27.89 -19.62 17.00
CA LEU B 784 27.97 -18.52 16.02
C LEU B 784 27.73 -19.01 14.59
N ALA B 785 26.82 -18.35 13.87
CA ALA B 785 26.80 -18.48 12.42
C ALA B 785 27.06 -17.12 11.80
N LYS B 786 28.07 -17.06 10.94
CA LYS B 786 28.62 -15.79 10.50
C LYS B 786 27.94 -15.28 9.21
N ASP B 787 27.48 -14.03 9.24
CA ASP B 787 26.93 -13.38 8.04
C ASP B 787 25.82 -14.19 7.35
N ILE B 788 24.77 -14.53 8.12
CA ILE B 788 23.73 -15.40 7.64
C ILE B 788 23.01 -14.74 6.48
N PHE B 789 22.82 -15.50 5.41
CA PHE B 789 21.99 -15.08 4.27
C PHE B 789 20.78 -16.01 4.11
N ILE B 790 19.60 -15.44 4.35
CA ILE B 790 18.33 -16.16 4.14
C ILE B 790 17.89 -15.93 2.70
N GLU B 791 18.11 -16.95 1.90
CA GLU B 791 17.90 -16.85 0.49
C GLU B 791 16.56 -17.48 0.12
N THR B 792 15.75 -16.72 -0.62
CA THR B 792 14.45 -17.23 -1.13
C THR B 792 14.38 -16.98 -2.65
N PRO B 793 13.52 -17.72 -3.37
CA PRO B 793 13.48 -17.64 -4.83
C PRO B 793 12.58 -16.50 -5.38
N LEU B 794 11.85 -15.84 -4.49
CA LEU B 794 10.89 -14.83 -4.90
C LEU B 794 11.55 -13.49 -5.19
N GLN B 795 11.53 -13.07 -6.46
CA GLN B 795 12.02 -11.73 -6.80
C GLN B 795 11.38 -10.62 -5.94
N GLY B 796 12.22 -9.74 -5.41
CA GLY B 796 11.73 -8.59 -4.67
C GLY B 796 11.19 -8.85 -3.28
N ALA B 797 11.32 -10.09 -2.76
CA ALA B 797 10.87 -10.39 -1.39
C ALA B 797 11.59 -9.46 -0.43
N ARG B 798 10.88 -8.94 0.57
CA ARG B 798 11.43 -8.03 1.58
C ARG B 798 11.67 -8.72 2.93
N TYR B 799 12.74 -8.36 3.62
CA TYR B 799 13.09 -9.00 4.90
C TYR B 799 13.20 -7.99 6.00
N SER B 800 12.71 -8.34 7.20
CA SER B 800 12.95 -7.46 8.35
C SER B 800 14.45 -7.32 8.62
N ASP B 801 15.19 -8.41 8.39
CA ASP B 801 16.67 -8.40 8.50
C ASP B 801 17.25 -9.51 7.63
N ASN B 802 18.52 -9.36 7.27
CA ASN B 802 19.24 -10.39 6.51
C ASN B 802 20.72 -10.05 6.57
N PHE B 803 21.57 -10.99 6.19
CA PHE B 803 23.01 -10.71 6.20
C PHE B 803 23.48 -10.22 7.58
N PHE B 804 23.14 -10.98 8.63
CA PHE B 804 23.48 -10.64 10.01
C PHE B 804 24.18 -11.85 10.64
N ASP B 805 24.93 -11.64 11.71
CA ASP B 805 25.51 -12.77 12.49
C ASP B 805 24.46 -13.37 13.41
N LEU B 806 24.31 -14.69 13.40
CA LEU B 806 23.38 -15.33 14.33
C LEU B 806 24.23 -15.75 15.54
N LEU B 807 23.97 -15.12 16.68
CA LEU B 807 24.86 -15.25 17.86
C LEU B 807 24.48 -16.52 18.61
N PRO B 808 25.48 -17.20 19.21
CA PRO B 808 25.20 -18.48 19.90
C PRO B 808 24.10 -18.32 20.96
N GLY B 809 23.05 -19.13 20.83
CA GLY B 809 21.97 -19.14 21.83
C GLY B 809 21.02 -17.94 21.86
N GLU B 810 21.21 -17.00 20.93
CA GLU B 810 20.35 -15.81 20.84
C GLU B 810 19.41 -15.94 19.65
N ARG B 811 18.17 -16.33 19.96
CA ARG B 811 17.10 -16.55 18.98
C ARG B 811 16.90 -15.31 18.10
N LYS B 812 16.49 -15.52 16.84
CA LYS B 812 16.31 -14.38 15.90
C LYS B 812 15.06 -14.54 15.06
N LYS B 813 14.13 -13.58 15.19
CA LYS B 813 12.93 -13.61 14.37
C LYS B 813 13.12 -12.74 13.09
N VAL B 814 12.86 -13.33 11.94
CA VAL B 814 12.90 -12.61 10.65
C VAL B 814 11.53 -12.68 9.97
N ILE B 815 11.03 -11.51 9.52
CA ILE B 815 9.81 -11.52 8.72
C ILE B 815 10.14 -11.28 7.24
N ILE B 816 9.55 -12.09 6.37
CA ILE B 816 9.72 -11.99 4.92
C ILE B 816 8.35 -11.69 4.30
N THR B 817 8.27 -10.63 3.52
CA THR B 817 7.01 -10.32 2.87
C THR B 817 7.18 -10.32 1.36
N SER B 818 6.15 -10.84 0.71
CA SER B 818 6.00 -10.81 -0.74
C SER B 818 4.55 -11.10 -1.14
N PRO B 819 4.03 -10.36 -2.15
CA PRO B 819 2.70 -10.62 -2.70
C PRO B 819 2.58 -12.04 -3.25
N ARG B 820 3.70 -12.69 -3.52
CA ARG B 820 3.69 -14.08 -3.98
C ARG B 820 3.76 -15.22 -2.91
N ILE B 821 3.82 -14.88 -1.61
CA ILE B 821 3.53 -15.84 -0.50
C ILE B 821 1.98 -15.74 -0.38
N LYS B 822 1.15 -16.64 -0.94
CA LYS B 822 0.61 -17.96 -0.49
C LYS B 822 0.81 -18.74 0.84
N LYS B 823 -0.11 -18.54 1.80
CA LYS B 823 -0.31 -19.50 2.90
C LYS B 823 -0.80 -20.80 2.28
N GLY B 824 -0.13 -21.91 2.55
CA GLY B 824 -0.51 -23.18 1.92
C GLY B 824 0.45 -23.63 0.85
N GLU B 825 1.22 -22.70 0.28
CA GLU B 825 2.36 -23.07 -0.55
C GLU B 825 3.68 -22.57 0.10
N GLU B 826 4.41 -23.51 0.70
CA GLU B 826 5.58 -23.25 1.54
C GLU B 826 6.72 -22.52 0.81
N LEU B 827 7.23 -21.46 1.43
CA LEU B 827 8.35 -20.70 0.85
C LEU B 827 9.69 -21.50 0.96
N PRO B 828 10.30 -21.86 -0.19
CA PRO B 828 11.69 -22.37 -0.14
C PRO B 828 12.67 -21.37 0.54
N VAL B 829 13.49 -21.89 1.46
CA VAL B 829 14.42 -21.10 2.26
C VAL B 829 15.76 -21.85 2.27
N ASN B 830 16.84 -21.13 1.95
CA ASN B 830 18.21 -21.67 1.95
C ASN B 830 19.05 -20.69 2.78
N ILE B 831 19.51 -21.16 3.94
CA ILE B 831 20.22 -20.30 4.84
C ILE B 831 21.69 -20.60 4.61
N LYS B 832 22.44 -19.59 4.23
CA LYS B 832 23.88 -19.74 4.00
C LYS B 832 24.60 -19.00 5.11
N HIS B 833 25.79 -19.47 5.47
CA HIS B 833 26.67 -18.73 6.37
C HIS B 833 28.11 -19.09 6.02
N ILE B 834 29.06 -18.26 6.49
CA ILE B 834 30.43 -18.23 5.98
C ILE B 834 31.09 -19.64 6.14
N ARG B 835 30.93 -20.24 7.31
CA ARG B 835 31.55 -21.59 7.51
C ARG B 835 31.20 -22.60 6.41
N GLU B 836 29.99 -22.53 5.82
CA GLU B 836 29.61 -23.50 4.78
C GLU B 836 30.33 -23.36 3.44
N THR B 837 31.11 -22.30 3.29
CA THR B 837 31.63 -21.95 1.97
C THR B 837 33.05 -22.48 1.71
N TYR B 838 33.60 -23.21 2.68
CA TYR B 838 34.93 -23.76 2.42
C TYR B 838 35.13 -25.14 3.07
N LYS B 839 36.08 -25.88 2.52
CA LYS B 839 36.41 -27.22 2.97
C LYS B 839 37.80 -27.12 3.58
N GLU B 840 37.91 -27.53 4.83
CA GLU B 840 39.23 -27.69 5.45
C GLU B 840 39.85 -29.04 5.08
N HIS B 841 41.17 -28.98 4.81
CA HIS B 841 41.99 -30.19 4.62
C HIS B 841 42.91 -30.44 5.81
O4 IFL C . -28.05 -17.58 6.80
C4 IFL C . -29.31 -16.95 7.13
C3 IFL C . -28.99 -15.85 8.17
O3 IFL C . -29.04 -16.46 9.45
C2 IFL C . -29.98 -14.65 8.20
N IFL C . -31.01 -14.66 7.30
C7 IFL C . -31.24 -15.64 6.24
C5 IFL C . -29.92 -16.35 5.86
C6 IFL C . -30.07 -17.40 4.73
O6 IFL C . -31.07 -18.36 5.07
O2 IFL C . -29.88 -13.73 9.02
C1 EDO D . -14.49 -14.30 0.96
O1 EDO D . -15.88 -14.54 0.58
C2 EDO D . -14.33 -13.63 2.33
O2 EDO D . -14.92 -14.42 3.36
C1 EDO E . -40.36 -5.43 2.38
O1 EDO E . -39.44 -5.25 1.29
C2 EDO E . -40.93 -6.83 2.19
O2 EDO E . -40.24 -7.74 3.04
C1 EDO F . -14.48 8.63 16.90
O1 EDO F . -13.59 7.95 15.99
C2 EDO F . -15.93 8.20 16.78
O2 EDO F . -16.11 6.82 17.23
C1 EDO G . -20.46 8.20 18.20
O1 EDO G . -21.06 7.91 16.91
C2 EDO G . -21.01 9.54 18.70
O2 EDO G . -20.51 10.61 17.87
C1 EDO H . -40.01 -9.13 13.45
O1 EDO H . -40.56 -9.75 12.22
C2 EDO H . -40.94 -9.34 14.63
O2 EDO H . -42.22 -8.68 14.47
C1 EDO I . -27.24 -28.80 -15.28
O1 EDO I . -28.68 -28.75 -15.38
C2 EDO I . -26.81 -30.24 -15.07
O2 EDO I . -27.69 -30.80 -14.08
C1 EDO J . -37.22 0.19 17.43
O1 EDO J . -38.23 1.20 17.27
C2 EDO J . -37.86 -0.99 18.14
O2 EDO J . -37.88 -0.65 19.52
C1 EDO K . -32.70 -6.15 -18.59
O1 EDO K . -32.10 -4.89 -18.84
C2 EDO K . -32.53 -6.42 -17.14
O2 EDO K . -31.40 -7.30 -17.11
C1 EDO L . -40.16 3.35 -9.15
O1 EDO L . -41.05 3.04 -10.24
C2 EDO L . -40.55 4.57 -8.34
O2 EDO L . -41.47 4.15 -7.33
C1 EDO M . -14.04 -4.34 30.10
O1 EDO M . -13.23 -3.58 29.20
C2 EDO M . -13.56 -5.79 30.16
O2 EDO M . -12.29 -5.86 30.82
C1 EDO N . -13.19 -23.20 32.15
O1 EDO N . -13.52 -24.38 32.89
C2 EDO N . -14.32 -22.17 32.22
O2 EDO N . -15.28 -22.47 33.22
C1 EDO O . -8.29 -5.49 -11.44
O1 EDO O . -8.04 -4.39 -10.56
C2 EDO O . -7.66 -5.14 -12.76
O2 EDO O . -7.96 -3.75 -12.99
C1 EDO P . -2.05 -34.59 27.92
O1 EDO P . -2.38 -35.60 26.96
C2 EDO P . -2.27 -35.17 29.31
O2 EDO P . -3.69 -35.23 29.57
C1 EDO Q . -32.30 -19.27 8.65
O1 EDO Q . -30.94 -19.57 8.89
C2 EDO Q . -32.69 -18.14 9.62
O2 EDO Q . -31.96 -16.95 9.29
C1 EDO R . -15.07 -32.01 30.16
O1 EDO R . -13.73 -31.57 30.40
C2 EDO R . -15.83 -31.84 31.46
O2 EDO R . -15.74 -30.47 31.94
C1 EDO S . -37.11 -8.15 -18.75
O1 EDO S . -38.49 -7.92 -19.07
C2 EDO S . -36.42 -6.87 -18.26
O2 EDO S . -37.31 -5.73 -18.39
C1 EDO T . -9.16 3.49 16.14
O1 EDO T . -7.76 3.42 16.56
C2 EDO T . -10.18 3.46 17.27
O2 EDO T . -9.93 2.41 18.27
C1 EDO U . -11.09 -31.15 -7.92
O1 EDO U . -11.36 -31.55 -9.31
C2 EDO U . -10.04 -31.87 -7.08
O2 EDO U . -10.43 -33.18 -6.61
C1 EDO V . -25.48 -3.54 -16.47
O1 EDO V . -25.95 -3.57 -15.11
C2 EDO V . -26.56 -2.92 -17.34
O2 EDO V . -26.56 -1.49 -17.19
C1 EDO W . -6.70 -11.06 16.32
O1 EDO W . -6.72 -9.69 16.72
C2 EDO W . -5.32 -11.41 15.83
O2 EDO W . -4.57 -10.20 16.04
C1 EDO X . -32.99 -10.73 -17.05
O1 EDO X . -32.63 -12.01 -16.52
C2 EDO X . -34.29 -10.99 -17.78
O2 EDO X . -34.34 -12.41 -17.98
C1 EDO Y . -1.41 -34.78 20.19
O1 EDO Y . -2.04 -35.50 21.26
C2 EDO Y . -1.99 -35.30 18.89
O2 EDO Y . -3.08 -34.45 18.56
C1 EDO Z . -19.73 -30.44 32.31
O1 EDO Z . -18.54 -31.15 32.07
C2 EDO Z . -19.33 -29.15 32.98
O2 EDO Z . -19.59 -29.39 34.34
C1 EDO AA . -8.83 -16.85 0.48
O1 EDO AA . -7.90 -15.92 -0.10
C2 EDO AA . -8.07 -17.86 1.34
O2 EDO AA . -8.06 -19.15 0.73
C1 EDO BA . -34.80 -10.71 -12.60
O1 EDO BA . -35.99 -11.51 -12.89
C2 EDO BA . -33.58 -11.17 -13.41
O2 EDO BA . -33.18 -12.49 -13.02
BR BR CA . 1.31 -7.49 38.76
BR BR DA . -10.29 8.40 40.59
BR BR EA . -14.14 -27.06 34.83
BR BR FA . -34.71 -1.76 23.58
CL CL GA . -3.48 -6.18 35.93
CL CL HA . -36.72 -3.38 -15.84
CL CL IA . -43.42 -5.15 -19.44
CL CL JA . -22.84 -19.18 -29.91
BR BR KA . -22.16 7.09 -0.08
CL CL LA . -41.44 -27.63 26.53
CL CL MA . -40.13 4.77 17.18
O4 IFL NA . 29.67 4.59 -12.92
C4 IFL NA . 30.75 5.43 -12.50
C3 IFL NA . 30.11 6.85 -12.37
O3 IFL NA . 30.21 7.48 -13.67
C2 IFL NA . 30.82 7.77 -11.36
N IFL NA . 31.95 7.33 -10.73
C7 IFL NA . 32.49 5.98 -10.80
C5 IFL NA . 31.36 4.97 -11.17
C6 IFL NA . 31.90 3.53 -11.18
O6 IFL NA . 32.94 3.39 -12.18
O2 IFL NA . 30.40 8.88 -11.15
C1 EDO OA . 39.32 11.21 0.52
O1 EDO OA . 38.40 10.31 1.16
C2 EDO OA . 40.24 10.32 -0.31
O2 EDO OA . 39.75 10.29 -1.65
C1 EDO PA . 34.27 25.25 -6.39
O1 EDO PA . 34.01 26.46 -7.12
C2 EDO PA . 33.44 25.26 -5.11
O2 EDO PA . 34.15 26.03 -4.13
C1 EDO QA . 18.38 12.04 -40.89
O1 EDO QA . 18.07 13.16 -40.05
C2 EDO QA . 17.95 10.79 -40.14
O2 EDO QA . 16.53 10.87 -40.11
C1 EDO RA . 9.15 24.91 -37.70
O1 EDO RA . 10.47 24.41 -37.84
C2 EDO RA . 8.50 24.23 -36.50
O2 EDO RA . 8.12 25.27 -35.60
C1 EDO SA . 6.48 5.38 -43.46
O1 EDO SA . 7.86 5.73 -43.48
C2 EDO SA . 6.14 4.64 -42.17
O2 EDO SA . 6.75 3.34 -42.21
C1 EDO TA . 35.98 -5.79 5.57
O1 EDO TA . 35.84 -6.38 4.27
C2 EDO TA . 37.11 -4.75 5.56
O2 EDO TA . 38.35 -5.30 5.03
C1 EDO UA . 15.31 27.11 -1.35
O1 EDO UA . 16.07 26.08 -0.70
C2 EDO UA . 15.44 28.41 -0.55
O2 EDO UA . 14.74 28.34 0.71
C1 EDO VA . 15.94 0.13 -8.59
O1 EDO VA . 16.66 0.74 -9.69
C2 EDO VA . 16.50 -1.23 -8.18
O2 EDO VA . 17.94 -1.21 -8.01
C1 EDO WA . 39.42 18.53 -10.20
O1 EDO WA . 40.57 18.93 -9.42
C2 EDO WA . 38.52 17.51 -9.50
O2 EDO WA . 39.18 16.24 -9.27
C1 EDO XA . 34.02 7.40 -14.63
O1 EDO XA . 33.08 7.58 -13.56
C2 EDO XA . 34.09 5.94 -15.09
O2 EDO XA . 32.80 5.49 -15.57
C1 EDO YA . 27.92 11.57 12.55
O1 EDO YA . 26.66 11.05 12.05
C2 EDO YA . 27.87 12.02 14.02
O2 EDO YA . 26.79 12.92 14.30
C1 EDO ZA . 11.07 25.16 -1.06
O1 EDO ZA . 11.41 24.88 -2.44
C2 EDO ZA . 9.55 25.09 -0.87
O2 EDO ZA . 9.04 23.73 -0.69
C1 EDO AB . 8.81 -14.75 -8.08
O1 EDO AB . 9.99 -14.59 -8.87
C2 EDO AB . 8.20 -16.13 -8.34
O2 EDO AB . 6.76 -16.05 -8.44
C1 EDO BB . 40.03 -7.07 12.01
O1 EDO BB . 38.74 -7.23 11.40
C2 EDO BB . 39.98 -5.84 12.91
O2 EDO BB . 38.63 -5.58 13.29
C1 EDO CB . 6.52 -1.56 -37.59
O1 EDO CB . 7.08 -1.13 -38.83
C2 EDO CB . 7.63 -2.17 -36.78
O2 EDO CB . 6.95 -2.59 -35.60
C1 EDO DB . 5.27 11.46 -14.95
O1 EDO DB . 6.33 12.01 -15.72
C2 EDO DB . 4.54 10.41 -15.77
O2 EDO DB . 5.45 9.87 -16.74
C1 EDO EB . 9.21 -5.44 6.38
O1 EDO EB . 8.85 -5.65 5.02
C2 EDO EB . 9.45 -6.80 7.05
O2 EDO EB . 9.35 -7.80 6.03
C1 EDO FB . 20.70 15.37 -40.27
O1 EDO FB . 21.47 16.55 -40.16
C2 EDO FB . 21.63 14.19 -40.15
O2 EDO FB . 20.87 13.08 -40.57
BR BR GB . -4.16 28.67 -28.82
BR BR HB . 44.43 -4.56 14.97
CL CL IB . 0.57 28.58 -25.48
CL CL JB . 37.35 -2.29 13.33
CL CL KB . 19.21 12.91 9.86
CL CL LB . 16.62 22.76 -26.94
C1 EDO MB . 11.07 -4.74 -12.95
O1 EDO MB . 10.89 -6.14 -13.22
C2 EDO MB . 12.26 -4.56 -12.03
O2 EDO MB . 11.82 -4.22 -10.72
C1 EDO NB . 33.96 -19.71 -8.52
O1 EDO NB . 34.99 -19.47 -9.49
C2 EDO NB . 34.40 -19.01 -7.26
O2 EDO NB . 35.79 -19.26 -7.03
C1 EDO OB . 33.86 -6.18 11.47
O1 EDO OB . 33.22 -6.96 10.45
C2 EDO OB . 33.81 -7.09 12.66
O2 EDO OB . 33.79 -6.26 13.79
CL CL PB . 30.82 28.33 -10.67
CL CL QB . 5.62 21.29 -11.45
#